data_7JX3
#
_entry.id   7JX3
#
_cell.length_a   79.540
_cell.length_b   127.780
_cell.length_c   192.280
_cell.angle_alpha   90.000
_cell.angle_beta   96.660
_cell.angle_gamma   90.000
#
_symmetry.space_group_name_H-M   'C 1 2 1'
#
loop_
_entity.id
_entity.type
_entity.pdbx_description
1 polymer 'Light chain of Fab domain of monoclonal antibody S309'
2 polymer 'Heavy chain of Fab domain of monoclonal antibody S309'
3 polymer 'Light chain of Fab domain of monoclonal antibody S2H14'
4 polymer 'Heavy chain of Fab domain of monoclonal antibody S2H14'
5 polymer 'Light chain of Fab domain of monoclonal antibody S304'
6 polymer 'Heavy chain of Fab domain of monoclonal antibody S304'
7 polymer 'Spike protein S1'
8 non-polymer 2-acetamido-2-deoxy-beta-D-glucopyranose
9 water water
#
loop_
_entity_poly.entity_id
_entity_poly.type
_entity_poly.pdbx_seq_one_letter_code
_entity_poly.pdbx_strand_id
1 'polypeptide(L)'
;EIVLTQSPGTLSLSPGERATLSCRASQTVSSTSLAWYQQKPGQAPRLLIYGASSRATGIPDRFSGSGSGTDFTLTISRLE
PEDFAVYYCQQHDTSLTFGGGTKVEIKRTVAAPSVFIFPPSDEQLKSGTASVVCLLNNFYPREAKVQWKVDNALQSGNSQ
ESVTEQDSKDSTYSLSSTLTLSKADYEKHKVYACEVTHQGLSSPVTKSFNRGEC
;
B
2 'polypeptide(L)'
;QVQLVQSGAEVKKPGASVKVSCKASGYPFTSYGISWVRQAPGQGLEWMGWISTYNGNTNYAQKFQGRVTMTTDTSTTTGY
MELRRLRSDDTAVYYCARDYTRGAWFGESLIGGFDNWGQGTLVTVSSASTKGPSVFPLAPSSKSTSGGTAALGCLVKDYF
PEPVTVSWNSGALTSGVHTFPAVLQSSGLYSLSSVVTVPSSSLGTQTYICNVNHKPSNTKVDKKVEPKSC
;
A
3 'polypeptide(L)'
;NFMLTQPHSVSESPGKTVTISCTRSSGSIASNYVQWYQQRPGSSPTTVIYEDNQRPSGVPDRFSGSIDSSSNSASLTISG
LKTEDEADYYCQSYDSSNQVFGGGTKLTVLGQPKAAPSVTLFPPSSEELQANKATLVCLISDFYPGAVTVAWKADSSPVK
AGVETTTPSKQSNNKYAASSYLSLTPEQWKSHRSYSCQVTHEGSTVEKTVAPTECS
;
D
4 'polypeptide(L)'
;EVQLVESGGGLVKPGGSLRLSCAASGFTFSNAWMSWVRQAPGKGLEWVGRIKSKTDGGTTDYAAPVKGRFTISRDDSKNT
LYLQMNSLKTEDTAVYYCTTGSETYYYDSSGPFDYWGQGTLVTVSSASTKGPSVFPLAPSSKSTSGGTAALGCLVKDYFP
EPVTVSWNSGALTSGVHTFPAVLQSSGLYSLSSVVTVPSSSLGTQTYICNVNHKPSNTKVDKKVEPKSC
;
C
5 'polypeptide(L)'
;DIEMTQSPSSLSAAVGDRVTITCRASQSIGSYLNWYQQKPGKAPKLLIYAASSLQSGVPSRFSGSGSGTDFTLTISSLQP
EDFAIYYCQQSYVSPTYTFGPGTKVDIKRTVAAPSVFIFPPSDEQLKSGTASVVCLLNNFYPREAKVQWKVDNALQSGNS
QESVTEQDSKDSTYSLSSTLTLSKADYEKHKVYACEVTHQGLSSPVTKSFNRGEC
;
L
6 'polypeptide(L)'
;EVQLVESGGGLVQPGGSLRLSCAASGFTFSSYDMHWVRQTTGKGLEWVSTIGTAGDTYYPDSVKGRFTISREDAKNSLYL
QMNSLRAGDTAVYYCARGDSSGYYYYFDYWGQGTLLTVSSASTKGPSVFPLAPSSKSTSGGTAALGCLVKDYFPEPVTVS
WNSGALTSGVHTFPAVLQSSGLYSLSSVVTVPSSSLGTQTYICNVNHKPSNTKVDKKVEPKSC
;
H
7 'polypeptide(L)'
;RFPNITNLCPFGEVFNATRFASVYAWNRKRISNCVADYSVLYNSASFSTFKCYGVSPTKLNDLCFTNVYADSFVIRGDEV
RQIAPGQTGKIADYNYKLPDDFTGCVIAWNSNNLDSKVGGNYNYLYRLFRKSNLKPFERDISTEIYQAGSTPCNGVEGFN
CYFPLQSYGFQPTNGVGYQPYRVVVLSFELLHAPATVCGPKKST
;
R
#
loop_
_chem_comp.id
_chem_comp.type
_chem_comp.name
_chem_comp.formula
NAG D-saccharide, beta linking 2-acetamido-2-deoxy-beta-D-glucopyranose 'C8 H15 N O6'
#
# COMPACT_ATOMS: atom_id res chain seq x y z
N GLU A 1 11.88 21.35 -27.67
CA GLU A 1 12.01 20.26 -26.65
C GLU A 1 11.32 20.68 -25.35
N ILE A 2 11.40 19.84 -24.32
CA ILE A 2 11.23 20.31 -22.91
C ILE A 2 12.55 20.97 -22.49
N VAL A 3 12.45 22.22 -22.05
CA VAL A 3 13.61 23.06 -21.63
C VAL A 3 13.71 23.06 -20.11
N LEU A 4 14.93 22.93 -19.57
CA LEU A 4 15.21 22.85 -18.12
C LEU A 4 15.92 24.13 -17.64
N THR A 5 15.22 24.99 -16.92
CA THR A 5 15.79 26.22 -16.29
C THR A 5 16.27 25.89 -14.87
N GLN A 6 17.57 26.10 -14.61
CA GLN A 6 18.14 26.03 -13.25
C GLN A 6 18.27 27.46 -12.67
N SER A 7 18.07 27.60 -11.37
CA SER A 7 18.12 28.92 -10.68
C SER A 7 18.49 28.77 -9.21
N PRO A 8 19.37 29.66 -8.67
CA PRO A 8 20.15 30.60 -9.49
C PRO A 8 21.32 29.93 -10.24
N GLY A 9 21.91 30.64 -11.22
CA GLY A 9 23.06 30.16 -12.01
C GLY A 9 24.33 30.06 -11.16
N THR A 10 24.41 30.86 -10.10
CA THR A 10 25.49 30.79 -9.08
C THR A 10 24.86 30.97 -7.70
N LEU A 11 25.31 30.18 -6.73
CA LEU A 11 24.64 30.00 -5.42
C LEU A 11 25.68 30.06 -4.30
N SER A 12 25.81 31.23 -3.66
CA SER A 12 26.83 31.52 -2.62
C SER A 12 26.30 31.06 -1.25
N LEU A 13 26.79 29.91 -0.76
CA LEU A 13 26.40 29.32 0.55
C LEU A 13 27.65 28.96 1.35
N SER A 14 27.56 28.99 2.68
CA SER A 14 28.70 28.70 3.60
C SER A 14 28.95 27.20 3.68
N PRO A 15 30.21 26.76 3.93
CA PRO A 15 30.46 25.37 4.28
C PRO A 15 29.61 24.95 5.49
N GLY A 16 28.94 23.80 5.38
CA GLY A 16 28.02 23.28 6.41
C GLY A 16 26.58 23.69 6.20
N GLU A 17 26.30 24.76 5.42
CA GLU A 17 24.91 25.17 5.10
C GLU A 17 24.24 24.14 4.17
N ARG A 18 22.92 24.10 4.21
CA ARG A 18 22.09 23.24 3.33
C ARG A 18 21.96 23.88 1.95
N ALA A 19 22.50 23.26 0.91
CA ALA A 19 22.26 23.67 -0.50
C ALA A 19 20.89 23.17 -0.95
N THR A 20 20.13 24.01 -1.64
CA THR A 20 18.81 23.69 -2.23
C THR A 20 18.77 24.27 -3.64
N LEU A 21 18.94 23.43 -4.66
CA LEU A 21 19.10 23.86 -6.07
C LEU A 21 17.80 23.59 -6.84
N SER A 22 17.29 24.60 -7.56
CA SER A 22 16.06 24.51 -8.36
C SER A 22 16.40 24.02 -9.77
N CYS A 23 15.60 23.07 -10.25
CA CYS A 23 15.44 22.76 -11.69
C CYS A 23 13.95 22.84 -12.03
N ARG A 24 13.61 23.55 -13.12
CA ARG A 24 12.21 23.81 -13.50
C ARG A 24 12.03 23.60 -15.01
N ALA A 25 11.03 22.80 -15.37
CA ALA A 25 10.77 22.35 -16.76
C ALA A 25 9.71 23.24 -17.42
N SER A 26 9.76 23.34 -18.75
CA SER A 26 8.78 24.12 -19.57
C SER A 26 7.44 23.37 -19.66
N GLN A 27 7.42 22.09 -19.32
CA GLN A 27 6.21 21.22 -19.31
C GLN A 27 6.28 20.33 -18.07
N THR A 28 5.19 19.65 -17.72
CA THR A 28 5.21 18.62 -16.64
C THR A 28 6.03 17.42 -17.13
N VAL A 29 7.17 17.20 -16.51
CA VAL A 29 8.11 16.07 -16.79
C VAL A 29 7.65 14.83 -15.99
N SER A 30 7.70 13.66 -16.61
CA SER A 30 7.48 12.35 -15.94
C SER A 30 8.45 12.20 -14.76
N SER A 31 7.92 12.00 -13.53
CA SER A 31 8.70 11.87 -12.28
C SER A 31 9.73 10.74 -12.35
N THR A 32 9.61 9.85 -13.34
CA THR A 32 10.49 8.67 -13.57
C THR A 32 11.72 9.06 -14.41
N SER A 33 11.73 10.26 -15.02
CA SER A 33 12.61 10.58 -16.16
C SER A 33 13.50 11.80 -15.90
N LEU A 34 13.55 12.33 -14.67
CA LEU A 34 14.49 13.41 -14.29
C LEU A 34 15.71 12.83 -13.56
N ALA A 35 16.89 13.38 -13.86
CA ALA A 35 18.17 13.04 -13.20
C ALA A 35 18.93 14.31 -12.79
N TRP A 36 19.89 14.16 -11.87
CA TRP A 36 20.78 15.25 -11.38
C TRP A 36 22.25 14.79 -11.37
N TYR A 37 23.17 15.71 -11.64
CA TYR A 37 24.62 15.46 -11.80
C TYR A 37 25.45 16.49 -11.00
N GLN A 38 26.61 16.06 -10.52
CA GLN A 38 27.66 16.92 -9.89
C GLN A 38 28.86 16.93 -10.83
N GLN A 39 29.37 18.11 -11.14
CA GLN A 39 30.67 18.29 -11.84
C GLN A 39 31.62 19.11 -10.96
N LYS A 40 32.57 18.41 -10.32
CA LYS A 40 33.63 19.01 -9.46
C LYS A 40 34.63 19.69 -10.38
N PRO A 41 35.32 20.76 -9.90
CA PRO A 41 36.30 21.47 -10.72
C PRO A 41 37.34 20.52 -11.35
N GLY A 42 37.50 20.61 -12.67
CA GLY A 42 38.51 19.87 -13.46
C GLY A 42 38.20 18.40 -13.62
N GLN A 43 36.95 17.98 -13.34
CA GLN A 43 36.53 16.55 -13.44
C GLN A 43 35.37 16.41 -14.44
N ALA A 44 35.18 15.18 -14.92
CA ALA A 44 33.95 14.73 -15.61
C ALA A 44 32.80 14.73 -14.61
N PRO A 45 31.52 14.91 -15.05
CA PRO A 45 30.39 14.82 -14.14
C PRO A 45 30.07 13.39 -13.68
N ARG A 46 29.41 13.30 -12.52
CA ARG A 46 28.93 12.04 -11.89
C ARG A 46 27.42 12.19 -11.64
N LEU A 47 26.66 11.11 -11.87
CA LEU A 47 25.21 11.05 -11.56
C LEU A 47 25.04 11.10 -10.04
N LEU A 48 24.24 12.04 -9.55
CA LEU A 48 23.80 12.09 -8.13
C LEU A 48 22.47 11.33 -7.97
N ILE A 49 21.43 11.69 -8.75
CA ILE A 49 20.02 11.27 -8.53
C ILE A 49 19.42 10.82 -9.87
N TYR A 50 18.55 9.79 -9.86
CA TYR A 50 17.68 9.38 -11.00
C TYR A 50 16.24 9.19 -10.50
N GLY A 51 15.27 9.14 -11.43
CA GLY A 51 13.84 9.02 -11.10
C GLY A 51 13.43 10.09 -10.10
N ALA A 52 13.91 11.32 -10.35
CA ALA A 52 13.72 12.55 -9.54
C ALA A 52 14.28 12.43 -8.11
N SER A 53 14.46 11.23 -7.55
CA SER A 53 14.52 11.02 -6.07
C SER A 53 15.52 9.94 -5.62
N SER A 54 15.82 8.96 -6.46
CA SER A 54 16.70 7.82 -6.08
C SER A 54 18.17 8.23 -6.23
N ARG A 55 18.96 8.22 -5.16
CA ARG A 55 20.41 8.55 -5.27
C ARG A 55 21.14 7.37 -5.93
N ALA A 56 22.12 7.66 -6.77
CA ALA A 56 22.94 6.66 -7.49
C ALA A 56 23.87 5.97 -6.48
N THR A 57 24.44 4.84 -6.87
CA THR A 57 25.29 4.04 -5.96
C THR A 57 26.59 4.81 -5.67
N GLY A 58 27.04 4.80 -4.42
CA GLY A 58 28.27 5.49 -3.97
C GLY A 58 28.10 6.99 -3.88
N ILE A 59 26.85 7.47 -3.87
CA ILE A 59 26.53 8.91 -3.63
C ILE A 59 26.16 9.06 -2.16
N PRO A 60 26.89 9.89 -1.38
CA PRO A 60 26.62 10.07 0.06
C PRO A 60 25.19 10.55 0.38
N ASP A 61 24.66 10.15 1.54
CA ASP A 61 23.22 10.35 1.86
C ASP A 61 22.91 11.83 2.08
N ARG A 62 23.92 12.72 2.09
CA ARG A 62 23.71 14.20 2.18
C ARG A 62 23.01 14.70 0.90
N PHE A 63 23.14 13.99 -0.23
CA PHE A 63 22.46 14.32 -1.50
C PHE A 63 21.06 13.69 -1.54
N SER A 64 20.08 14.45 -2.04
CA SER A 64 18.67 14.00 -2.21
C SER A 64 17.97 14.78 -3.32
N GLY A 65 17.18 14.10 -4.14
CA GLY A 65 16.31 14.72 -5.16
C GLY A 65 14.85 14.71 -4.73
N SER A 66 14.05 15.65 -5.26
CA SER A 66 12.65 15.87 -4.85
C SER A 66 11.90 16.68 -5.92
N GLY A 67 10.58 16.77 -5.76
CA GLY A 67 9.67 17.57 -6.60
C GLY A 67 8.98 16.72 -7.66
N SER A 68 8.09 17.34 -8.41
CA SER A 68 7.30 16.68 -9.49
C SER A 68 6.63 17.71 -10.39
N GLY A 69 6.16 17.28 -11.55
CA GLY A 69 5.50 18.14 -12.54
C GLY A 69 6.48 19.09 -13.17
N THR A 70 6.43 20.38 -12.80
CA THR A 70 7.29 21.45 -13.36
C THR A 70 8.53 21.64 -12.48
N ASP A 71 8.39 21.44 -11.17
CA ASP A 71 9.35 21.95 -10.15
C ASP A 71 10.07 20.80 -9.47
N PHE A 72 11.40 20.82 -9.55
CA PHE A 72 12.30 19.79 -8.96
C PHE A 72 13.41 20.45 -8.16
N THR A 73 13.93 19.72 -7.18
CA THR A 73 14.89 20.26 -6.20
C THR A 73 15.92 19.21 -5.78
N LEU A 74 17.20 19.57 -5.93
CA LEU A 74 18.35 18.84 -5.34
C LEU A 74 18.69 19.48 -3.97
N THR A 75 18.49 18.74 -2.88
CA THR A 75 18.98 19.13 -1.53
C THR A 75 20.33 18.48 -1.29
N ILE A 76 21.32 19.27 -0.87
CA ILE A 76 22.55 18.78 -0.18
C ILE A 76 22.41 19.23 1.28
N SER A 77 22.19 18.30 2.21
CA SER A 77 21.79 18.61 3.63
C SER A 77 22.90 19.41 4.33
N ARG A 78 24.16 19.18 3.95
CA ARG A 78 25.36 19.94 4.38
C ARG A 78 26.27 20.08 3.17
N LEU A 79 26.76 21.29 2.89
CA LEU A 79 27.85 21.50 1.92
C LEU A 79 29.19 21.13 2.58
N GLU A 80 29.69 19.93 2.29
CA GLU A 80 31.09 19.53 2.62
C GLU A 80 32.01 20.31 1.68
N PRO A 81 33.27 20.59 2.09
CA PRO A 81 34.17 21.42 1.28
C PRO A 81 34.42 20.90 -0.14
N GLU A 82 34.12 19.62 -0.39
CA GLU A 82 34.30 18.92 -1.69
C GLU A 82 33.14 19.22 -2.66
N ASP A 83 32.05 19.85 -2.17
CA ASP A 83 30.76 20.01 -2.89
C ASP A 83 30.67 21.37 -3.58
N PHE A 84 31.69 22.21 -3.46
CA PHE A 84 31.75 23.51 -4.15
C PHE A 84 32.12 23.23 -5.61
N ALA A 85 31.06 23.11 -6.41
CA ALA A 85 31.03 22.42 -7.72
C ALA A 85 29.90 22.98 -8.59
N VAL A 86 29.79 22.50 -9.82
CA VAL A 86 28.67 22.82 -10.73
C VAL A 86 27.70 21.63 -10.71
N TYR A 87 26.40 21.91 -10.77
CA TYR A 87 25.34 20.88 -10.72
C TYR A 87 24.37 21.08 -11.89
N TYR A 88 23.96 19.98 -12.50
CA TYR A 88 23.06 19.96 -13.66
C TYR A 88 21.87 19.04 -13.38
N CYS A 89 20.70 19.44 -13.87
CA CYS A 89 19.53 18.52 -13.99
C CYS A 89 19.41 18.05 -15.44
N GLN A 90 18.63 16.99 -15.64
CA GLN A 90 18.45 16.32 -16.96
C GLN A 90 17.04 15.73 -17.03
N GLN A 91 16.47 15.68 -18.24
CA GLN A 91 15.20 14.97 -18.50
C GLN A 91 15.35 14.10 -19.74
N HIS A 92 14.64 12.96 -19.75
CA HIS A 92 14.40 12.12 -20.96
C HIS A 92 12.93 11.68 -21.00
N ASP A 93 12.03 12.55 -20.55
CA ASP A 93 10.58 12.46 -20.80
C ASP A 93 10.38 12.53 -22.31
N THR A 94 10.96 13.58 -22.91
CA THR A 94 10.79 13.97 -24.33
C THR A 94 12.16 14.33 -24.91
N SER A 95 12.66 13.54 -25.87
CA SER A 95 14.06 13.57 -26.37
C SER A 95 15.01 13.42 -25.18
N LEU A 96 16.12 14.17 -25.15
CA LEU A 96 16.93 14.32 -23.90
C LEU A 96 17.49 15.75 -23.82
N THR A 97 17.41 16.36 -22.65
CA THR A 97 17.82 17.77 -22.40
C THR A 97 18.56 17.88 -21.06
N PHE A 98 19.59 18.72 -21.02
CA PHE A 98 20.28 19.13 -19.77
C PHE A 98 19.80 20.53 -19.36
N GLY A 99 19.79 20.78 -18.05
CA GLY A 99 19.59 22.12 -17.46
C GLY A 99 20.81 23.01 -17.67
N GLY A 100 20.60 24.33 -17.61
CA GLY A 100 21.65 25.36 -17.81
C GLY A 100 22.84 25.25 -16.85
N GLY A 101 22.65 24.63 -15.68
CA GLY A 101 23.70 24.47 -14.66
C GLY A 101 23.60 25.48 -13.53
N THR A 102 24.10 25.11 -12.35
CA THR A 102 24.22 25.97 -11.14
C THR A 102 25.58 25.71 -10.49
N LYS A 103 26.45 26.72 -10.45
CA LYS A 103 27.69 26.68 -9.63
C LYS A 103 27.31 27.00 -8.17
N VAL A 104 27.81 26.22 -7.22
CA VAL A 104 27.75 26.64 -5.79
C VAL A 104 29.16 27.10 -5.39
N GLU A 105 29.24 28.22 -4.68
CA GLU A 105 30.53 28.85 -4.31
C GLU A 105 30.54 29.13 -2.81
N ILE A 106 31.74 29.27 -2.24
CA ILE A 106 31.92 29.51 -0.79
C ILE A 106 31.43 30.93 -0.49
N LYS A 107 30.42 31.06 0.36
CA LYS A 107 29.90 32.38 0.79
C LYS A 107 30.93 33.02 1.72
N ARG A 108 31.77 33.89 1.16
CA ARG A 108 32.86 34.59 1.90
C ARG A 108 32.31 35.87 2.54
N THR A 109 33.07 36.46 3.47
CA THR A 109 32.93 37.90 3.85
C THR A 109 33.45 38.76 2.69
N VAL A 110 32.94 39.98 2.57
CA VAL A 110 33.40 40.97 1.54
C VAL A 110 34.91 41.21 1.71
N ALA A 111 35.62 41.33 0.58
CA ALA A 111 37.07 41.60 0.52
C ALA A 111 37.35 42.60 -0.61
N ALA A 112 38.08 43.67 -0.29
CA ALA A 112 38.36 44.79 -1.23
C ALA A 112 39.50 44.41 -2.17
N PRO A 113 39.39 44.67 -3.50
CA PRO A 113 40.48 44.40 -4.43
C PRO A 113 41.69 45.31 -4.23
N SER A 114 42.86 44.69 -4.04
CA SER A 114 44.18 45.34 -4.19
C SER A 114 44.37 45.64 -5.69
N VAL A 115 44.03 46.87 -6.10
CA VAL A 115 44.07 47.27 -7.54
C VAL A 115 45.48 47.70 -7.92
N PHE A 116 46.01 47.10 -9.00
CA PHE A 116 47.32 47.44 -9.62
C PHE A 116 47.11 47.68 -11.13
N ILE A 117 47.99 48.48 -11.74
CA ILE A 117 47.99 48.76 -13.21
C ILE A 117 49.41 48.62 -13.76
N PHE A 118 49.54 48.11 -15.01
CA PHE A 118 50.82 47.78 -15.68
C PHE A 118 50.81 48.32 -17.11
N PRO A 119 51.78 49.19 -17.48
CA PRO A 119 51.93 49.63 -18.87
C PRO A 119 52.44 48.54 -19.81
N PRO A 120 52.36 48.75 -21.15
CA PRO A 120 53.01 47.85 -22.10
C PRO A 120 54.54 47.92 -21.96
N SER A 121 55.19 46.76 -22.07
CA SER A 121 56.67 46.63 -22.12
C SER A 121 57.20 47.18 -23.45
N ASP A 122 58.40 47.75 -23.43
CA ASP A 122 59.07 48.28 -24.65
C ASP A 122 59.31 47.15 -25.66
N GLU A 123 59.50 45.90 -25.20
CA GLU A 123 59.62 44.71 -26.08
C GLU A 123 58.32 44.52 -26.87
N GLN A 124 57.17 44.82 -26.27
CA GLN A 124 55.84 44.71 -26.96
C GLN A 124 55.72 45.88 -27.94
N LEU A 125 56.03 47.11 -27.52
CA LEU A 125 55.89 48.33 -28.36
C LEU A 125 56.74 48.19 -29.65
N LYS A 126 57.91 47.56 -29.57
CA LYS A 126 58.78 47.27 -30.75
C LYS A 126 58.02 46.46 -31.81
N SER A 127 57.06 45.61 -31.42
CA SER A 127 56.31 44.68 -32.32
C SER A 127 55.14 45.40 -33.02
N GLY A 128 54.77 46.60 -32.58
CA GLY A 128 53.66 47.40 -33.14
C GLY A 128 52.35 47.19 -32.38
N THR A 129 52.37 46.45 -31.27
CA THR A 129 51.18 46.19 -30.41
C THR A 129 51.42 46.74 -29.00
N ALA A 130 50.35 47.11 -28.30
CA ALA A 130 50.39 47.62 -26.91
C ALA A 130 49.27 46.98 -26.08
N SER A 131 49.60 46.41 -24.93
CA SER A 131 48.61 45.85 -23.98
C SER A 131 48.81 46.48 -22.60
N VAL A 132 47.72 47.03 -22.05
CA VAL A 132 47.72 47.64 -20.69
C VAL A 132 46.89 46.74 -19.78
N VAL A 133 47.44 46.35 -18.63
CA VAL A 133 46.79 45.36 -17.73
C VAL A 133 46.39 46.07 -16.43
N CYS A 134 45.20 45.73 -15.94
CA CYS A 134 44.65 46.14 -14.62
C CYS A 134 44.35 44.88 -13.82
N LEU A 135 44.95 44.75 -12.63
CA LEU A 135 44.85 43.56 -11.75
C LEU A 135 44.03 43.92 -10.50
N LEU A 136 42.88 43.25 -10.34
CA LEU A 136 42.09 43.28 -9.08
C LEU A 136 42.49 42.04 -8.28
N ASN A 137 43.30 42.23 -7.25
CA ASN A 137 43.92 41.10 -6.53
C ASN A 137 43.18 40.83 -5.22
N ASN A 138 42.86 39.56 -4.98
CA ASN A 138 42.25 38.95 -3.77
C ASN A 138 41.04 39.76 -3.27
N PHE A 139 39.86 39.56 -3.91
CA PHE A 139 38.59 40.27 -3.60
C PHE A 139 37.39 39.31 -3.61
N TYR A 140 36.26 39.76 -3.02
CA TYR A 140 34.96 39.03 -2.98
C TYR A 140 33.83 40.00 -2.60
N PRO A 141 32.61 39.95 -3.19
CA PRO A 141 32.22 38.99 -4.24
C PRO A 141 32.82 39.30 -5.62
N ARG A 142 32.40 38.52 -6.62
CA ARG A 142 33.00 38.48 -7.99
C ARG A 142 32.70 39.76 -8.77
N GLU A 143 31.64 40.48 -8.41
CA GLU A 143 31.05 41.58 -9.23
C GLU A 143 31.83 42.89 -9.00
N ALA A 144 32.71 43.26 -9.96
CA ALA A 144 33.45 44.53 -9.96
C ALA A 144 33.32 45.24 -11.31
N LYS A 145 33.31 46.58 -11.31
CA LYS A 145 33.13 47.41 -12.54
C LYS A 145 34.46 48.06 -12.91
N VAL A 146 35.17 47.54 -13.90
CA VAL A 146 36.51 48.06 -14.29
C VAL A 146 36.40 48.95 -15.52
N GLN A 147 36.40 50.28 -15.33
CA GLN A 147 36.36 51.28 -16.43
C GLN A 147 37.79 51.63 -16.85
N TRP A 148 38.18 51.22 -18.06
CA TRP A 148 39.39 51.76 -18.75
C TRP A 148 39.12 53.20 -19.23
N LYS A 149 39.94 54.15 -18.79
CA LYS A 149 39.91 55.56 -19.28
C LYS A 149 41.29 55.95 -19.83
N VAL A 150 41.31 56.58 -21.00
CA VAL A 150 42.54 57.07 -21.68
C VAL A 150 42.32 58.52 -22.10
N ASP A 151 43.12 59.45 -21.55
CA ASP A 151 42.93 60.92 -21.66
C ASP A 151 41.44 61.24 -21.42
N ASN A 152 40.86 60.65 -20.35
CA ASN A 152 39.44 60.82 -19.90
C ASN A 152 38.44 60.13 -20.84
N ALA A 153 38.84 59.61 -22.01
CA ALA A 153 37.90 58.86 -22.90
C ALA A 153 37.70 57.44 -22.35
N LEU A 154 36.44 57.08 -22.05
CA LEU A 154 36.06 55.69 -21.66
C LEU A 154 36.31 54.75 -22.85
N GLN A 155 36.89 53.57 -22.58
CA GLN A 155 37.23 52.56 -23.62
C GLN A 155 36.18 51.44 -23.65
N SER A 156 35.91 50.87 -24.83
CA SER A 156 35.01 49.69 -24.99
C SER A 156 35.33 48.90 -26.27
N GLY A 157 35.01 47.61 -26.28
CA GLY A 157 35.33 46.68 -27.39
C GLY A 157 36.79 46.27 -27.39
N ASN A 158 37.70 47.19 -27.03
CA ASN A 158 39.17 47.02 -27.15
C ASN A 158 39.75 46.43 -25.86
N SER A 159 38.93 45.70 -25.09
CA SER A 159 39.34 45.11 -23.78
C SER A 159 38.69 43.74 -23.55
N GLN A 160 39.44 42.85 -22.89
CA GLN A 160 39.00 41.50 -22.46
C GLN A 160 39.38 41.31 -20.98
N GLU A 161 38.50 40.65 -20.22
CA GLU A 161 38.74 40.32 -18.79
C GLU A 161 38.83 38.81 -18.58
N SER A 162 39.66 38.40 -17.62
CA SER A 162 39.82 37.01 -17.17
C SER A 162 39.83 36.97 -15.65
N VAL A 163 39.27 35.91 -15.08
CA VAL A 163 38.95 35.79 -13.63
C VAL A 163 39.41 34.42 -13.15
N THR A 164 39.92 34.34 -11.91
CA THR A 164 40.29 33.05 -11.29
C THR A 164 39.03 32.28 -10.87
N GLU A 165 39.21 31.01 -10.59
CA GLU A 165 38.32 30.27 -9.66
C GLU A 165 38.64 30.77 -8.23
N GLN A 166 37.82 30.36 -7.26
CA GLN A 166 37.92 30.81 -5.85
C GLN A 166 39.18 30.18 -5.22
N ASP A 167 40.07 31.01 -4.64
CA ASP A 167 41.40 30.60 -4.11
C ASP A 167 41.22 29.62 -2.94
N SER A 168 42.03 28.56 -2.91
CA SER A 168 41.92 27.43 -1.95
C SER A 168 42.28 27.85 -0.51
N LYS A 169 42.86 29.04 -0.30
CA LYS A 169 43.31 29.51 1.04
C LYS A 169 42.24 30.40 1.67
N ASP A 170 41.86 31.49 0.99
CA ASP A 170 41.02 32.56 1.59
C ASP A 170 39.62 32.58 0.96
N SER A 171 39.33 31.69 0.00
CA SER A 171 38.03 31.56 -0.71
C SER A 171 37.65 32.89 -1.39
N THR A 172 38.62 33.54 -2.02
CA THR A 172 38.44 34.86 -2.70
C THR A 172 38.74 34.71 -4.20
N TYR A 173 38.31 35.70 -5.01
CA TYR A 173 38.55 35.77 -6.48
C TYR A 173 39.69 36.74 -6.80
N SER A 174 40.18 36.71 -8.06
CA SER A 174 41.08 37.74 -8.62
C SER A 174 40.81 37.89 -10.12
N LEU A 175 41.05 39.10 -10.66
CA LEU A 175 40.59 39.49 -12.02
C LEU A 175 41.69 40.28 -12.73
N SER A 176 41.98 39.91 -13.98
CA SER A 176 42.86 40.67 -14.89
C SER A 176 42.02 41.26 -16.02
N SER A 177 41.76 42.57 -15.98
CA SER A 177 41.20 43.35 -17.12
C SER A 177 42.36 43.78 -18.02
N THR A 178 42.21 43.63 -19.33
CA THR A 178 43.31 43.92 -20.31
C THR A 178 42.79 44.75 -21.48
N LEU A 179 43.33 45.97 -21.61
CA LEU A 179 43.13 46.87 -22.78
C LEU A 179 44.21 46.55 -23.83
N THR A 180 43.85 46.51 -25.10
CA THR A 180 44.81 46.25 -26.21
C THR A 180 44.63 47.26 -27.33
N LEU A 181 45.74 47.82 -27.81
CA LEU A 181 45.82 48.91 -28.82
C LEU A 181 46.96 48.63 -29.80
N SER A 182 47.01 49.42 -30.89
CA SER A 182 48.21 49.50 -31.77
C SER A 182 49.27 50.37 -31.07
N LYS A 183 50.54 50.24 -31.47
CA LYS A 183 51.63 51.15 -31.05
C LYS A 183 51.20 52.61 -31.26
N ALA A 184 50.61 52.92 -32.42
CA ALA A 184 50.25 54.29 -32.86
C ALA A 184 49.14 54.85 -31.96
N ASP A 185 48.15 54.03 -31.58
CA ASP A 185 46.99 54.48 -30.76
C ASP A 185 47.42 54.63 -29.30
N TYR A 186 48.38 53.83 -28.84
CA TYR A 186 48.99 53.96 -27.49
C TYR A 186 49.79 55.27 -27.43
N GLU A 187 50.56 55.58 -28.48
CA GLU A 187 51.45 56.78 -28.54
C GLU A 187 50.62 58.05 -28.84
N LYS A 188 49.40 57.92 -29.35
CA LYS A 188 48.45 59.04 -29.63
C LYS A 188 48.00 59.73 -28.33
N HIS A 189 48.17 59.10 -27.15
CA HIS A 189 47.54 59.52 -25.86
C HIS A 189 48.58 59.58 -24.74
N LYS A 190 48.23 60.18 -23.60
CA LYS A 190 49.22 60.40 -22.49
C LYS A 190 48.77 59.68 -21.22
N VAL A 191 47.56 59.91 -20.74
CA VAL A 191 47.09 59.44 -19.39
C VAL A 191 46.32 58.12 -19.55
N TYR A 192 46.71 57.09 -18.79
CA TYR A 192 46.10 55.74 -18.81
C TYR A 192 45.59 55.41 -17.41
N ALA A 193 44.37 54.92 -17.31
CA ALA A 193 43.74 54.64 -16.00
C ALA A 193 42.77 53.46 -16.08
N CYS A 194 42.67 52.71 -14.97
CA CYS A 194 41.50 51.85 -14.68
C CYS A 194 40.84 52.33 -13.37
N GLU A 195 39.56 52.68 -13.46
CA GLU A 195 38.70 53.00 -12.29
C GLU A 195 37.99 51.70 -11.89
N VAL A 196 38.24 51.23 -10.67
CA VAL A 196 37.61 50.01 -10.12
C VAL A 196 36.55 50.40 -9.08
N THR A 197 35.31 49.96 -9.32
CA THR A 197 34.21 50.04 -8.33
C THR A 197 33.86 48.62 -7.88
N HIS A 198 33.77 48.42 -6.57
CA HIS A 198 33.49 47.11 -5.93
C HIS A 198 32.91 47.33 -4.53
N GLN A 199 32.18 46.35 -4.02
CA GLN A 199 31.43 46.45 -2.73
C GLN A 199 32.38 46.71 -1.55
N GLY A 200 33.63 46.23 -1.63
CA GLY A 200 34.66 46.43 -0.58
C GLY A 200 35.25 47.83 -0.57
N LEU A 201 34.87 48.71 -1.50
CA LEU A 201 35.48 50.07 -1.65
C LEU A 201 34.45 51.16 -1.31
N SER A 202 34.83 52.06 -0.40
CA SER A 202 34.01 53.22 0.04
C SER A 202 33.88 54.25 -1.09
N SER A 203 34.80 54.27 -2.06
CA SER A 203 34.67 55.00 -3.35
C SER A 203 35.59 54.33 -4.38
N PRO A 204 35.35 54.52 -5.70
CA PRO A 204 36.12 53.85 -6.74
C PRO A 204 37.64 54.10 -6.65
N VAL A 205 38.39 53.01 -6.60
CA VAL A 205 39.88 53.05 -6.59
C VAL A 205 40.35 53.15 -8.05
N THR A 206 40.84 54.33 -8.43
CA THR A 206 41.53 54.53 -9.73
C THR A 206 43.04 54.29 -9.57
N LYS A 207 43.62 53.52 -10.49
CA LYS A 207 45.07 53.41 -10.70
C LYS A 207 45.37 53.92 -12.11
N SER A 208 46.47 54.64 -12.24
CA SER A 208 46.81 55.40 -13.48
C SER A 208 48.32 55.54 -13.64
N PHE A 209 48.73 55.89 -14.86
CA PHE A 209 50.11 56.27 -15.20
C PHE A 209 50.11 57.24 -16.38
N ASN A 210 51.22 57.97 -16.51
CA ASN A 210 51.53 58.80 -17.70
C ASN A 210 52.44 57.98 -18.61
N ARG A 211 52.11 57.88 -19.90
CA ARG A 211 52.94 57.15 -20.90
C ARG A 211 54.28 57.88 -21.03
N GLY A 212 55.35 57.27 -20.49
CA GLY A 212 56.75 57.74 -20.60
C GLY A 212 57.33 58.22 -19.27
N GLU A 213 56.61 58.08 -18.16
CA GLU A 213 57.08 58.49 -16.81
C GLU A 213 57.24 57.23 -15.92
N GLN B 1 35.54 -0.69 -10.41
CA GLN B 1 35.34 -1.97 -11.14
C GLN B 1 34.80 -1.64 -12.53
N VAL B 2 33.53 -1.20 -12.63
CA VAL B 2 32.99 -0.48 -13.82
C VAL B 2 33.95 0.67 -14.14
N GLN B 3 34.33 0.83 -15.41
CA GLN B 3 35.14 1.97 -15.92
C GLN B 3 34.90 2.16 -17.42
N LEU B 4 34.90 3.43 -17.85
CA LEU B 4 34.97 3.85 -19.27
C LEU B 4 36.27 4.64 -19.47
N VAL B 5 37.07 4.26 -20.48
CA VAL B 5 38.35 4.94 -20.78
C VAL B 5 38.30 5.45 -22.22
N GLN B 6 38.46 6.76 -22.39
CA GLN B 6 38.35 7.44 -23.71
C GLN B 6 39.74 7.70 -24.31
N SER B 7 39.77 7.93 -25.63
CA SER B 7 40.96 8.36 -26.40
C SER B 7 41.53 9.67 -25.86
N GLY B 8 42.84 9.88 -26.05
CA GLY B 8 43.52 11.14 -25.70
C GLY B 8 43.05 12.30 -26.57
N ALA B 9 43.51 13.51 -26.26
CA ALA B 9 43.10 14.78 -26.88
C ALA B 9 43.54 14.84 -28.35
N GLU B 10 42.73 15.48 -29.20
CA GLU B 10 43.01 15.65 -30.66
C GLU B 10 42.82 17.12 -31.07
N VAL B 11 43.78 17.64 -31.84
CA VAL B 11 43.72 18.99 -32.46
C VAL B 11 43.40 18.82 -33.96
N LYS B 12 42.49 19.63 -34.50
CA LYS B 12 42.01 19.50 -35.89
C LYS B 12 41.85 20.87 -36.56
N LYS B 13 41.95 20.89 -37.90
CA LYS B 13 41.58 22.06 -38.73
C LYS B 13 40.09 21.93 -39.06
N PRO B 14 39.39 23.03 -39.47
CA PRO B 14 38.02 22.92 -39.96
C PRO B 14 37.89 21.98 -41.19
N GLY B 15 36.68 21.50 -41.43
CA GLY B 15 36.35 20.57 -42.53
C GLY B 15 36.71 19.11 -42.21
N ALA B 16 37.67 18.88 -41.31
CA ALA B 16 38.25 17.55 -41.00
C ALA B 16 37.31 16.71 -40.12
N SER B 17 37.83 15.60 -39.56
CA SER B 17 37.07 14.66 -38.69
C SER B 17 37.89 14.22 -37.46
N VAL B 18 37.18 13.77 -36.43
CA VAL B 18 37.75 13.24 -35.15
C VAL B 18 36.97 11.96 -34.80
N LYS B 19 37.61 11.00 -34.15
CA LYS B 19 36.94 9.71 -33.80
C LYS B 19 37.26 9.35 -32.35
N VAL B 20 36.51 9.93 -31.43
CA VAL B 20 36.67 9.68 -29.97
C VAL B 20 36.28 8.24 -29.67
N SER B 21 37.12 7.51 -28.94
CA SER B 21 36.85 6.13 -28.47
C SER B 21 36.36 6.13 -27.01
N CYS B 22 35.77 5.02 -26.60
CA CYS B 22 35.18 4.78 -25.26
C CYS B 22 35.30 3.28 -24.95
N LYS B 23 36.47 2.84 -24.48
CA LYS B 23 36.72 1.44 -24.07
C LYS B 23 35.97 1.19 -22.76
N ALA B 24 34.94 0.34 -22.81
CA ALA B 24 34.11 -0.04 -21.64
C ALA B 24 34.73 -1.25 -20.92
N SER B 25 34.50 -1.34 -19.61
CA SER B 25 34.98 -2.46 -18.75
C SER B 25 34.16 -2.56 -17.45
N GLY B 26 34.19 -3.74 -16.83
CA GLY B 26 33.74 -3.97 -15.44
C GLY B 26 32.23 -4.08 -15.32
N TYR B 27 31.51 -4.23 -16.46
CA TYR B 27 30.04 -4.43 -16.53
C TYR B 27 29.67 -5.24 -17.77
N PRO B 28 28.50 -5.90 -17.82
CA PRO B 28 28.07 -6.63 -19.02
C PRO B 28 27.66 -5.68 -20.15
N PHE B 29 28.61 -5.46 -21.06
CA PHE B 29 28.62 -4.41 -22.12
C PHE B 29 27.25 -4.31 -22.82
N THR B 30 26.73 -5.42 -23.31
CA THR B 30 25.53 -5.49 -24.21
C THR B 30 24.20 -5.27 -23.45
N SER B 31 24.24 -4.87 -22.17
CA SER B 31 23.03 -4.69 -21.31
C SER B 31 22.70 -3.20 -21.16
N TYR B 32 23.66 -2.32 -21.42
CA TYR B 32 23.52 -0.85 -21.26
C TYR B 32 23.88 -0.14 -22.58
N GLY B 33 23.15 0.93 -22.89
CA GLY B 33 23.47 1.82 -24.02
C GLY B 33 24.74 2.62 -23.76
N ILE B 34 25.18 3.38 -24.75
CA ILE B 34 26.20 4.44 -24.51
C ILE B 34 25.61 5.77 -24.99
N SER B 35 25.52 6.73 -24.07
CA SER B 35 25.16 8.13 -24.39
C SER B 35 26.44 8.95 -24.56
N TRP B 36 26.38 9.95 -25.44
CA TRP B 36 27.52 10.86 -25.70
C TRP B 36 27.07 12.31 -25.44
N VAL B 37 27.95 13.06 -24.77
CA VAL B 37 27.72 14.48 -24.35
C VAL B 37 28.99 15.28 -24.68
N ARG B 38 28.86 16.57 -24.97
CA ARG B 38 30.05 17.44 -25.10
C ARG B 38 29.83 18.73 -24.31
N GLN B 39 30.95 19.34 -23.90
CA GLN B 39 30.95 20.54 -23.05
C GLN B 39 31.91 21.55 -23.68
N ALA B 40 31.40 22.65 -24.20
CA ALA B 40 32.22 23.78 -24.69
C ALA B 40 32.93 24.42 -23.50
N PRO B 41 34.15 25.00 -23.68
CA PRO B 41 34.89 25.55 -22.55
C PRO B 41 34.07 26.58 -21.74
N GLY B 42 34.03 26.36 -20.41
CA GLY B 42 33.43 27.28 -19.41
C GLY B 42 31.91 27.38 -19.50
N GLN B 43 31.23 26.36 -20.02
CA GLN B 43 29.74 26.35 -20.08
C GLN B 43 29.19 24.92 -20.04
N GLY B 44 27.95 24.73 -20.49
CA GLY B 44 27.09 23.60 -20.06
C GLY B 44 27.21 22.35 -20.93
N LEU B 45 26.35 21.37 -20.65
CA LEU B 45 26.35 20.02 -21.27
C LEU B 45 25.41 19.98 -22.49
N GLU B 46 25.98 19.79 -23.68
CA GLU B 46 25.24 19.58 -24.95
C GLU B 46 25.18 18.08 -25.23
N TRP B 47 23.98 17.48 -25.24
CA TRP B 47 23.77 16.04 -25.59
C TRP B 47 23.97 15.85 -27.09
N MET B 48 24.68 14.79 -27.48
CA MET B 48 24.95 14.48 -28.91
C MET B 48 24.09 13.31 -29.38
N GLY B 49 23.92 12.28 -28.55
CA GLY B 49 23.18 11.08 -28.97
C GLY B 49 23.37 9.86 -28.09
N TRP B 50 22.88 8.72 -28.59
CA TRP B 50 22.75 7.42 -27.88
C TRP B 50 22.98 6.28 -28.88
N ILE B 51 23.60 5.18 -28.42
CA ILE B 51 23.74 3.95 -29.25
C ILE B 51 23.48 2.70 -28.39
N SER B 52 22.83 1.71 -29.00
CA SER B 52 22.70 0.34 -28.45
C SER B 52 23.99 -0.47 -28.65
N THR B 53 24.56 -0.96 -27.55
CA THR B 53 25.69 -1.93 -27.53
C THR B 53 25.22 -3.30 -28.02
N TYR B 54 23.90 -3.55 -28.06
CA TYR B 54 23.29 -4.87 -28.38
C TYR B 54 22.93 -4.97 -29.88
N ASN B 55 22.35 -3.92 -30.48
CA ASN B 55 21.81 -4.00 -31.87
C ASN B 55 22.21 -2.78 -32.72
N GLY B 56 23.11 -1.90 -32.24
CA GLY B 56 23.71 -0.83 -33.05
C GLY B 56 22.76 0.33 -33.37
N ASN B 57 21.48 0.24 -32.97
CA ASN B 57 20.46 1.32 -33.14
C ASN B 57 20.95 2.61 -32.49
N THR B 58 20.81 3.74 -33.17
CA THR B 58 21.27 5.05 -32.66
C THR B 58 20.14 6.07 -32.55
N ASN B 59 20.39 7.11 -31.75
CA ASN B 59 19.61 8.35 -31.65
C ASN B 59 20.60 9.50 -31.64
N TYR B 60 20.37 10.55 -32.43
CA TYR B 60 21.24 11.74 -32.47
C TYR B 60 20.40 13.00 -32.24
N ALA B 61 20.92 13.96 -31.48
CA ALA B 61 20.33 15.32 -31.36
C ALA B 61 20.39 15.98 -32.75
N GLN B 62 19.33 16.69 -33.13
CA GLN B 62 19.14 17.31 -34.48
C GLN B 62 20.42 18.00 -34.95
N LYS B 63 21.10 18.72 -34.05
CA LYS B 63 22.31 19.55 -34.34
C LYS B 63 23.41 18.72 -35.04
N PHE B 64 23.42 17.38 -34.86
CA PHE B 64 24.53 16.49 -35.31
C PHE B 64 24.10 15.53 -36.43
N GLN B 65 22.83 15.57 -36.85
CA GLN B 65 22.32 14.71 -37.96
C GLN B 65 23.14 15.00 -39.23
N GLY B 66 23.69 13.96 -39.87
CA GLY B 66 24.54 14.09 -41.07
C GLY B 66 25.93 14.62 -40.78
N ARG B 67 26.37 14.64 -39.51
CA ARG B 67 27.78 14.94 -39.13
C ARG B 67 28.32 13.85 -38.20
N VAL B 68 27.53 13.36 -37.25
CA VAL B 68 27.97 12.35 -36.23
C VAL B 68 27.69 10.94 -36.76
N THR B 69 28.51 9.97 -36.33
CA THR B 69 28.30 8.53 -36.54
C THR B 69 28.85 7.77 -35.32
N MET B 70 27.94 7.20 -34.53
CA MET B 70 28.30 6.41 -33.34
C MET B 70 28.34 4.92 -33.74
N THR B 71 29.29 4.17 -33.17
CA THR B 71 29.46 2.71 -33.42
C THR B 71 29.87 2.03 -32.11
N THR B 72 29.64 0.72 -32.02
CA THR B 72 30.09 -0.13 -30.90
C THR B 72 30.69 -1.41 -31.47
N ASP B 73 31.90 -1.75 -31.04
CA ASP B 73 32.47 -3.11 -31.20
C ASP B 73 32.24 -3.87 -29.90
N THR B 74 31.71 -5.09 -30.00
CA THR B 74 31.35 -5.94 -28.84
C THR B 74 32.51 -6.86 -28.46
N SER B 75 33.54 -6.98 -29.31
CA SER B 75 34.69 -7.88 -29.08
C SER B 75 35.72 -7.20 -28.16
N THR B 76 36.07 -5.94 -28.43
CA THR B 76 36.95 -5.11 -27.54
C THR B 76 36.10 -4.37 -26.51
N THR B 77 34.77 -4.51 -26.58
CA THR B 77 33.74 -3.76 -25.78
C THR B 77 34.08 -2.26 -25.79
N THR B 78 34.07 -1.66 -26.98
CA THR B 78 34.49 -0.25 -27.21
C THR B 78 33.42 0.47 -28.03
N GLY B 79 32.91 1.58 -27.48
CA GLY B 79 32.09 2.56 -28.22
C GLY B 79 32.98 3.57 -28.91
N TYR B 80 32.49 4.12 -30.02
CA TYR B 80 33.14 5.25 -30.72
C TYR B 80 32.09 6.31 -31.10
N MET B 81 32.52 7.57 -31.09
CA MET B 81 31.77 8.70 -31.67
C MET B 81 32.68 9.38 -32.70
N GLU B 82 32.35 9.23 -33.98
CA GLU B 82 33.01 9.92 -35.10
C GLU B 82 32.22 11.19 -35.43
N LEU B 83 32.91 12.32 -35.52
CA LEU B 83 32.31 13.62 -35.93
C LEU B 83 33.10 14.17 -37.13
N ARG B 84 32.39 14.44 -38.22
CA ARG B 84 32.96 14.92 -39.52
C ARG B 84 32.48 16.34 -39.80
N ARG B 85 33.14 17.02 -40.74
CA ARG B 85 32.81 18.41 -41.17
C ARG B 85 32.95 19.32 -39.95
N LEU B 86 34.11 19.26 -39.30
CA LEU B 86 34.41 19.97 -38.02
C LEU B 86 34.52 21.48 -38.26
N ARG B 87 34.29 22.25 -37.19
CA ARG B 87 34.45 23.74 -37.18
C ARG B 87 34.63 24.22 -35.73
N SER B 88 34.78 25.53 -35.53
CA SER B 88 35.16 26.14 -34.22
C SER B 88 34.16 25.75 -33.11
N ASP B 89 32.85 25.67 -33.40
CA ASP B 89 31.80 25.34 -32.39
C ASP B 89 31.78 23.82 -32.12
N ASP B 90 32.79 23.08 -32.58
CA ASP B 90 33.03 21.66 -32.18
C ASP B 90 34.21 21.58 -31.20
N THR B 91 34.79 22.73 -30.80
CA THR B 91 35.83 22.79 -29.73
C THR B 91 35.17 22.53 -28.38
N ALA B 92 35.38 21.35 -27.81
CA ALA B 92 34.69 20.90 -26.58
C ALA B 92 35.43 19.73 -25.92
N VAL B 93 35.14 19.49 -24.65
CA VAL B 93 35.43 18.18 -23.99
C VAL B 93 34.25 17.25 -24.31
N TYR B 94 34.53 16.15 -25.01
CA TYR B 94 33.57 15.09 -25.38
C TYR B 94 33.61 13.98 -24.33
N TYR B 95 32.45 13.57 -23.83
CA TYR B 95 32.34 12.46 -22.84
C TYR B 95 31.47 11.35 -23.42
N CYS B 96 31.81 10.11 -23.10
CA CYS B 96 30.88 8.96 -23.20
C CYS B 96 30.38 8.61 -21.79
N ALA B 97 29.19 8.01 -21.72
CA ALA B 97 28.61 7.54 -20.43
C ALA B 97 27.77 6.28 -20.66
N ARG B 98 27.85 5.36 -19.70
CA ARG B 98 27.03 4.14 -19.70
C ARG B 98 25.59 4.59 -19.48
N ASP B 99 24.70 4.19 -20.38
CA ASP B 99 23.33 4.75 -20.44
C ASP B 99 22.31 3.79 -19.82
N TYR B 100 21.46 4.35 -18.97
CA TYR B 100 20.20 3.74 -18.50
C TYR B 100 19.06 4.78 -18.60
N THR B 101 19.04 5.55 -19.68
CA THR B 101 17.89 6.42 -20.09
C THR B 101 17.09 5.68 -21.17
N ARG B 102 17.74 4.87 -21.99
CA ARG B 102 17.04 4.07 -23.04
C ARG B 102 17.60 2.63 -23.06
N GLY B 103 16.71 1.66 -23.19
CA GLY B 103 17.01 0.21 -23.25
C GLY B 103 17.80 -0.15 -24.49
N ALA B 104 18.82 -1.00 -24.33
CA ALA B 104 19.72 -1.43 -25.42
C ALA B 104 18.99 -2.40 -26.34
N TRP B 105 18.09 -3.23 -25.80
CA TRP B 105 17.33 -4.24 -26.60
C TRP B 105 16.12 -3.60 -27.28
N PHE B 106 15.21 -2.99 -26.51
CA PHE B 106 13.84 -2.62 -26.98
C PHE B 106 13.73 -1.11 -27.26
N GLY B 107 14.78 -0.32 -27.04
CA GLY B 107 14.87 1.10 -27.43
C GLY B 107 13.87 1.97 -26.70
N GLU B 108 13.37 1.53 -25.55
CA GLU B 108 12.33 2.27 -24.76
C GLU B 108 12.96 3.00 -23.57
N SER B 109 12.25 4.02 -23.07
CA SER B 109 12.66 4.93 -21.97
C SER B 109 12.78 4.16 -20.64
N LEU B 110 13.85 4.39 -19.87
CA LEU B 110 14.16 3.69 -18.58
C LEU B 110 14.24 4.67 -17.40
N ILE B 111 13.98 4.18 -16.20
CA ILE B 111 14.17 4.90 -14.91
C ILE B 111 15.66 4.82 -14.56
N GLY B 112 16.41 5.87 -14.89
CA GLY B 112 17.87 5.94 -14.66
C GLY B 112 18.48 7.21 -15.24
N GLY B 113 19.70 7.09 -15.76
CA GLY B 113 20.49 8.23 -16.23
C GLY B 113 21.78 7.80 -16.92
N PHE B 114 22.71 8.74 -17.07
CA PHE B 114 24.11 8.47 -17.52
C PHE B 114 24.91 8.17 -16.26
N ASP B 115 25.15 6.88 -15.94
CA ASP B 115 25.52 6.49 -14.55
C ASP B 115 27.06 6.54 -14.39
N ASN B 116 27.80 5.88 -15.28
CA ASN B 116 29.28 5.84 -15.25
C ASN B 116 29.79 6.62 -16.46
N TRP B 117 30.76 7.51 -16.27
CA TRP B 117 31.27 8.42 -17.33
C TRP B 117 32.74 8.11 -17.65
N GLY B 118 33.17 8.44 -18.87
CA GLY B 118 34.59 8.43 -19.27
C GLY B 118 35.30 9.69 -18.77
N GLN B 119 36.63 9.71 -18.80
CA GLN B 119 37.45 10.81 -18.23
C GLN B 119 37.32 12.07 -19.11
N GLY B 120 36.64 11.97 -20.26
CA GLY B 120 36.54 13.07 -21.25
C GLY B 120 37.68 13.08 -22.26
N THR B 121 37.41 13.60 -23.45
CA THR B 121 38.40 13.80 -24.54
C THR B 121 38.29 15.25 -25.03
N LEU B 122 39.32 16.06 -24.79
CA LEU B 122 39.37 17.44 -25.34
C LEU B 122 39.60 17.36 -26.84
N VAL B 123 38.74 18.01 -27.62
CA VAL B 123 38.96 18.25 -29.08
C VAL B 123 38.96 19.76 -29.30
N THR B 124 39.94 20.27 -30.05
CA THR B 124 40.05 21.72 -30.40
C THR B 124 40.10 21.84 -31.93
N VAL B 125 39.24 22.70 -32.50
CA VAL B 125 39.18 22.94 -33.96
C VAL B 125 39.50 24.40 -34.27
N SER B 126 40.60 24.64 -34.98
CA SER B 126 41.08 26.00 -35.34
C SER B 126 41.94 25.96 -36.61
N SER B 127 41.90 27.06 -37.36
CA SER B 127 42.78 27.32 -38.53
C SER B 127 44.23 27.50 -38.04
N ALA B 128 44.42 27.89 -36.78
CA ALA B 128 45.71 28.34 -36.20
C ALA B 128 46.74 27.21 -36.19
N SER B 129 48.02 27.57 -36.33
CA SER B 129 49.18 26.65 -36.35
C SER B 129 49.98 26.81 -35.06
N THR B 130 50.73 25.77 -34.69
CA THR B 130 51.49 25.69 -33.42
C THR B 130 52.47 26.86 -33.32
N LYS B 131 52.28 27.73 -32.32
CA LYS B 131 53.16 28.89 -32.03
C LYS B 131 53.40 29.02 -30.52
N GLY B 132 54.66 29.23 -30.13
CA GLY B 132 55.06 29.51 -28.74
C GLY B 132 54.73 30.94 -28.33
N PRO B 133 54.53 31.19 -27.02
CA PRO B 133 54.12 32.51 -26.53
C PRO B 133 55.20 33.59 -26.65
N SER B 134 54.79 34.77 -27.08
CA SER B 134 55.54 36.03 -26.90
C SER B 134 55.35 36.46 -25.44
N VAL B 135 56.43 36.42 -24.65
CA VAL B 135 56.38 36.68 -23.18
C VAL B 135 56.91 38.09 -22.90
N PHE B 136 56.10 38.89 -22.22
CA PHE B 136 56.32 40.34 -21.95
C PHE B 136 56.24 40.57 -20.45
N PRO B 137 57.21 41.29 -19.83
CA PRO B 137 57.15 41.59 -18.41
C PRO B 137 56.09 42.64 -18.05
N LEU B 138 55.35 42.41 -16.97
CA LEU B 138 54.47 43.43 -16.35
C LEU B 138 55.21 44.01 -15.14
N ALA B 139 55.96 45.10 -15.37
CA ALA B 139 56.90 45.69 -14.40
C ALA B 139 56.17 46.43 -13.29
N PRO B 140 56.61 46.29 -12.01
CA PRO B 140 56.12 47.14 -10.93
C PRO B 140 56.80 48.52 -10.88
N SER B 141 56.19 49.48 -10.18
CA SER B 141 56.84 50.78 -9.81
C SER B 141 56.37 51.24 -8.42
N SER B 142 56.91 52.38 -7.97
CA SER B 142 56.67 53.03 -6.65
C SER B 142 55.27 53.67 -6.63
N GLY B 147 52.20 50.56 -0.95
CA GLY B 147 53.48 51.03 -0.40
C GLY B 147 54.29 49.90 0.23
N GLY B 148 53.66 49.08 1.08
CA GLY B 148 54.29 47.95 1.79
C GLY B 148 54.23 46.65 0.99
N THR B 149 53.23 46.50 0.12
CA THR B 149 53.05 45.29 -0.73
C THR B 149 52.84 45.72 -2.18
N ALA B 150 53.52 45.06 -3.10
CA ALA B 150 53.47 45.36 -4.55
C ALA B 150 53.10 44.08 -5.31
N ALA B 151 52.91 44.22 -6.62
CA ALA B 151 52.54 43.10 -7.51
C ALA B 151 53.30 43.27 -8.82
N LEU B 152 53.71 42.15 -9.40
CA LEU B 152 54.45 42.10 -10.68
C LEU B 152 54.01 40.86 -11.45
N GLY B 153 54.33 40.78 -12.75
CA GLY B 153 53.76 39.71 -13.59
C GLY B 153 54.42 39.51 -14.94
N CYS B 154 53.85 38.59 -15.71
CA CYS B 154 54.20 38.29 -17.11
C CYS B 154 52.92 38.14 -17.94
N LEU B 155 52.84 38.88 -19.05
CA LEU B 155 51.85 38.67 -20.14
C LEU B 155 52.40 37.58 -21.08
N VAL B 156 51.60 36.54 -21.33
CA VAL B 156 51.99 35.33 -22.10
C VAL B 156 51.07 35.24 -23.31
N LYS B 157 51.48 35.83 -24.43
CA LYS B 157 50.57 36.28 -25.52
C LYS B 157 50.82 35.48 -26.81
N ASP B 158 49.77 35.36 -27.64
CA ASP B 158 49.85 34.92 -29.06
C ASP B 158 50.44 33.50 -29.17
N TYR B 159 49.93 32.53 -28.39
CA TYR B 159 50.33 31.10 -28.47
C TYR B 159 49.16 30.22 -28.94
N PHE B 160 49.47 29.06 -29.52
CA PHE B 160 48.46 28.05 -29.95
C PHE B 160 49.14 26.69 -30.09
N PRO B 161 48.50 25.55 -29.71
CA PRO B 161 47.26 25.54 -28.93
C PRO B 161 47.50 25.73 -27.42
N GLU B 162 46.46 25.55 -26.61
CA GLU B 162 46.58 25.38 -25.14
C GLU B 162 47.35 24.08 -24.85
N PRO B 163 48.00 23.92 -23.67
CA PRO B 163 48.23 25.00 -22.70
C PRO B 163 49.66 25.58 -22.61
N VAL B 164 49.81 26.69 -21.89
CA VAL B 164 51.12 27.13 -21.30
C VAL B 164 51.12 26.77 -19.81
N THR B 165 52.31 26.62 -19.23
CA THR B 165 52.51 26.46 -17.76
C THR B 165 53.54 27.48 -17.29
N VAL B 166 53.29 28.11 -16.13
CA VAL B 166 54.13 29.21 -15.58
C VAL B 166 54.30 29.02 -14.07
N SER B 167 55.53 28.76 -13.62
CA SER B 167 55.95 28.89 -12.20
C SER B 167 56.64 30.25 -12.02
N TRP B 168 56.93 30.61 -10.76
CA TRP B 168 57.82 31.75 -10.44
C TRP B 168 59.06 31.24 -9.70
N ASN B 169 60.23 31.81 -10.02
CA ASN B 169 61.53 31.51 -9.38
C ASN B 169 61.74 29.99 -9.30
N SER B 170 61.48 29.28 -10.41
CA SER B 170 61.69 27.82 -10.60
C SER B 170 60.91 27.01 -9.54
N GLY B 171 59.74 27.52 -9.11
CA GLY B 171 58.83 26.84 -8.16
C GLY B 171 59.06 27.27 -6.71
N ALA B 172 60.08 28.08 -6.44
CA ALA B 172 60.42 28.55 -5.07
C ALA B 172 59.43 29.64 -4.62
N LEU B 173 58.67 30.23 -5.56
CA LEU B 173 57.66 31.29 -5.27
C LEU B 173 56.29 30.80 -5.73
N THR B 174 55.36 30.65 -4.77
CA THR B 174 54.02 30.02 -4.97
C THR B 174 52.95 30.79 -4.19
N SER B 175 53.24 31.21 -2.96
CA SER B 175 52.34 32.09 -2.14
C SER B 175 52.13 33.41 -2.88
N GLY B 176 50.89 33.91 -2.92
CA GLY B 176 50.52 35.19 -3.57
C GLY B 176 50.50 35.13 -5.09
N VAL B 177 50.79 33.96 -5.70
CA VAL B 177 50.80 33.79 -7.19
C VAL B 177 49.36 33.61 -7.68
N HIS B 178 49.04 34.24 -8.81
CA HIS B 178 47.79 33.97 -9.60
C HIS B 178 48.15 33.84 -11.08
N THR B 179 47.77 32.72 -11.71
CA THR B 179 47.75 32.60 -13.19
C THR B 179 46.29 32.59 -13.63
N PHE B 180 45.97 33.41 -14.63
CA PHE B 180 44.59 33.61 -15.12
C PHE B 180 44.28 32.57 -16.19
N PRO B 181 43.00 32.16 -16.34
CA PRO B 181 42.61 31.34 -17.48
C PRO B 181 42.88 32.11 -18.78
N ALA B 182 43.23 31.38 -19.84
CA ALA B 182 43.58 31.96 -21.14
C ALA B 182 42.34 32.52 -21.84
N VAL B 183 42.51 33.64 -22.53
CA VAL B 183 41.49 34.19 -23.45
C VAL B 183 41.96 33.91 -24.88
N LEU B 184 41.07 33.36 -25.69
CA LEU B 184 41.29 33.25 -27.15
C LEU B 184 41.12 34.65 -27.75
N GLN B 185 42.15 35.16 -28.42
CA GLN B 185 42.10 36.45 -29.16
C GLN B 185 41.43 36.24 -30.52
N SER B 186 40.92 37.29 -31.15
CA SER B 186 40.22 37.23 -32.47
C SER B 186 41.16 36.64 -33.53
N SER B 187 42.48 36.69 -33.31
CA SER B 187 43.55 36.15 -34.19
C SER B 187 43.58 34.62 -34.19
N GLY B 188 42.77 33.97 -33.36
CA GLY B 188 42.75 32.50 -33.21
C GLY B 188 43.89 32.00 -32.32
N LEU B 189 44.63 32.91 -31.67
CA LEU B 189 45.75 32.57 -30.74
C LEU B 189 45.35 32.94 -29.31
N TYR B 190 45.78 32.13 -28.34
CA TYR B 190 45.50 32.32 -26.89
C TYR B 190 46.44 33.38 -26.29
N SER B 191 46.03 33.94 -25.15
CA SER B 191 46.82 34.88 -24.31
C SER B 191 46.41 34.68 -22.85
N LEU B 192 47.36 34.72 -21.91
CA LEU B 192 47.05 34.83 -20.46
C LEU B 192 48.09 35.68 -19.73
N SER B 193 47.87 35.89 -18.43
CA SER B 193 48.85 36.56 -17.54
C SER B 193 49.07 35.71 -16.28
N SER B 194 50.31 35.69 -15.82
CA SER B 194 50.68 35.20 -14.48
C SER B 194 51.20 36.40 -13.68
N VAL B 195 50.77 36.51 -12.42
CA VAL B 195 51.12 37.65 -11.52
C VAL B 195 51.44 37.11 -10.14
N VAL B 196 52.10 37.92 -9.30
CA VAL B 196 52.44 37.56 -7.90
C VAL B 196 52.54 38.82 -7.04
N THR B 197 51.96 38.77 -5.84
CA THR B 197 52.12 39.82 -4.78
C THR B 197 53.44 39.59 -4.03
N VAL B 198 54.22 40.64 -3.82
CA VAL B 198 55.60 40.57 -3.25
C VAL B 198 55.80 41.67 -2.21
N PRO B 199 56.68 41.48 -1.19
CA PRO B 199 56.98 42.52 -0.22
C PRO B 199 57.78 43.69 -0.84
N SER B 200 57.22 44.89 -0.75
CA SER B 200 57.74 46.14 -1.34
C SER B 200 59.13 46.45 -0.75
N SER B 201 59.31 46.22 0.55
CA SER B 201 60.58 46.38 1.31
C SER B 201 61.76 45.73 0.55
N SER B 202 61.49 44.65 -0.18
CA SER B 202 62.51 43.79 -0.86
C SER B 202 62.29 43.78 -2.38
N LEU B 203 61.66 44.82 -2.93
CA LEU B 203 61.33 44.89 -4.39
C LEU B 203 62.64 44.99 -5.18
N GLY B 204 63.55 45.88 -4.76
CA GLY B 204 64.81 46.15 -5.48
C GLY B 204 65.96 45.24 -5.05
N THR B 205 65.70 44.14 -4.33
CA THR B 205 66.77 43.23 -3.81
C THR B 205 66.48 41.77 -4.16
N GLN B 206 65.22 41.33 -4.14
CA GLN B 206 64.83 39.97 -4.61
C GLN B 206 64.84 39.91 -6.13
N THR B 207 65.14 38.73 -6.68
CA THR B 207 65.03 38.43 -8.12
C THR B 207 63.64 37.81 -8.37
N TYR B 208 62.91 38.30 -9.36
CA TYR B 208 61.61 37.72 -9.79
C TYR B 208 61.70 37.32 -11.27
N ILE B 209 61.30 36.08 -11.56
CA ILE B 209 61.40 35.50 -12.92
C ILE B 209 60.23 34.52 -13.13
N CYS B 210 59.46 34.74 -14.17
CA CYS B 210 58.32 33.87 -14.56
C CYS B 210 58.85 32.79 -15.52
N ASN B 211 58.44 31.54 -15.30
CA ASN B 211 59.05 30.35 -15.94
C ASN B 211 58.07 29.79 -16.98
N VAL B 212 57.93 30.44 -18.13
CA VAL B 212 56.90 30.03 -19.15
C VAL B 212 57.41 28.79 -19.91
N ASN B 213 56.56 27.76 -20.01
CA ASN B 213 56.79 26.57 -20.87
C ASN B 213 55.53 26.33 -21.72
N HIS B 214 55.73 26.12 -23.03
CA HIS B 214 54.63 25.78 -23.97
C HIS B 214 54.92 24.40 -24.57
N LYS B 215 54.46 23.35 -23.88
CA LYS B 215 54.75 21.93 -24.25
C LYS B 215 54.38 21.68 -25.71
N PRO B 216 53.23 22.15 -26.27
CA PRO B 216 52.90 21.89 -27.67
C PRO B 216 53.90 22.38 -28.73
N SER B 217 54.77 23.35 -28.41
CA SER B 217 55.80 23.88 -29.35
C SER B 217 57.24 23.60 -28.85
N ASN B 218 57.40 23.11 -27.62
CA ASN B 218 58.71 22.96 -26.92
C ASN B 218 59.39 24.34 -26.79
N THR B 219 58.61 25.40 -26.66
CA THR B 219 59.11 26.76 -26.30
C THR B 219 59.27 26.85 -24.77
N LYS B 220 60.43 27.28 -24.32
CA LYS B 220 60.69 27.65 -22.90
C LYS B 220 61.22 29.09 -22.87
N VAL B 221 60.61 29.94 -22.04
CA VAL B 221 61.04 31.37 -21.85
C VAL B 221 60.95 31.71 -20.36
N ASP B 222 62.10 31.75 -19.70
CA ASP B 222 62.22 32.25 -18.31
C ASP B 222 62.43 33.77 -18.38
N LYS B 223 61.35 34.55 -18.28
CA LYS B 223 61.40 36.04 -18.41
C LYS B 223 61.60 36.68 -17.03
N LYS B 224 62.73 37.36 -16.86
CA LYS B 224 63.06 38.18 -15.66
C LYS B 224 62.10 39.39 -15.59
N VAL B 225 61.66 39.72 -14.39
CA VAL B 225 60.73 40.86 -14.13
C VAL B 225 61.30 41.73 -13.02
N GLU B 226 61.71 42.94 -13.38
CA GLU B 226 62.30 43.94 -12.45
C GLU B 226 61.55 45.26 -12.67
N PRO B 227 61.75 46.28 -11.80
CA PRO B 227 61.29 47.65 -12.10
C PRO B 227 61.99 48.24 -13.35
N LYS B 228 61.55 49.42 -13.79
CA LYS B 228 62.12 50.11 -14.98
C LYS B 228 62.84 51.39 -14.54
N ASN C 1 -23.23 15.14 -15.22
CA ASN C 1 -23.14 14.68 -16.64
C ASN C 1 -24.36 13.80 -16.93
N PHE C 2 -24.42 12.64 -16.27
CA PHE C 2 -25.60 11.75 -16.26
C PHE C 2 -26.54 12.19 -15.13
N MET C 3 -27.72 11.57 -15.08
CA MET C 3 -28.70 11.64 -13.96
C MET C 3 -29.07 10.22 -13.52
N LEU C 4 -29.60 10.07 -12.31
CA LEU C 4 -30.04 8.75 -11.77
C LEU C 4 -31.55 8.80 -11.49
N THR C 5 -32.32 7.87 -12.07
CA THR C 5 -33.80 7.85 -12.03
C THR C 5 -34.29 6.78 -11.05
N GLN C 6 -35.01 7.18 -10.01
CA GLN C 6 -35.56 6.28 -8.97
C GLN C 6 -37.08 6.31 -9.04
N PRO C 7 -37.76 5.22 -8.60
CA PRO C 7 -39.21 5.25 -8.38
C PRO C 7 -39.52 6.07 -7.12
N HIS C 8 -40.49 6.99 -7.21
CA HIS C 8 -40.77 8.05 -6.19
C HIS C 8 -41.05 7.43 -4.82
N SER C 9 -41.74 6.28 -4.79
CA SER C 9 -42.13 5.58 -3.54
C SER C 9 -42.37 4.09 -3.80
N VAL C 10 -42.14 3.27 -2.76
CA VAL C 10 -42.47 1.81 -2.77
C VAL C 10 -42.95 1.42 -1.37
N SER C 11 -43.82 0.40 -1.28
CA SER C 11 -44.62 0.11 -0.06
C SER C 11 -44.99 -1.38 0.00
N GLU C 12 -44.68 -2.05 1.12
CA GLU C 12 -44.77 -3.53 1.27
C GLU C 12 -44.89 -3.91 2.76
N SER C 13 -45.43 -5.12 3.04
CA SER C 13 -45.70 -5.64 4.40
C SER C 13 -44.42 -6.12 5.10
N PRO C 14 -44.42 -6.19 6.46
CA PRO C 14 -43.31 -6.77 7.21
C PRO C 14 -42.91 -8.19 6.78
N GLY C 15 -41.61 -8.50 6.83
CA GLY C 15 -41.05 -9.84 6.61
C GLY C 15 -41.07 -10.26 5.14
N LYS C 16 -41.36 -9.34 4.21
CA LYS C 16 -41.42 -9.63 2.76
C LYS C 16 -40.11 -9.16 2.09
N THR C 17 -40.16 -8.71 0.83
CA THR C 17 -38.97 -8.20 0.09
C THR C 17 -39.40 -7.14 -0.92
N VAL C 18 -38.65 -6.03 -1.00
CA VAL C 18 -38.84 -4.96 -2.03
C VAL C 18 -37.55 -4.79 -2.84
N THR C 19 -37.67 -4.21 -4.03
CA THR C 19 -36.52 -3.77 -4.85
C THR C 19 -36.75 -2.32 -5.30
N ILE C 20 -35.71 -1.50 -5.17
CA ILE C 20 -35.68 -0.10 -5.64
C ILE C 20 -34.67 -0.02 -6.78
N SER C 21 -35.08 0.53 -7.94
CA SER C 21 -34.23 0.67 -9.14
C SER C 21 -33.61 2.07 -9.19
N CYS C 22 -32.52 2.19 -9.95
CA CYS C 22 -31.74 3.44 -10.11
C CYS C 22 -31.16 3.47 -11.52
N THR C 23 -31.90 4.02 -12.49
CA THR C 23 -31.58 3.98 -13.93
C THR C 23 -30.71 5.20 -14.31
N ARG C 24 -29.54 4.93 -14.91
CA ARG C 24 -28.60 6.00 -15.38
C ARG C 24 -29.06 6.49 -16.76
N SER C 25 -29.24 7.82 -16.89
CA SER C 25 -29.81 8.48 -18.09
C SER C 25 -28.85 8.45 -19.29
N SER C 26 -27.54 8.44 -19.06
CA SER C 26 -26.52 8.57 -20.15
C SER C 26 -25.21 7.90 -19.74
N GLY C 27 -24.60 7.15 -20.67
CA GLY C 27 -23.43 6.30 -20.40
C GLY C 27 -23.78 5.07 -19.58
N SER C 28 -22.90 4.05 -19.58
CA SER C 28 -23.10 2.76 -18.87
C SER C 28 -23.20 3.00 -17.36
N ILE C 29 -24.19 2.36 -16.72
CA ILE C 29 -24.34 2.29 -15.23
C ILE C 29 -23.01 1.78 -14.64
N ALA C 30 -22.41 0.74 -15.23
CA ALA C 30 -21.20 0.04 -14.72
C ALA C 30 -19.90 0.83 -15.00
N SER C 31 -19.97 2.05 -15.55
CA SER C 31 -18.79 2.93 -15.83
C SER C 31 -18.08 3.29 -14.53
N ASN C 32 -18.86 3.55 -13.48
CA ASN C 32 -18.36 3.91 -12.13
C ASN C 32 -19.24 3.24 -11.07
N TYR C 33 -18.75 3.16 -9.84
CA TYR C 33 -19.41 2.49 -8.70
C TYR C 33 -20.70 3.21 -8.31
N VAL C 34 -21.74 2.45 -7.98
CA VAL C 34 -23.03 2.97 -7.48
C VAL C 34 -23.20 2.63 -5.99
N GLN C 35 -23.58 3.63 -5.21
CA GLN C 35 -23.77 3.60 -3.74
C GLN C 35 -25.26 3.77 -3.44
N TRP C 36 -25.70 3.35 -2.26
CA TRP C 36 -27.08 3.64 -1.76
C TRP C 36 -27.02 4.14 -0.32
N TYR C 37 -28.00 4.96 0.04
CA TYR C 37 -28.12 5.62 1.37
C TYR C 37 -29.55 5.48 1.90
N GLN C 38 -29.63 5.42 3.23
CA GLN C 38 -30.90 5.40 4.01
C GLN C 38 -30.97 6.71 4.79
N GLN C 39 -32.12 7.39 4.74
CA GLN C 39 -32.38 8.63 5.54
C GLN C 39 -33.74 8.50 6.22
N ARG C 40 -33.76 8.56 7.55
CA ARG C 40 -35.01 8.58 8.34
C ARG C 40 -35.40 10.05 8.56
N PRO C 41 -36.70 10.39 8.60
CA PRO C 41 -37.12 11.77 8.84
C PRO C 41 -36.48 12.35 10.12
N GLY C 42 -35.95 13.57 10.02
CA GLY C 42 -35.23 14.27 11.10
C GLY C 42 -33.88 13.62 11.40
N SER C 43 -33.23 13.04 10.39
CA SER C 43 -31.85 12.51 10.47
C SER C 43 -31.10 12.79 9.17
N SER C 44 -29.76 12.81 9.24
CA SER C 44 -28.86 12.86 8.07
C SER C 44 -28.85 11.47 7.42
N PRO C 45 -28.45 11.34 6.12
CA PRO C 45 -28.30 10.03 5.49
C PRO C 45 -27.13 9.18 6.06
N THR C 46 -27.12 7.90 5.69
CA THR C 46 -26.05 6.93 6.04
C THR C 46 -25.90 5.92 4.89
N THR C 47 -24.66 5.52 4.58
CA THR C 47 -24.37 4.48 3.56
C THR C 47 -25.06 3.16 3.92
N VAL C 48 -25.78 2.56 2.98
CA VAL C 48 -26.37 1.20 3.17
C VAL C 48 -25.78 0.24 2.12
N ILE C 49 -25.41 0.73 0.92
CA ILE C 49 -24.55 -0.02 -0.05
C ILE C 49 -23.44 0.92 -0.55
N TYR C 50 -22.24 0.38 -0.77
CA TYR C 50 -21.17 1.05 -1.55
C TYR C 50 -20.63 0.06 -2.60
N GLU C 51 -19.98 0.58 -3.65
CA GLU C 51 -19.34 -0.22 -4.73
C GLU C 51 -20.29 -1.32 -5.21
N ASP C 52 -21.48 -0.91 -5.66
CA ASP C 52 -22.49 -1.72 -6.39
C ASP C 52 -23.20 -2.71 -5.45
N ASN C 53 -22.44 -3.44 -4.62
CA ASN C 53 -23.01 -4.56 -3.80
C ASN C 53 -22.24 -4.80 -2.49
N GLN C 54 -21.37 -3.89 -2.07
CA GLN C 54 -20.66 -4.01 -0.75
C GLN C 54 -21.51 -3.33 0.34
N ARG C 55 -21.38 -3.78 1.59
CA ARG C 55 -22.11 -3.23 2.76
C ARG C 55 -21.09 -2.69 3.76
N PRO C 56 -21.32 -1.50 4.36
CA PRO C 56 -20.47 -1.05 5.46
C PRO C 56 -20.77 -1.89 6.71
N SER C 57 -19.76 -2.10 7.56
CA SER C 57 -19.86 -2.90 8.80
C SER C 57 -20.98 -2.32 9.69
N GLY C 58 -21.91 -3.17 10.13
CA GLY C 58 -23.07 -2.77 10.95
C GLY C 58 -24.38 -2.78 10.18
N VAL C 59 -24.34 -2.75 8.85
CA VAL C 59 -25.58 -2.84 8.01
C VAL C 59 -25.98 -4.31 7.90
N PRO C 60 -27.25 -4.67 8.21
CA PRO C 60 -27.73 -6.05 8.01
C PRO C 60 -27.67 -6.53 6.55
N ASP C 61 -27.36 -7.82 6.38
CA ASP C 61 -27.23 -8.49 5.05
C ASP C 61 -28.58 -8.46 4.33
N ARG C 62 -29.69 -8.27 5.06
CA ARG C 62 -31.06 -7.97 4.55
C ARG C 62 -31.04 -6.98 3.37
N PHE C 63 -30.15 -5.99 3.43
CA PHE C 63 -29.94 -4.95 2.37
C PHE C 63 -28.86 -5.46 1.40
N SER C 64 -29.17 -5.55 0.10
CA SER C 64 -28.22 -6.04 -0.93
C SER C 64 -28.34 -5.25 -2.22
N GLY C 65 -27.20 -4.81 -2.77
CA GLY C 65 -27.11 -4.02 -4.03
C GLY C 65 -26.83 -4.91 -5.22
N SER C 66 -27.16 -4.44 -6.42
CA SER C 66 -26.84 -5.14 -7.70
C SER C 66 -26.85 -4.16 -8.87
N ILE C 67 -26.30 -4.60 -10.01
CA ILE C 67 -26.23 -3.81 -11.28
C ILE C 67 -26.76 -4.68 -12.42
N ASP C 68 -27.68 -4.15 -13.22
CA ASP C 68 -28.08 -4.74 -14.53
C ASP C 68 -27.63 -3.79 -15.66
N SER C 69 -26.77 -4.29 -16.54
CA SER C 69 -26.18 -3.53 -17.67
C SER C 69 -27.21 -3.38 -18.80
N SER C 70 -28.29 -4.17 -18.78
CA SER C 70 -29.30 -4.29 -19.86
C SER C 70 -30.29 -3.12 -19.78
N SER C 71 -30.82 -2.88 -18.57
CA SER C 71 -31.74 -1.77 -18.23
C SER C 71 -30.96 -0.55 -17.74
N ASN C 72 -29.62 -0.58 -17.88
CA ASN C 72 -28.67 0.48 -17.46
C ASN C 72 -29.00 0.96 -16.04
N SER C 73 -29.28 0.01 -15.14
CA SER C 73 -29.85 0.31 -13.80
C SER C 73 -29.06 -0.37 -12.68
N ALA C 74 -28.80 0.38 -11.62
CA ALA C 74 -28.46 -0.18 -10.29
C ALA C 74 -29.77 -0.58 -9.60
N SER C 75 -29.67 -1.45 -8.59
CA SER C 75 -30.81 -1.84 -7.73
C SER C 75 -30.37 -2.01 -6.27
N LEU C 76 -31.31 -1.77 -5.36
CA LEU C 76 -31.20 -2.09 -3.91
C LEU C 76 -32.40 -2.97 -3.54
N THR C 77 -32.12 -4.24 -3.23
CA THR C 77 -33.12 -5.21 -2.72
C THR C 77 -33.06 -5.21 -1.19
N ILE C 78 -34.21 -5.02 -0.55
CA ILE C 78 -34.36 -4.99 0.93
C ILE C 78 -35.30 -6.13 1.32
N SER C 79 -34.82 -7.05 2.15
CA SER C 79 -35.53 -8.31 2.51
C SER C 79 -35.82 -8.35 4.02
N GLY C 80 -36.79 -9.20 4.41
CA GLY C 80 -37.24 -9.36 5.81
C GLY C 80 -37.65 -8.04 6.42
N LEU C 81 -38.52 -7.26 5.74
CA LEU C 81 -38.86 -5.85 6.07
C LEU C 81 -39.18 -5.69 7.57
N LYS C 82 -38.58 -4.67 8.18
CA LYS C 82 -38.71 -4.32 9.62
C LYS C 82 -39.29 -2.90 9.75
N THR C 83 -39.89 -2.58 10.90
CA THR C 83 -40.52 -1.27 11.21
C THR C 83 -39.48 -0.14 11.07
N GLU C 84 -38.18 -0.44 11.22
CA GLU C 84 -37.09 0.56 11.15
C GLU C 84 -36.76 0.92 9.68
N ASP C 85 -37.14 0.07 8.72
CA ASP C 85 -36.84 0.27 7.28
C ASP C 85 -37.68 1.42 6.71
N GLU C 86 -38.69 1.88 7.46
CA GLU C 86 -39.58 3.01 7.08
C GLU C 86 -38.73 4.30 6.98
N ALA C 87 -38.22 4.57 5.78
CA ALA C 87 -37.19 5.62 5.51
C ALA C 87 -37.22 6.05 4.03
N ASP C 88 -36.49 7.12 3.69
CA ASP C 88 -36.28 7.57 2.29
C ASP C 88 -34.89 7.11 1.83
N TYR C 89 -34.82 6.54 0.63
CA TYR C 89 -33.60 5.87 0.09
C TYR C 89 -33.14 6.58 -1.18
N TYR C 90 -31.83 6.72 -1.31
CA TYR C 90 -31.18 7.40 -2.44
C TYR C 90 -30.06 6.52 -2.99
N CYS C 91 -29.94 6.43 -4.31
CA CYS C 91 -28.69 5.95 -4.95
C CYS C 91 -27.78 7.16 -5.25
N GLN C 92 -26.45 6.94 -5.31
CA GLN C 92 -25.53 7.96 -5.87
C GLN C 92 -24.38 7.27 -6.62
N SER C 93 -23.87 7.95 -7.65
CA SER C 93 -22.66 7.52 -8.40
C SER C 93 -21.88 8.77 -8.82
N TYR C 94 -20.90 8.62 -9.70
CA TYR C 94 -20.04 9.78 -10.06
C TYR C 94 -19.45 9.66 -11.47
N ASP C 95 -19.09 10.84 -11.98
CA ASP C 95 -18.14 11.11 -13.08
C ASP C 95 -16.82 11.58 -12.45
N SER C 96 -15.76 11.69 -13.24
CA SER C 96 -14.46 12.26 -12.82
C SER C 96 -14.62 13.71 -12.33
N SER C 97 -15.70 14.41 -12.73
CA SER C 97 -15.92 15.87 -12.50
C SER C 97 -17.34 16.20 -11.97
N ASN C 98 -18.15 15.21 -11.54
CA ASN C 98 -19.37 15.51 -10.73
C ASN C 98 -19.88 14.27 -10.00
N GLN C 99 -20.50 14.47 -8.83
CA GLN C 99 -21.16 13.43 -8.01
C GLN C 99 -22.67 13.58 -8.19
N VAL C 100 -23.38 12.47 -8.45
CA VAL C 100 -24.79 12.47 -8.91
C VAL C 100 -25.62 11.60 -7.97
N PHE C 101 -26.70 12.15 -7.42
CA PHE C 101 -27.70 11.42 -6.60
C PHE C 101 -28.94 11.10 -7.46
N GLY C 102 -29.65 10.03 -7.06
CA GLY C 102 -31.01 9.72 -7.55
C GLY C 102 -32.06 10.54 -6.82
N GLY C 103 -33.23 10.72 -7.44
CA GLY C 103 -34.32 11.61 -6.98
C GLY C 103 -34.89 11.21 -5.62
N GLY C 104 -34.71 9.94 -5.25
CA GLY C 104 -35.22 9.39 -3.97
C GLY C 104 -36.32 8.35 -4.18
N THR C 105 -36.46 7.47 -3.19
CA THR C 105 -37.56 6.48 -3.09
C THR C 105 -38.02 6.41 -1.63
N LYS C 106 -39.25 6.80 -1.38
CA LYS C 106 -39.86 6.71 -0.03
C LYS C 106 -40.32 5.27 0.23
N LEU C 107 -39.80 4.64 1.29
CA LEU C 107 -40.26 3.29 1.74
C LEU C 107 -41.26 3.45 2.90
N THR C 108 -42.32 2.64 2.90
CA THR C 108 -43.32 2.55 3.98
C THR C 108 -43.66 1.08 4.25
N VAL C 109 -43.97 0.76 5.50
CA VAL C 109 -44.20 -0.64 5.96
C VAL C 109 -45.71 -0.87 6.10
N LEU C 110 -46.32 -1.46 5.06
CA LEU C 110 -47.79 -1.71 4.95
C LEU C 110 -48.17 -2.87 5.88
N GLY C 111 -48.26 -2.58 7.18
CA GLY C 111 -48.66 -3.57 8.21
C GLY C 111 -48.21 -3.13 9.60
N GLN C 112 -48.93 -2.17 10.17
CA GLN C 112 -48.74 -1.71 11.58
C GLN C 112 -50.11 -1.51 12.21
N PRO C 113 -50.23 -1.62 13.55
CA PRO C 113 -51.51 -1.52 14.23
C PRO C 113 -52.29 -0.22 13.96
N LYS C 114 -53.56 -0.36 13.62
CA LYS C 114 -54.53 0.76 13.49
C LYS C 114 -54.66 1.44 14.86
N ALA C 115 -54.72 2.77 14.88
CA ALA C 115 -54.93 3.58 16.09
C ALA C 115 -55.78 4.80 15.75
N ALA C 116 -56.92 4.97 16.43
CA ALA C 116 -57.85 6.11 16.26
C ALA C 116 -57.25 7.35 16.92
N PRO C 117 -57.51 8.57 16.40
CA PRO C 117 -56.89 9.78 16.94
C PRO C 117 -57.37 10.19 18.34
N SER C 118 -56.41 10.49 19.21
CA SER C 118 -56.60 11.32 20.42
C SER C 118 -56.80 12.77 19.98
N VAL C 119 -58.00 13.32 20.18
CA VAL C 119 -58.39 14.69 19.73
C VAL C 119 -58.62 15.61 20.93
N THR C 120 -58.09 16.84 20.85
CA THR C 120 -58.31 17.94 21.83
C THR C 120 -58.70 19.21 21.07
N LEU C 121 -59.54 20.05 21.67
CA LEU C 121 -60.00 21.33 21.08
C LEU C 121 -59.97 22.44 22.14
N PHE C 122 -59.32 23.56 21.81
CA PHE C 122 -59.28 24.78 22.66
C PHE C 122 -60.04 25.91 21.97
N PRO C 123 -60.78 26.73 22.76
CA PRO C 123 -61.43 27.93 22.24
C PRO C 123 -60.45 29.10 22.14
N PRO C 124 -60.82 30.17 21.41
CA PRO C 124 -60.07 31.43 21.43
C PRO C 124 -59.85 31.94 22.86
N SER C 125 -58.68 32.52 23.13
CA SER C 125 -58.32 33.04 24.48
C SER C 125 -58.88 34.45 24.68
N SER C 126 -59.04 34.86 25.95
CA SER C 126 -59.47 36.23 26.35
C SER C 126 -58.47 37.24 25.77
N GLU C 127 -57.17 36.96 25.87
CA GLU C 127 -56.08 37.80 25.34
C GLU C 127 -56.22 37.97 23.82
N GLU C 128 -56.54 36.90 23.10
CA GLU C 128 -56.67 36.93 21.61
C GLU C 128 -57.92 37.71 21.23
N LEU C 129 -59.01 37.56 21.98
CA LEU C 129 -60.28 38.30 21.76
C LEU C 129 -60.09 39.78 22.09
N GLN C 130 -59.24 40.11 23.09
CA GLN C 130 -58.84 41.51 23.42
C GLN C 130 -57.93 42.06 22.32
N ALA C 131 -57.16 41.21 21.64
CA ALA C 131 -56.36 41.56 20.44
C ALA C 131 -57.24 41.54 19.18
N ASN C 132 -58.56 41.41 19.33
CA ASN C 132 -59.61 41.54 18.27
C ASN C 132 -59.41 40.46 17.19
N LYS C 133 -59.07 39.23 17.61
CA LYS C 133 -58.93 38.02 16.75
C LYS C 133 -59.67 36.85 17.41
N ALA C 134 -59.81 35.72 16.71
CA ALA C 134 -60.23 34.45 17.33
C ALA C 134 -59.65 33.26 16.55
N THR C 135 -59.03 32.31 17.26
CA THR C 135 -58.53 31.04 16.69
C THR C 135 -59.04 29.86 17.52
N LEU C 136 -59.90 29.03 16.92
CA LEU C 136 -60.23 27.68 17.45
C LEU C 136 -59.07 26.74 17.10
N VAL C 137 -58.50 26.09 18.11
CA VAL C 137 -57.27 25.25 17.97
C VAL C 137 -57.64 23.78 18.20
N CYS C 138 -57.66 22.98 17.13
CA CYS C 138 -57.93 21.52 17.18
C CYS C 138 -56.61 20.75 16.99
N LEU C 139 -56.33 19.82 17.91
CA LEU C 139 -55.05 19.07 17.96
C LEU C 139 -55.34 17.57 17.92
N ILE C 140 -54.73 16.90 16.95
CA ILE C 140 -55.02 15.49 16.56
C ILE C 140 -53.73 14.69 16.70
N SER C 141 -53.77 13.61 17.48
CA SER C 141 -52.55 12.88 17.89
C SER C 141 -52.78 11.35 17.94
N ASP C 142 -51.67 10.61 17.94
CA ASP C 142 -51.57 9.15 18.22
C ASP C 142 -52.34 8.31 17.19
N PHE C 143 -52.64 8.84 15.99
CA PHE C 143 -53.37 8.09 14.94
C PHE C 143 -52.41 7.30 14.01
N TYR C 144 -52.87 6.14 13.54
CA TYR C 144 -52.22 5.36 12.44
C TYR C 144 -53.31 4.58 11.68
N PRO C 145 -53.37 4.62 10.32
CA PRO C 145 -52.38 5.28 9.45
C PRO C 145 -52.40 6.81 9.48
N GLY C 146 -51.35 7.44 8.94
CA GLY C 146 -51.11 8.89 9.01
C GLY C 146 -51.94 9.68 8.01
N ALA C 147 -53.21 9.31 7.82
CA ALA C 147 -54.14 9.99 6.89
C ALA C 147 -55.46 10.27 7.62
N VAL C 148 -55.83 11.54 7.75
CA VAL C 148 -57.07 12.01 8.44
C VAL C 148 -57.73 13.10 7.60
N THR C 149 -59.05 13.27 7.75
CA THR C 149 -59.77 14.48 7.30
C THR C 149 -60.38 15.16 8.53
N VAL C 150 -60.47 16.49 8.47
CA VAL C 150 -61.01 17.30 9.60
C VAL C 150 -62.02 18.30 9.03
N ALA C 151 -63.19 18.35 9.64
CA ALA C 151 -64.35 19.13 9.16
C ALA C 151 -64.97 19.89 10.33
N TRP C 152 -64.87 21.21 10.32
CA TRP C 152 -65.39 22.09 11.40
C TRP C 152 -66.92 22.24 11.29
N LYS C 153 -67.56 22.61 12.40
CA LYS C 153 -69.01 22.97 12.45
C LYS C 153 -69.21 24.25 13.26
N ALA C 154 -70.13 25.09 12.80
CA ALA C 154 -70.76 26.18 13.58
C ALA C 154 -72.21 25.76 13.84
N ASP C 155 -72.48 25.30 15.07
CA ASP C 155 -73.71 24.60 15.54
C ASP C 155 -73.99 23.35 14.69
N SER C 156 -74.26 23.49 13.40
CA SER C 156 -74.48 22.36 12.46
C SER C 156 -73.94 22.65 11.05
N SER C 157 -73.64 23.92 10.72
CA SER C 157 -73.17 24.33 9.38
C SER C 157 -71.71 23.96 9.20
N PRO C 158 -71.31 23.34 8.06
CA PRO C 158 -69.92 23.01 7.80
C PRO C 158 -69.10 24.28 7.51
N VAL C 159 -68.08 24.56 8.32
CA VAL C 159 -67.22 25.77 8.18
C VAL C 159 -66.04 25.41 7.27
N LYS C 160 -65.73 26.28 6.31
CA LYS C 160 -64.67 26.06 5.28
C LYS C 160 -63.72 27.27 5.17
N ALA C 161 -64.23 28.49 5.33
CA ALA C 161 -63.42 29.74 5.39
C ALA C 161 -62.65 29.80 6.72
N GLY C 162 -61.45 30.39 6.71
CA GLY C 162 -60.65 30.64 7.91
C GLY C 162 -59.89 29.42 8.41
N VAL C 163 -60.13 28.23 7.82
CA VAL C 163 -59.51 26.95 8.25
C VAL C 163 -58.11 26.81 7.62
N GLU C 164 -57.09 26.61 8.47
CA GLU C 164 -55.71 26.26 8.08
C GLU C 164 -55.35 24.94 8.78
N THR C 165 -54.92 23.93 8.03
CA THR C 165 -54.83 22.53 8.53
C THR C 165 -53.60 21.81 7.95
N THR C 166 -52.84 21.13 8.82
CA THR C 166 -51.52 20.51 8.49
C THR C 166 -51.69 19.19 7.74
N THR C 167 -50.77 18.90 6.82
CA THR C 167 -50.44 17.51 6.41
C THR C 167 -49.89 16.79 7.64
N PRO C 168 -50.39 15.57 7.98
CA PRO C 168 -49.91 14.84 9.16
C PRO C 168 -48.39 14.55 9.17
N SER C 169 -47.82 14.46 10.37
CA SER C 169 -46.38 14.17 10.60
C SER C 169 -46.22 13.05 11.63
N LYS C 170 -45.20 12.20 11.43
CA LYS C 170 -44.95 11.00 12.27
C LYS C 170 -44.34 11.45 13.61
N GLN C 171 -44.91 10.97 14.71
CA GLN C 171 -44.50 11.22 16.12
C GLN C 171 -43.38 10.25 16.51
N SER C 172 -42.79 10.45 17.70
CA SER C 172 -41.76 9.56 18.29
C SER C 172 -42.29 8.14 18.54
N ASN C 173 -43.62 7.96 18.66
CA ASN C 173 -44.25 6.65 18.98
C ASN C 173 -44.82 5.98 17.71
N ASN C 174 -44.23 6.28 16.53
CA ASN C 174 -44.55 5.71 15.19
C ASN C 174 -45.96 6.10 14.71
N LYS C 175 -46.82 6.65 15.57
CA LYS C 175 -48.15 7.19 15.17
C LYS C 175 -47.96 8.60 14.59
N TYR C 176 -49.04 9.27 14.20
CA TYR C 176 -48.99 10.59 13.51
C TYR C 176 -49.73 11.65 14.33
N ALA C 177 -49.39 12.92 14.06
CA ALA C 177 -50.03 14.12 14.63
C ALA C 177 -50.46 15.06 13.50
N ALA C 178 -51.46 15.90 13.77
CA ALA C 178 -51.91 16.98 12.89
C ALA C 178 -52.53 18.11 13.72
N SER C 179 -52.43 19.33 13.19
CA SER C 179 -53.02 20.56 13.76
C SER C 179 -54.07 21.10 12.79
N SER C 180 -55.20 21.59 13.30
CA SER C 180 -56.22 22.32 12.52
C SER C 180 -56.64 23.60 13.27
N TYR C 181 -56.68 24.72 12.57
CA TYR C 181 -56.92 26.06 13.15
C TYR C 181 -58.06 26.74 12.38
N LEU C 182 -59.19 26.95 13.04
CA LEU C 182 -60.31 27.73 12.45
C LEU C 182 -60.21 29.19 12.95
N SER C 183 -59.76 30.07 12.05
CA SER C 183 -59.72 31.55 12.23
C SER C 183 -61.15 32.11 12.18
N LEU C 184 -61.51 32.92 13.16
CA LEU C 184 -62.82 33.63 13.24
C LEU C 184 -62.61 35.09 13.64
N THR C 185 -63.67 35.89 13.57
CA THR C 185 -63.77 37.20 14.29
C THR C 185 -64.37 36.94 15.67
N PRO C 186 -64.12 37.82 16.66
CA PRO C 186 -64.67 37.66 18.01
C PRO C 186 -66.21 37.56 18.09
N GLU C 187 -66.91 38.10 17.08
CA GLU C 187 -68.40 38.14 17.00
C GLU C 187 -68.90 36.80 16.43
N GLN C 188 -68.24 36.27 15.38
CA GLN C 188 -68.57 34.95 14.77
C GLN C 188 -68.54 33.84 15.83
N TRP C 189 -67.51 33.86 16.68
CA TRP C 189 -67.31 32.95 17.84
C TRP C 189 -68.51 33.02 18.80
N LYS C 190 -69.31 34.10 18.77
CA LYS C 190 -70.37 34.34 19.78
C LYS C 190 -71.78 34.44 19.18
N SER C 191 -71.92 34.50 17.85
CA SER C 191 -73.23 34.49 17.13
C SER C 191 -73.80 33.07 17.10
N HIS C 192 -72.92 32.05 17.18
CA HIS C 192 -73.28 30.60 17.18
C HIS C 192 -73.26 30.08 18.62
N ARG C 193 -74.08 29.07 18.92
CA ARG C 193 -74.21 28.52 20.30
C ARG C 193 -72.98 27.67 20.64
N SER C 194 -72.36 27.06 19.63
CA SER C 194 -71.22 26.10 19.77
C SER C 194 -70.45 25.94 18.45
N TYR C 195 -69.16 25.62 18.55
CA TYR C 195 -68.31 25.22 17.40
C TYR C 195 -67.68 23.85 17.70
N SER C 196 -67.71 22.93 16.74
CA SER C 196 -67.09 21.58 16.89
C SER C 196 -66.01 21.34 15.82
N CYS C 197 -65.00 20.56 16.23
CA CYS C 197 -63.94 19.97 15.37
C CYS C 197 -64.24 18.46 15.25
N GLN C 198 -64.62 18.02 14.05
CA GLN C 198 -64.87 16.59 13.75
C GLN C 198 -63.68 16.06 12.96
N VAL C 199 -63.09 14.94 13.39
CA VAL C 199 -61.93 14.27 12.74
C VAL C 199 -62.36 12.88 12.29
N THR C 200 -62.14 12.57 11.01
CA THR C 200 -62.51 11.25 10.41
C THR C 200 -61.22 10.48 10.08
N HIS C 201 -61.22 9.20 10.45
CA HIS C 201 -60.05 8.28 10.44
C HIS C 201 -60.53 6.85 10.27
N GLU C 202 -60.04 6.15 9.23
CA GLU C 202 -60.45 4.77 8.83
C GLU C 202 -61.99 4.66 8.85
N GLY C 203 -62.68 5.70 8.38
CA GLY C 203 -64.16 5.73 8.28
C GLY C 203 -64.83 6.13 9.58
N SER C 204 -64.19 5.91 10.73
CA SER C 204 -64.69 6.32 12.07
C SER C 204 -64.55 7.83 12.26
N THR C 205 -65.36 8.43 13.13
CA THR C 205 -65.32 9.89 13.40
C THR C 205 -65.23 10.14 14.91
N VAL C 206 -64.38 11.12 15.29
CA VAL C 206 -64.16 11.58 16.69
C VAL C 206 -64.40 13.11 16.72
N GLU C 207 -65.12 13.58 17.74
CA GLU C 207 -65.58 15.00 17.82
C GLU C 207 -65.25 15.59 19.19
N LYS C 208 -64.83 16.87 19.18
CA LYS C 208 -64.89 17.77 20.35
C LYS C 208 -65.67 19.03 19.95
N THR C 209 -66.37 19.63 20.91
CA THR C 209 -67.15 20.88 20.74
C THR C 209 -66.83 21.84 21.88
N VAL C 210 -66.90 23.15 21.62
CA VAL C 210 -66.67 24.24 22.62
C VAL C 210 -67.66 25.38 22.38
N ALA C 211 -67.92 26.19 23.43
CA ALA C 211 -68.84 27.34 23.39
C ALA C 211 -68.27 28.50 24.20
N PRO C 212 -68.65 29.76 23.89
CA PRO C 212 -68.30 30.90 24.74
C PRO C 212 -68.79 30.71 26.17
N THR C 213 -67.85 30.63 27.12
CA THR C 213 -68.11 30.38 28.56
C THR C 213 -67.06 31.14 29.38
N GLU D 1 -17.41 9.38 16.83
CA GLU D 1 -15.94 9.64 16.80
C GLU D 1 -15.65 10.60 15.64
N VAL D 2 -15.81 10.16 14.39
CA VAL D 2 -15.91 11.09 13.23
C VAL D 2 -17.11 12.01 13.49
N GLN D 3 -16.94 13.33 13.32
CA GLN D 3 -18.03 14.33 13.53
C GLN D 3 -17.86 15.51 12.55
N LEU D 4 -18.98 15.89 11.94
CA LEU D 4 -19.12 17.06 11.02
C LEU D 4 -20.18 17.99 11.58
N VAL D 5 -19.92 19.30 11.60
CA VAL D 5 -20.82 20.32 12.21
C VAL D 5 -20.87 21.54 11.30
N GLU D 6 -22.03 21.75 10.66
CA GLU D 6 -22.28 22.92 9.77
C GLU D 6 -22.62 24.14 10.64
N SER D 7 -22.30 25.34 10.13
CA SER D 7 -22.61 26.63 10.78
C SER D 7 -22.87 27.72 9.72
N GLY D 8 -23.64 28.74 10.10
CA GLY D 8 -24.29 29.69 9.18
C GLY D 8 -25.71 29.24 8.85
N GLY D 9 -26.34 29.88 7.86
CA GLY D 9 -27.70 29.53 7.44
C GLY D 9 -28.74 30.33 8.22
N GLY D 10 -29.78 30.78 7.52
CA GLY D 10 -30.87 31.59 8.09
C GLY D 10 -31.72 32.19 6.99
N LEU D 11 -32.44 33.28 7.32
CA LEU D 11 -33.29 34.04 6.37
C LEU D 11 -32.40 35.01 5.59
N VAL D 12 -32.49 34.98 4.26
CA VAL D 12 -31.76 35.91 3.35
C VAL D 12 -32.67 36.19 2.13
N LYS D 13 -32.51 37.34 1.49
CA LYS D 13 -33.40 37.76 0.37
C LYS D 13 -32.78 37.37 -0.96
N PRO D 14 -33.59 37.10 -2.02
CA PRO D 14 -33.06 36.83 -3.36
C PRO D 14 -32.09 37.93 -3.84
N GLY D 15 -31.10 37.53 -4.65
CA GLY D 15 -29.99 38.40 -5.08
C GLY D 15 -28.93 38.51 -4.00
N GLY D 16 -29.24 38.17 -2.75
CA GLY D 16 -28.34 38.27 -1.59
C GLY D 16 -27.22 37.23 -1.59
N SER D 17 -26.45 37.22 -0.51
CA SER D 17 -25.24 36.37 -0.34
C SER D 17 -25.17 35.82 1.09
N LEU D 18 -24.56 34.63 1.24
CA LEU D 18 -24.27 33.97 2.53
C LEU D 18 -22.92 33.24 2.45
N ARG D 19 -22.33 32.91 3.59
CA ARG D 19 -21.22 31.93 3.68
C ARG D 19 -21.55 30.91 4.75
N LEU D 20 -21.46 29.63 4.39
CA LEU D 20 -21.58 28.48 5.31
C LEU D 20 -20.17 27.99 5.64
N SER D 21 -20.01 27.47 6.87
CA SER D 21 -18.79 26.79 7.34
C SER D 21 -19.16 25.40 7.85
N CYS D 22 -18.21 24.49 7.87
CA CYS D 22 -18.36 23.14 8.43
C CYS D 22 -17.04 22.73 9.09
N ALA D 23 -17.08 22.47 10.41
CA ALA D 23 -15.93 21.95 11.19
C ALA D 23 -15.92 20.42 11.08
N ALA D 24 -14.74 19.84 10.85
CA ALA D 24 -14.54 18.39 10.67
C ALA D 24 -13.61 17.85 11.78
N SER D 25 -13.84 16.59 12.19
CA SER D 25 -13.07 15.92 13.26
C SER D 25 -13.13 14.39 13.11
N GLY D 26 -12.11 13.70 13.62
CA GLY D 26 -12.07 12.23 13.75
C GLY D 26 -11.52 11.55 12.51
N PHE D 27 -11.14 12.29 11.46
CA PHE D 27 -10.54 11.72 10.22
C PHE D 27 -9.47 12.65 9.65
N THR D 28 -8.73 12.17 8.65
CA THR D 28 -7.63 12.92 8.00
C THR D 28 -8.23 13.91 6.98
N PHE D 29 -8.64 15.08 7.45
CA PHE D 29 -9.32 16.12 6.64
C PHE D 29 -8.45 16.50 5.43
N SER D 30 -7.13 16.54 5.64
CA SER D 30 -6.08 16.79 4.61
C SER D 30 -6.25 15.81 3.43
N ASN D 31 -6.46 14.53 3.74
CA ASN D 31 -6.51 13.40 2.77
C ASN D 31 -7.90 13.34 2.12
N ALA D 32 -8.93 13.76 2.84
CA ALA D 32 -10.33 13.70 2.38
C ALA D 32 -10.60 14.63 1.19
N TRP D 33 -11.28 14.12 0.16
CA TRP D 33 -12.18 14.95 -0.69
C TRP D 33 -13.36 15.39 0.20
N MET D 34 -13.97 16.53 -0.08
CA MET D 34 -15.13 17.04 0.69
C MET D 34 -16.17 17.60 -0.27
N SER D 35 -17.46 17.39 0.00
CA SER D 35 -18.57 17.87 -0.87
C SER D 35 -19.67 18.52 -0.03
N TRP D 36 -20.38 19.47 -0.61
CA TRP D 36 -21.66 20.00 -0.07
C TRP D 36 -22.83 19.37 -0.81
N VAL D 37 -23.83 18.92 -0.06
CA VAL D 37 -25.08 18.32 -0.58
C VAL D 37 -26.24 19.03 0.12
N ARG D 38 -27.27 19.43 -0.64
CA ARG D 38 -28.43 20.16 -0.06
C ARG D 38 -29.72 19.38 -0.27
N GLN D 39 -30.69 19.62 0.61
CA GLN D 39 -32.01 18.95 0.60
C GLN D 39 -33.10 20.02 0.71
N ALA D 40 -33.85 20.23 -0.38
CA ALA D 40 -34.99 21.18 -0.44
C ALA D 40 -36.14 20.60 0.39
N PRO D 41 -36.97 21.46 1.05
CA PRO D 41 -38.06 20.95 1.88
C PRO D 41 -38.98 19.92 1.18
N GLY D 42 -39.11 18.75 1.80
CA GLY D 42 -39.97 17.64 1.34
C GLY D 42 -39.47 16.99 0.07
N LYS D 43 -38.16 17.08 -0.22
CA LYS D 43 -37.57 16.65 -1.51
C LYS D 43 -36.23 15.94 -1.29
N GLY D 44 -35.60 15.51 -2.39
CA GLY D 44 -34.41 14.63 -2.38
C GLY D 44 -33.11 15.39 -2.19
N LEU D 45 -31.99 14.69 -2.41
CA LEU D 45 -30.62 15.22 -2.20
C LEU D 45 -30.06 15.72 -3.54
N GLU D 46 -29.55 16.95 -3.54
CA GLU D 46 -28.82 17.55 -4.68
C GLU D 46 -27.37 17.83 -4.27
N TRP D 47 -26.40 17.25 -4.97
CA TRP D 47 -24.96 17.59 -4.81
C TRP D 47 -24.74 19.01 -5.34
N VAL D 48 -24.14 19.87 -4.53
CA VAL D 48 -23.90 21.31 -4.83
C VAL D 48 -22.51 21.43 -5.48
N GLY D 49 -21.50 20.79 -4.89
CA GLY D 49 -20.12 20.83 -5.40
C GLY D 49 -19.16 20.04 -4.53
N ARG D 50 -17.94 19.87 -5.04
CA ARG D 50 -16.84 19.09 -4.40
C ARG D 50 -15.58 19.97 -4.34
N ILE D 51 -14.75 19.73 -3.34
CA ILE D 51 -13.32 20.14 -3.36
C ILE D 51 -12.48 18.88 -3.10
N LYS D 52 -11.52 18.60 -4.00
CA LYS D 52 -10.61 17.42 -3.87
C LYS D 52 -9.64 17.69 -2.71
N SER D 53 -8.83 16.69 -2.34
CA SER D 53 -7.73 16.85 -1.35
C SER D 53 -6.66 17.80 -1.92
N LYS D 54 -5.90 18.49 -1.06
CA LYS D 54 -4.67 19.21 -1.50
C LYS D 54 -3.76 18.21 -2.25
N THR D 55 -3.70 16.96 -1.79
CA THR D 55 -2.90 15.86 -2.39
C THR D 55 -3.35 15.58 -3.83
N ASP D 56 -4.63 15.79 -4.13
CA ASP D 56 -5.25 15.54 -5.46
C ASP D 56 -5.05 16.73 -6.41
N GLY D 57 -4.66 17.89 -5.88
CA GLY D 57 -4.60 19.16 -6.63
C GLY D 57 -5.55 20.21 -6.08
N GLY D 58 -6.41 19.84 -5.13
CA GLY D 58 -7.26 20.78 -4.35
C GLY D 58 -8.35 21.45 -5.19
N THR D 59 -8.61 20.98 -6.41
CA THR D 59 -9.56 21.63 -7.37
C THR D 59 -11.02 21.42 -6.93
N THR D 60 -11.92 22.29 -7.41
CA THR D 60 -13.36 22.30 -7.06
C THR D 60 -14.22 22.02 -8.29
N ASP D 61 -15.24 21.14 -8.12
CA ASP D 61 -16.29 20.84 -9.13
C ASP D 61 -17.65 21.34 -8.63
N TYR D 62 -18.57 21.67 -9.55
CA TYR D 62 -19.88 22.27 -9.22
C TYR D 62 -21.01 21.71 -10.10
N ALA D 63 -22.20 21.58 -9.51
CA ALA D 63 -23.47 21.26 -10.21
C ALA D 63 -23.87 22.41 -11.15
N ALA D 64 -24.93 22.22 -11.93
CA ALA D 64 -25.37 23.18 -12.96
C ALA D 64 -25.99 24.43 -12.31
N PRO D 65 -26.98 24.34 -11.39
CA PRO D 65 -27.66 25.54 -10.89
C PRO D 65 -26.83 26.51 -10.04
N VAL D 66 -25.60 26.16 -9.65
CA VAL D 66 -24.80 26.90 -8.63
C VAL D 66 -23.41 27.31 -9.16
N LYS D 67 -23.01 26.82 -10.33
CA LYS D 67 -21.69 27.13 -10.95
C LYS D 67 -21.68 28.62 -11.33
N GLY D 68 -20.59 29.31 -10.98
CA GLY D 68 -20.43 30.77 -11.18
C GLY D 68 -21.25 31.58 -10.20
N ARG D 69 -21.91 30.95 -9.22
CA ARG D 69 -22.72 31.63 -8.17
C ARG D 69 -22.18 31.29 -6.78
N PHE D 70 -21.82 30.03 -6.56
CA PHE D 70 -21.26 29.53 -5.27
C PHE D 70 -19.76 29.23 -5.46
N THR D 71 -19.04 29.11 -4.35
CA THR D 71 -17.60 28.77 -4.33
C THR D 71 -17.30 27.93 -3.09
N ILE D 72 -16.64 26.79 -3.28
CA ILE D 72 -16.20 25.93 -2.15
C ILE D 72 -14.72 26.24 -1.88
N SER D 73 -14.34 26.25 -0.60
CA SER D 73 -12.93 26.41 -0.16
C SER D 73 -12.73 25.70 1.18
N ARG D 74 -11.48 25.58 1.63
CA ARG D 74 -11.15 24.86 2.89
C ARG D 74 -9.98 25.55 3.61
N ASP D 75 -10.02 25.50 4.93
CA ASP D 75 -8.89 25.86 5.82
C ASP D 75 -8.47 24.57 6.56
N ASP D 76 -7.47 23.86 6.04
CA ASP D 76 -6.94 22.60 6.63
C ASP D 76 -6.39 22.89 8.03
N SER D 77 -5.83 24.08 8.25
CA SER D 77 -5.29 24.55 9.55
C SER D 77 -6.39 24.55 10.62
N LYS D 78 -7.65 24.75 10.23
CA LYS D 78 -8.82 24.73 11.13
C LYS D 78 -9.70 23.51 10.85
N ASN D 79 -9.21 22.54 10.05
CA ASN D 79 -9.95 21.33 9.62
C ASN D 79 -11.39 21.74 9.22
N THR D 80 -11.51 22.82 8.44
CA THR D 80 -12.81 23.49 8.16
C THR D 80 -13.06 23.57 6.65
N LEU D 81 -14.30 23.29 6.26
CA LEU D 81 -14.83 23.44 4.88
C LEU D 81 -15.71 24.68 4.82
N TYR D 82 -15.79 25.35 3.67
CA TYR D 82 -16.66 26.53 3.44
C TYR D 82 -17.53 26.34 2.19
N LEU D 83 -18.66 27.04 2.17
CA LEU D 83 -19.42 27.35 0.93
C LEU D 83 -19.74 28.84 0.92
N GLN D 84 -19.12 29.59 0.02
CA GLN D 84 -19.56 30.96 -0.34
C GLN D 84 -20.75 30.84 -1.29
N MET D 85 -21.78 31.67 -1.07
CA MET D 85 -23.04 31.63 -1.85
C MET D 85 -23.42 33.06 -2.25
N ASN D 86 -23.48 33.35 -3.56
CA ASN D 86 -23.81 34.70 -4.07
C ASN D 86 -25.01 34.59 -5.03
N SER D 87 -25.66 35.72 -5.29
CA SER D 87 -26.76 35.83 -6.29
C SER D 87 -27.83 34.77 -5.96
N LEU D 88 -28.27 34.71 -4.69
CA LEU D 88 -29.17 33.64 -4.17
C LEU D 88 -30.56 33.70 -4.80
N LYS D 89 -31.22 32.54 -4.88
CA LYS D 89 -32.57 32.37 -5.47
C LYS D 89 -33.47 31.56 -4.53
N THR D 90 -34.78 31.65 -4.75
CA THR D 90 -35.83 30.81 -4.07
C THR D 90 -35.41 29.34 -4.11
N GLU D 91 -34.85 28.87 -5.24
CA GLU D 91 -34.46 27.46 -5.52
C GLU D 91 -33.33 27.00 -4.58
N ASP D 92 -32.56 27.93 -3.98
CA ASP D 92 -31.43 27.57 -3.10
C ASP D 92 -31.92 27.32 -1.66
N THR D 93 -33.22 27.44 -1.41
CA THR D 93 -33.85 27.17 -0.09
C THR D 93 -33.78 25.68 0.21
N ALA D 94 -32.90 25.30 1.16
CA ALA D 94 -32.60 23.90 1.47
C ALA D 94 -31.84 23.78 2.81
N VAL D 95 -31.82 22.58 3.38
CA VAL D 95 -30.85 22.20 4.44
C VAL D 95 -29.54 21.82 3.72
N TYR D 96 -28.42 22.43 4.12
CA TYR D 96 -27.08 22.21 3.51
C TYR D 96 -26.24 21.35 4.45
N TYR D 97 -25.81 20.18 3.97
CA TYR D 97 -24.89 19.25 4.68
C TYR D 97 -23.48 19.31 4.06
N CYS D 98 -22.45 19.19 4.90
CA CYS D 98 -21.06 18.89 4.46
C CYS D 98 -20.83 17.38 4.56
N THR D 99 -20.07 16.81 3.62
CA THR D 99 -20.02 15.34 3.40
C THR D 99 -18.66 14.83 2.92
N THR D 100 -18.35 13.58 3.25
CA THR D 100 -17.27 12.74 2.66
C THR D 100 -17.50 11.28 3.05
N GLY D 101 -16.53 10.40 2.77
CA GLY D 101 -16.55 8.99 3.20
C GLY D 101 -15.26 8.56 3.88
N SER D 102 -15.18 7.28 4.23
CA SER D 102 -13.98 6.62 4.79
C SER D 102 -12.83 6.64 3.78
N GLU D 103 -11.64 7.03 4.25
CA GLU D 103 -10.35 7.04 3.50
C GLU D 103 -10.07 5.66 2.89
N THR D 104 -10.65 4.59 3.44
CA THR D 104 -10.45 3.19 2.99
C THR D 104 -11.09 2.97 1.61
N TYR D 105 -12.08 3.78 1.21
CA TYR D 105 -12.95 3.50 0.03
C TYR D 105 -12.88 4.64 -1.00
N TYR D 106 -11.73 5.30 -1.13
CA TYR D 106 -11.55 6.46 -2.04
C TYR D 106 -11.09 6.00 -3.44
N TYR D 107 -11.76 6.54 -4.46
CA TYR D 107 -11.46 6.36 -5.90
C TYR D 107 -11.93 7.61 -6.64
N ASP D 108 -11.08 8.19 -7.48
CA ASP D 108 -11.38 9.41 -8.30
C ASP D 108 -11.89 10.58 -7.43
N SER D 109 -11.22 10.84 -6.30
CA SER D 109 -11.58 11.89 -5.30
C SER D 109 -13.06 11.76 -4.94
N SER D 110 -13.52 10.52 -4.77
CA SER D 110 -14.94 10.14 -4.59
C SER D 110 -14.99 8.82 -3.81
N GLY D 111 -16.20 8.31 -3.57
CA GLY D 111 -16.41 7.10 -2.77
C GLY D 111 -17.79 7.13 -2.15
N PRO D 112 -18.07 6.28 -1.14
CA PRO D 112 -19.31 6.40 -0.39
C PRO D 112 -19.34 7.72 0.41
N PHE D 113 -20.54 8.23 0.63
CA PHE D 113 -20.82 9.39 1.52
C PHE D 113 -21.15 8.84 2.89
N ASP D 114 -20.16 8.30 3.60
CA ASP D 114 -20.33 7.66 4.93
C ASP D 114 -20.62 8.72 6.00
N TYR D 115 -20.14 9.95 5.80
CA TYR D 115 -20.10 11.00 6.87
C TYR D 115 -20.88 12.23 6.41
N TRP D 116 -21.87 12.63 7.23
CA TRP D 116 -22.73 13.83 7.07
C TRP D 116 -22.76 14.57 8.41
N GLY D 117 -23.00 15.89 8.39
CA GLY D 117 -23.20 16.69 9.62
C GLY D 117 -24.65 16.67 10.07
N GLN D 118 -25.11 17.76 10.69
CA GLN D 118 -26.51 17.94 11.13
C GLN D 118 -27.31 18.60 10.00
N GLY D 119 -26.67 19.51 9.25
CA GLY D 119 -27.28 20.29 8.15
C GLY D 119 -27.81 21.62 8.62
N THR D 120 -27.38 22.74 8.01
CA THR D 120 -27.90 24.09 8.33
C THR D 120 -28.93 24.55 7.29
N LEU D 121 -30.06 25.04 7.78
CA LEU D 121 -31.18 25.56 6.96
C LEU D 121 -30.80 26.92 6.34
N VAL D 122 -30.98 27.04 5.03
CA VAL D 122 -30.95 28.34 4.30
C VAL D 122 -32.35 28.60 3.76
N THR D 123 -32.91 29.77 4.07
CA THR D 123 -34.25 30.21 3.65
C THR D 123 -34.11 31.45 2.76
N VAL D 124 -34.29 31.32 1.44
CA VAL D 124 -34.19 32.47 0.51
C VAL D 124 -35.60 32.96 0.18
N SER D 125 -36.00 34.08 0.78
CA SER D 125 -37.36 34.67 0.64
C SER D 125 -37.30 36.20 0.66
N SER D 126 -38.15 36.84 -0.15
CA SER D 126 -38.37 38.30 -0.16
C SER D 126 -38.97 38.75 1.18
N ALA D 127 -39.63 37.86 1.91
CA ALA D 127 -40.24 38.13 3.24
C ALA D 127 -39.16 38.46 4.27
N SER D 128 -39.55 39.23 5.28
CA SER D 128 -38.69 39.58 6.46
C SER D 128 -39.13 38.73 7.65
N THR D 129 -38.27 38.65 8.67
CA THR D 129 -38.58 37.93 9.93
C THR D 129 -39.79 38.55 10.62
N LYS D 130 -40.73 37.70 11.06
CA LYS D 130 -41.93 38.09 11.83
C LYS D 130 -41.92 37.32 13.16
N GLY D 131 -41.86 38.02 14.29
CA GLY D 131 -41.95 37.40 15.62
C GLY D 131 -43.38 36.94 15.94
N PRO D 132 -43.54 35.83 16.69
CA PRO D 132 -44.87 35.31 17.03
C PRO D 132 -45.63 36.06 18.12
N SER D 133 -46.96 36.02 18.04
CA SER D 133 -47.85 36.25 19.21
C SER D 133 -47.96 34.94 19.98
N VAL D 134 -47.91 35.00 21.31
CA VAL D 134 -48.00 33.81 22.20
C VAL D 134 -49.21 33.97 23.11
N PHE D 135 -50.21 33.09 22.97
CA PHE D 135 -51.51 33.16 23.67
C PHE D 135 -51.70 31.91 24.54
N PRO D 136 -52.25 32.06 25.77
CA PRO D 136 -52.50 30.92 26.65
C PRO D 136 -53.76 30.14 26.24
N LEU D 137 -53.61 28.84 25.99
CA LEU D 137 -54.75 27.90 25.79
C LEU D 137 -55.14 27.37 27.17
N ALA D 138 -55.94 28.17 27.90
CA ALA D 138 -56.38 27.94 29.30
C ALA D 138 -57.09 26.60 29.41
N PRO D 139 -56.97 25.88 30.55
CA PRO D 139 -57.67 24.62 30.74
C PRO D 139 -59.19 24.84 30.76
N SER D 140 -59.93 23.97 30.07
CA SER D 140 -61.41 24.04 29.95
C SER D 140 -62.03 23.90 31.35
N SER D 141 -62.60 24.98 31.89
CA SER D 141 -63.12 25.08 33.28
C SER D 141 -64.39 24.24 33.44
N LYS D 142 -64.24 22.91 33.30
CA LYS D 142 -65.23 21.87 33.68
C LYS D 142 -64.44 20.73 34.33
N SER D 143 -64.48 19.52 33.76
CA SER D 143 -63.87 18.28 34.33
C SER D 143 -64.35 18.12 35.78
N THR D 144 -63.52 17.57 36.67
CA THR D 144 -63.68 17.65 38.14
C THR D 144 -62.30 17.85 38.79
N SER D 145 -62.27 18.52 39.94
CA SER D 145 -61.03 18.94 40.66
C SER D 145 -60.40 17.76 41.38
N GLY D 146 -60.46 16.57 40.77
CA GLY D 146 -59.70 15.37 41.19
C GLY D 146 -59.05 14.65 40.00
N GLY D 147 -59.43 14.98 38.77
CA GLY D 147 -58.97 14.30 37.54
C GLY D 147 -57.83 15.01 36.85
N THR D 148 -57.64 14.74 35.56
CA THR D 148 -56.65 15.42 34.69
C THR D 148 -57.32 16.58 33.95
N ALA D 149 -56.52 17.60 33.61
CA ALA D 149 -56.88 18.71 32.70
C ALA D 149 -55.75 18.88 31.67
N ALA D 150 -56.04 19.55 30.57
CA ALA D 150 -55.03 19.90 29.55
C ALA D 150 -55.01 21.42 29.37
N LEU D 151 -53.80 22.00 29.29
CA LEU D 151 -53.61 23.43 28.98
C LEU D 151 -52.41 23.59 28.03
N GLY D 152 -52.31 24.74 27.36
CA GLY D 152 -51.34 24.88 26.26
C GLY D 152 -50.97 26.31 25.95
N CYS D 153 -50.20 26.48 24.88
CA CYS D 153 -49.83 27.79 24.30
C CYS D 153 -49.94 27.73 22.77
N LEU D 154 -50.56 28.75 22.20
CA LEU D 154 -50.65 29.02 20.75
C LEU D 154 -49.55 30.01 20.37
N VAL D 155 -48.65 29.62 19.47
CA VAL D 155 -47.52 30.46 18.97
C VAL D 155 -47.82 30.80 17.51
N LYS D 156 -48.23 32.04 17.24
CA LYS D 156 -49.07 32.39 16.08
C LYS D 156 -48.41 33.47 15.21
N ASP D 157 -48.62 33.35 13.89
CA ASP D 157 -48.29 34.34 12.84
C ASP D 157 -46.81 34.74 12.93
N TYR D 158 -45.89 33.79 12.74
CA TYR D 158 -44.41 34.02 12.73
C TYR D 158 -43.74 33.56 11.43
N PHE D 159 -42.52 34.01 11.16
CA PHE D 159 -41.71 33.57 9.98
C PHE D 159 -40.24 33.93 10.19
N PRO D 160 -39.26 33.10 9.75
CA PRO D 160 -39.48 31.70 9.35
C PRO D 160 -39.47 30.73 10.54
N GLU D 161 -39.47 29.42 10.26
CA GLU D 161 -39.14 28.36 11.24
C GLU D 161 -37.66 28.52 11.65
N PRO D 162 -37.22 27.98 12.81
CA PRO D 162 -38.07 27.28 13.77
C PRO D 162 -38.52 28.04 15.03
N VAL D 163 -39.63 27.61 15.61
CA VAL D 163 -40.02 27.96 17.02
C VAL D 163 -39.60 26.81 17.95
N THR D 164 -39.15 27.17 19.16
CA THR D 164 -38.87 26.24 20.28
C THR D 164 -39.80 26.59 21.44
N VAL D 165 -40.34 25.58 22.12
CA VAL D 165 -41.24 25.75 23.30
C VAL D 165 -40.83 24.77 24.41
N SER D 166 -40.84 25.23 25.66
CA SER D 166 -40.67 24.41 26.89
C SER D 166 -41.75 24.81 27.90
N TRP D 167 -41.85 24.07 29.01
CA TRP D 167 -42.79 24.37 30.11
C TRP D 167 -42.04 24.49 31.44
N ASN D 168 -42.47 25.47 32.26
CA ASN D 168 -41.91 25.82 33.59
C ASN D 168 -40.39 25.87 33.52
N SER D 169 -39.84 26.56 32.50
CA SER D 169 -38.39 26.78 32.27
C SER D 169 -37.63 25.45 32.19
N GLY D 170 -38.27 24.41 31.67
CA GLY D 170 -37.70 23.06 31.50
C GLY D 170 -38.09 22.08 32.61
N ALA D 171 -38.74 22.55 33.69
CA ALA D 171 -39.08 21.74 34.88
C ALA D 171 -40.31 20.86 34.63
N LEU D 172 -41.06 21.14 33.55
CA LEU D 172 -42.23 20.31 33.16
C LEU D 172 -41.98 19.72 31.77
N THR D 173 -41.91 18.38 31.70
CA THR D 173 -41.56 17.58 30.49
C THR D 173 -42.53 16.43 30.27
N SER D 174 -42.96 15.75 31.34
CA SER D 174 -43.93 14.62 31.27
C SER D 174 -45.30 15.14 30.81
N GLY D 175 -45.91 14.47 29.83
CA GLY D 175 -47.27 14.79 29.34
C GLY D 175 -47.29 16.01 28.44
N VAL D 176 -46.11 16.52 28.05
CA VAL D 176 -45.94 17.67 27.12
C VAL D 176 -45.93 17.13 25.68
N HIS D 177 -46.62 17.82 24.77
CA HIS D 177 -46.61 17.56 23.30
C HIS D 177 -46.55 18.92 22.60
N THR D 178 -45.66 19.06 21.61
CA THR D 178 -45.57 20.28 20.76
C THR D 178 -45.73 19.86 19.29
N PHE D 179 -46.72 20.44 18.62
CA PHE D 179 -47.28 19.95 17.34
C PHE D 179 -46.56 20.61 16.17
N PRO D 180 -46.50 19.94 15.00
CA PRO D 180 -46.01 20.58 13.77
C PRO D 180 -46.78 21.87 13.43
N ALA D 181 -46.05 22.88 12.96
CA ALA D 181 -46.61 24.20 12.57
C ALA D 181 -47.40 24.08 11.27
N VAL D 182 -48.50 24.83 11.14
CA VAL D 182 -49.17 25.05 9.83
C VAL D 182 -48.55 26.28 9.15
N LEU D 183 -48.09 26.12 7.91
CA LEU D 183 -47.72 27.25 7.02
C LEU D 183 -49.03 27.79 6.43
N GLN D 184 -49.43 28.98 6.89
CA GLN D 184 -50.70 29.66 6.53
C GLN D 184 -50.59 30.29 5.14
N SER D 185 -51.73 30.54 4.48
CA SER D 185 -51.83 31.24 3.17
C SER D 185 -51.06 32.56 3.21
N SER D 186 -50.98 33.20 4.39
CA SER D 186 -50.31 34.50 4.64
C SER D 186 -48.79 34.39 4.52
N GLY D 187 -48.25 33.18 4.31
CA GLY D 187 -46.80 32.93 4.29
C GLY D 187 -46.21 32.84 5.69
N LEU D 188 -47.05 32.96 6.73
CA LEU D 188 -46.63 32.86 8.15
C LEU D 188 -46.89 31.45 8.69
N TYR D 189 -46.26 31.12 9.82
CA TYR D 189 -46.41 29.83 10.54
C TYR D 189 -47.20 30.05 11.83
N SER D 190 -47.99 29.05 12.22
CA SER D 190 -48.65 28.97 13.55
C SER D 190 -48.49 27.56 14.11
N LEU D 191 -48.18 27.47 15.40
CA LEU D 191 -47.78 26.23 16.11
C LEU D 191 -48.48 26.18 17.47
N SER D 192 -48.65 24.98 18.03
CA SER D 192 -49.28 24.76 19.36
C SER D 192 -48.43 23.82 20.22
N SER D 193 -48.33 24.15 21.51
CA SER D 193 -47.78 23.26 22.57
C SER D 193 -48.88 23.02 23.60
N VAL D 194 -48.93 21.80 24.17
CA VAL D 194 -49.97 21.39 25.15
C VAL D 194 -49.34 20.48 26.21
N VAL D 195 -49.86 20.53 27.43
CA VAL D 195 -49.39 19.67 28.55
C VAL D 195 -50.59 19.23 29.38
N THR D 196 -50.56 17.98 29.84
CA THR D 196 -51.62 17.38 30.70
C THR D 196 -51.17 17.48 32.16
N VAL D 197 -52.07 17.93 33.04
CA VAL D 197 -51.74 18.34 34.43
C VAL D 197 -52.88 17.93 35.38
N PRO D 198 -52.59 17.72 36.68
CA PRO D 198 -53.64 17.47 37.67
C PRO D 198 -54.57 18.68 37.88
N SER D 199 -55.88 18.47 37.72
CA SER D 199 -56.93 19.49 37.92
C SER D 199 -56.76 20.15 39.31
N SER D 200 -56.56 19.35 40.36
CA SER D 200 -56.42 19.82 41.77
C SER D 200 -55.22 20.76 41.94
N SER D 201 -54.26 20.75 41.01
CA SER D 201 -53.06 21.64 41.07
C SER D 201 -53.37 23.03 40.47
N LEU D 202 -54.42 23.19 39.67
CA LEU D 202 -54.63 24.40 38.82
C LEU D 202 -54.80 25.66 39.67
N GLY D 203 -55.23 25.53 40.94
CA GLY D 203 -55.45 26.66 41.85
C GLY D 203 -54.21 27.03 42.68
N THR D 204 -53.15 26.21 42.63
CA THR D 204 -51.98 26.32 43.55
C THR D 204 -50.64 26.29 42.78
N GLN D 205 -50.59 25.63 41.62
CA GLN D 205 -49.36 25.48 40.80
C GLN D 205 -49.34 26.55 39.70
N THR D 206 -48.16 27.14 39.44
CA THR D 206 -47.96 28.06 38.29
C THR D 206 -47.54 27.23 37.08
N TYR D 207 -48.33 27.29 36.00
CA TYR D 207 -47.98 26.71 34.68
C TYR D 207 -47.63 27.87 33.73
N ILE D 208 -46.44 27.79 33.14
CA ILE D 208 -45.88 28.79 32.19
C ILE D 208 -45.29 28.04 31.00
N CYS D 209 -45.58 28.49 29.78
CA CYS D 209 -44.84 28.05 28.57
C CYS D 209 -43.76 29.08 28.27
N ASN D 210 -42.62 28.61 27.78
CA ASN D 210 -41.45 29.44 27.40
C ASN D 210 -41.23 29.27 25.90
N VAL D 211 -41.26 30.37 25.14
CA VAL D 211 -41.20 30.34 23.65
C VAL D 211 -39.92 31.05 23.18
N ASN D 212 -39.26 30.49 22.15
CA ASN D 212 -37.95 30.99 21.65
C ASN D 212 -37.94 30.91 20.11
N HIS D 213 -37.89 32.08 19.47
CA HIS D 213 -37.88 32.25 18.00
C HIS D 213 -36.56 32.89 17.58
N LYS D 214 -35.52 32.08 17.38
CA LYS D 214 -34.12 32.53 17.17
C LYS D 214 -34.03 33.46 15.95
N PRO D 215 -34.75 33.20 14.82
CA PRO D 215 -34.70 34.13 13.66
C PRO D 215 -35.05 35.59 13.96
N SER D 216 -35.75 35.90 15.07
CA SER D 216 -36.13 37.27 15.50
C SER D 216 -35.52 37.64 16.86
N ASN D 217 -34.95 36.67 17.58
CA ASN D 217 -34.57 36.77 19.02
C ASN D 217 -35.81 37.07 19.89
N THR D 218 -37.02 36.76 19.41
CA THR D 218 -38.25 36.82 20.26
C THR D 218 -38.18 35.68 21.30
N LYS D 219 -38.11 36.05 22.59
CA LYS D 219 -38.25 35.11 23.72
C LYS D 219 -39.41 35.59 24.60
N VAL D 220 -40.42 34.73 24.83
CA VAL D 220 -41.65 35.09 25.59
C VAL D 220 -41.97 33.97 26.59
N ASP D 221 -42.05 34.32 27.87
CA ASP D 221 -42.64 33.46 28.93
C ASP D 221 -44.11 33.85 29.07
N LYS D 222 -45.03 32.88 28.91
CA LYS D 222 -46.50 33.12 29.03
C LYS D 222 -47.10 32.17 30.07
N LYS D 223 -47.67 32.76 31.13
CA LYS D 223 -48.44 32.05 32.18
C LYS D 223 -49.77 31.58 31.58
N VAL D 224 -50.21 30.37 31.95
CA VAL D 224 -51.46 29.73 31.42
C VAL D 224 -52.36 29.44 32.62
N GLU D 225 -53.24 30.39 32.93
CA GLU D 225 -54.16 30.36 34.10
C GLU D 225 -55.47 29.68 33.72
N PRO D 226 -56.26 29.20 34.69
CA PRO D 226 -57.66 28.83 34.45
C PRO D 226 -58.56 30.02 34.08
N LYS D 227 -59.72 29.71 33.47
CA LYS D 227 -60.79 30.69 33.16
C LYS D 227 -61.69 30.83 34.40
N ASP E 1 -6.45 -19.58 -3.32
CA ASP E 1 -5.14 -19.97 -3.93
C ASP E 1 -5.07 -21.51 -4.03
N ILE E 2 -5.99 -22.11 -4.78
CA ILE E 2 -6.16 -23.58 -4.99
C ILE E 2 -6.23 -24.30 -3.63
N GLU E 3 -7.39 -24.22 -2.99
CA GLU E 3 -7.80 -25.16 -1.93
C GLU E 3 -7.92 -26.58 -2.52
N MET E 4 -7.57 -27.59 -1.72
CA MET E 4 -7.50 -29.02 -2.16
C MET E 4 -8.43 -29.86 -1.28
N THR E 5 -9.28 -30.70 -1.89
CA THR E 5 -10.24 -31.58 -1.18
C THR E 5 -9.97 -33.06 -1.49
N GLN E 6 -10.43 -33.93 -0.60
CA GLN E 6 -10.23 -35.41 -0.72
C GLN E 6 -11.50 -36.15 -0.33
N SER E 7 -11.78 -37.27 -0.99
CA SER E 7 -12.95 -38.15 -0.73
C SER E 7 -12.58 -39.61 -0.94
N PRO E 8 -12.98 -40.54 -0.03
CA PRO E 8 -13.64 -40.19 1.21
C PRO E 8 -12.68 -39.59 2.25
N SER E 9 -13.24 -39.09 3.37
CA SER E 9 -12.53 -38.56 4.55
C SER E 9 -11.90 -39.71 5.34
N SER E 10 -12.62 -40.83 5.42
CA SER E 10 -12.27 -42.04 6.20
C SER E 10 -12.82 -43.27 5.47
N LEU E 11 -12.04 -44.35 5.46
CA LEU E 11 -12.37 -45.58 4.70
C LEU E 11 -11.93 -46.79 5.53
N SER E 12 -12.69 -47.88 5.46
CA SER E 12 -12.39 -49.17 6.12
C SER E 12 -12.51 -50.29 5.08
N ALA E 13 -11.43 -51.06 4.89
CA ALA E 13 -11.35 -52.10 3.83
C ALA E 13 -10.54 -53.31 4.31
N ALA E 14 -10.76 -54.47 3.69
CA ALA E 14 -10.09 -55.74 4.02
C ALA E 14 -8.70 -55.82 3.36
N VAL E 15 -7.81 -56.67 3.89
CA VAL E 15 -6.51 -57.01 3.25
C VAL E 15 -6.84 -57.73 1.93
N GLY E 16 -6.41 -57.18 0.80
CA GLY E 16 -6.72 -57.69 -0.54
C GLY E 16 -7.61 -56.74 -1.34
N ASP E 17 -8.35 -55.84 -0.68
CA ASP E 17 -9.32 -54.93 -1.35
C ASP E 17 -8.58 -53.92 -2.25
N ARG E 18 -9.12 -53.66 -3.43
CA ARG E 18 -8.73 -52.47 -4.23
C ARG E 18 -9.32 -51.22 -3.57
N VAL E 19 -8.49 -50.49 -2.84
CA VAL E 19 -8.87 -49.17 -2.25
C VAL E 19 -8.56 -48.09 -3.29
N THR E 20 -9.56 -47.27 -3.62
CA THR E 20 -9.42 -46.10 -4.51
C THR E 20 -9.82 -44.82 -3.76
N ILE E 21 -8.89 -43.85 -3.69
CA ILE E 21 -9.04 -42.54 -2.99
C ILE E 21 -9.08 -41.45 -4.06
N THR E 22 -9.91 -40.41 -3.87
CA THR E 22 -10.01 -39.29 -4.83
C THR E 22 -9.55 -37.98 -4.18
N CYS E 23 -9.10 -37.07 -5.04
CA CYS E 23 -8.66 -35.70 -4.69
C CYS E 23 -9.20 -34.72 -5.75
N ARG E 24 -9.71 -33.58 -5.31
CA ARG E 24 -10.20 -32.51 -6.22
C ARG E 24 -9.56 -31.17 -5.86
N ALA E 25 -8.94 -30.53 -6.85
CA ALA E 25 -8.43 -29.15 -6.80
C ALA E 25 -9.54 -28.15 -7.13
N SER E 26 -9.54 -26.98 -6.47
CA SER E 26 -10.54 -25.90 -6.70
C SER E 26 -10.26 -25.13 -7.99
N GLN E 27 -9.14 -25.41 -8.67
CA GLN E 27 -8.80 -24.92 -10.04
C GLN E 27 -8.19 -26.06 -10.84
N SER E 28 -8.07 -25.93 -12.16
CA SER E 28 -7.31 -26.90 -12.98
C SER E 28 -5.82 -26.81 -12.62
N ILE E 29 -5.18 -27.95 -12.35
CA ILE E 29 -3.72 -28.02 -12.03
C ILE E 29 -3.03 -28.96 -13.02
N GLY E 30 -3.63 -29.23 -14.19
CA GLY E 30 -3.03 -30.10 -15.22
C GLY E 30 -2.67 -31.45 -14.64
N SER E 31 -1.38 -31.76 -14.51
CA SER E 31 -0.87 -33.01 -13.86
C SER E 31 0.03 -32.65 -12.68
N TYR E 32 0.04 -31.40 -12.24
CA TYR E 32 0.87 -30.92 -11.10
C TYR E 32 0.20 -31.33 -9.79
N LEU E 33 0.08 -32.64 -9.56
CA LEU E 33 -0.59 -33.23 -8.36
C LEU E 33 0.33 -34.33 -7.80
N ASN E 34 0.65 -34.24 -6.51
CA ASN E 34 1.52 -35.21 -5.79
C ASN E 34 0.68 -35.95 -4.75
N TRP E 35 1.04 -37.20 -4.42
CA TRP E 35 0.38 -38.00 -3.35
C TRP E 35 1.44 -38.47 -2.33
N TYR E 36 1.07 -38.43 -1.04
CA TYR E 36 1.92 -38.80 0.11
C TYR E 36 1.21 -39.80 1.03
N GLN E 37 2.01 -40.59 1.75
CA GLN E 37 1.57 -41.59 2.75
C GLN E 37 2.18 -41.21 4.09
N GLN E 38 1.36 -41.06 5.13
CA GLN E 38 1.84 -40.86 6.53
C GLN E 38 1.23 -41.91 7.46
N LYS E 39 2.06 -42.51 8.31
CA LYS E 39 1.65 -43.50 9.34
C LYS E 39 1.88 -42.87 10.71
N PRO E 40 1.21 -43.35 11.78
CA PRO E 40 1.32 -42.72 13.09
C PRO E 40 2.77 -42.53 13.55
N GLY E 41 3.11 -41.29 13.93
CA GLY E 41 4.45 -40.91 14.45
C GLY E 41 5.54 -40.99 13.39
N LYS E 42 5.19 -40.83 12.10
CA LYS E 42 6.18 -40.91 10.99
C LYS E 42 6.14 -39.67 10.08
N ALA E 43 7.30 -39.41 9.49
CA ALA E 43 7.51 -38.53 8.31
C ALA E 43 6.56 -38.94 7.19
N PRO E 44 5.88 -37.99 6.50
CA PRO E 44 5.21 -38.29 5.24
C PRO E 44 6.21 -38.75 4.16
N LYS E 45 5.89 -39.88 3.49
CA LYS E 45 6.66 -40.38 2.33
C LYS E 45 5.93 -39.97 1.04
N LEU E 46 6.67 -39.41 0.08
CA LEU E 46 6.15 -39.19 -1.30
C LEU E 46 5.90 -40.54 -1.96
N LEU E 47 4.67 -40.79 -2.45
CA LEU E 47 4.32 -42.01 -3.23
C LEU E 47 4.30 -41.67 -4.72
N ILE E 48 3.69 -40.56 -5.11
CA ILE E 48 3.44 -40.22 -6.55
C ILE E 48 3.69 -38.74 -6.79
N TYR E 49 4.29 -38.42 -7.93
CA TYR E 49 4.38 -37.03 -8.47
C TYR E 49 3.80 -37.01 -9.88
N ALA E 50 3.55 -35.82 -10.42
CA ALA E 50 2.99 -35.62 -11.77
C ALA E 50 1.76 -36.52 -11.98
N ALA E 51 0.84 -36.54 -10.99
CA ALA E 51 -0.45 -37.25 -10.94
C ALA E 51 -0.29 -38.79 -10.97
N SER E 52 0.76 -39.34 -11.59
CA SER E 52 0.85 -40.79 -11.95
C SER E 52 2.26 -41.39 -11.81
N SER E 53 3.31 -40.57 -11.77
CA SER E 53 4.72 -41.02 -11.75
C SER E 53 5.06 -41.54 -10.35
N LEU E 54 5.25 -42.85 -10.26
CA LEU E 54 5.51 -43.52 -8.96
C LEU E 54 6.92 -43.14 -8.47
N GLN E 55 7.07 -42.86 -7.18
CA GLN E 55 8.37 -42.54 -6.54
C GLN E 55 9.21 -43.82 -6.40
N SER E 56 10.54 -43.69 -6.52
CA SER E 56 11.53 -44.78 -6.32
C SER E 56 11.27 -45.54 -5.02
N GLY E 57 11.21 -46.89 -5.08
CA GLY E 57 11.07 -47.78 -3.91
C GLY E 57 9.71 -47.68 -3.25
N VAL E 58 8.67 -47.48 -4.07
CA VAL E 58 7.24 -47.57 -3.65
C VAL E 58 6.70 -48.90 -4.15
N PRO E 59 5.93 -49.66 -3.33
CA PRO E 59 5.31 -50.89 -3.83
C PRO E 59 4.39 -50.62 -5.04
N SER E 60 4.57 -51.41 -6.10
CA SER E 60 3.92 -51.24 -7.43
C SER E 60 2.39 -51.36 -7.31
N ARG E 61 1.86 -51.73 -6.14
CA ARG E 61 0.41 -51.80 -5.84
C ARG E 61 -0.17 -50.37 -5.79
N PHE E 62 0.66 -49.35 -5.57
CA PHE E 62 0.26 -47.91 -5.56
C PHE E 62 0.28 -47.36 -6.99
N SER E 63 -0.78 -46.64 -7.35
CA SER E 63 -0.95 -46.02 -8.69
C SER E 63 -1.78 -44.75 -8.55
N GLY E 64 -1.67 -43.84 -9.51
CA GLY E 64 -2.36 -42.54 -9.50
C GLY E 64 -2.73 -42.10 -10.90
N SER E 65 -3.79 -41.32 -11.05
CA SER E 65 -4.30 -40.87 -12.37
C SER E 65 -5.18 -39.63 -12.21
N GLY E 66 -5.64 -39.10 -13.34
CA GLY E 66 -6.47 -37.88 -13.40
C GLY E 66 -5.67 -36.69 -13.91
N SER E 67 -6.40 -35.64 -14.27
CA SER E 67 -5.85 -34.41 -14.87
C SER E 67 -6.91 -33.30 -14.82
N GLY E 68 -6.47 -32.07 -14.67
CA GLY E 68 -7.35 -30.91 -14.52
C GLY E 68 -7.74 -30.73 -13.07
N THR E 69 -8.98 -31.06 -12.72
CA THR E 69 -9.55 -30.79 -11.38
C THR E 69 -9.51 -32.06 -10.52
N ASP E 70 -9.64 -33.24 -11.15
CA ASP E 70 -10.00 -34.49 -10.45
C ASP E 70 -8.90 -35.54 -10.61
N PHE E 71 -8.51 -36.16 -9.49
CA PHE E 71 -7.32 -37.03 -9.35
C PHE E 71 -7.62 -38.23 -8.47
N THR E 72 -6.85 -39.29 -8.68
CA THR E 72 -7.06 -40.63 -8.07
C THR E 72 -5.75 -41.15 -7.50
N LEU E 73 -5.85 -41.85 -6.37
CA LEU E 73 -4.81 -42.76 -5.83
C LEU E 73 -5.46 -44.14 -5.65
N THR E 74 -4.98 -45.15 -6.36
CA THR E 74 -5.49 -46.54 -6.25
C THR E 74 -4.40 -47.44 -5.67
N ILE E 75 -4.71 -48.08 -4.54
CA ILE E 75 -4.00 -49.28 -4.02
C ILE E 75 -4.70 -50.51 -4.62
N SER E 76 -3.98 -51.28 -5.46
CA SER E 76 -4.58 -52.37 -6.27
C SER E 76 -5.05 -53.52 -5.35
N SER E 77 -4.38 -53.70 -4.21
CA SER E 77 -4.67 -54.72 -3.18
C SER E 77 -4.09 -54.27 -1.84
N LEU E 78 -4.95 -53.84 -0.90
CA LEU E 78 -4.57 -53.25 0.42
C LEU E 78 -3.81 -54.28 1.26
N GLN E 79 -2.78 -53.84 2.00
CA GLN E 79 -2.00 -54.73 2.89
C GLN E 79 -1.95 -54.13 4.30
N PRO E 80 -1.66 -54.94 5.35
CA PRO E 80 -1.68 -54.45 6.73
C PRO E 80 -0.82 -53.20 6.96
N GLU E 81 0.31 -53.08 6.24
CA GLU E 81 1.27 -51.96 6.40
C GLU E 81 0.73 -50.67 5.74
N ASP E 82 -0.37 -50.76 4.98
CA ASP E 82 -0.99 -49.60 4.26
C ASP E 82 -1.94 -48.81 5.17
N PHE E 83 -2.07 -49.19 6.44
CA PHE E 83 -2.75 -48.35 7.45
C PHE E 83 -2.07 -47.00 7.51
N ALA E 84 -2.76 -45.94 7.06
CA ALA E 84 -2.16 -44.60 6.87
C ALA E 84 -3.22 -43.51 6.69
N ILE E 85 -2.77 -42.27 6.79
CA ILE E 85 -3.45 -41.09 6.18
C ILE E 85 -2.71 -40.76 4.88
N TYR E 86 -3.48 -40.63 3.78
CA TYR E 86 -2.96 -40.33 2.43
C TYR E 86 -3.36 -38.90 2.06
N TYR E 87 -2.40 -38.07 1.66
CA TYR E 87 -2.63 -36.65 1.30
C TYR E 87 -2.29 -36.43 -0.17
N CYS E 88 -3.10 -35.61 -0.84
CA CYS E 88 -2.76 -35.04 -2.16
C CYS E 88 -2.24 -33.59 -1.96
N GLN E 89 -1.43 -33.12 -2.92
CA GLN E 89 -0.76 -31.79 -2.86
C GLN E 89 -0.65 -31.23 -4.28
N GLN E 90 -1.10 -30.00 -4.51
CA GLN E 90 -0.89 -29.34 -5.82
C GLN E 90 0.54 -28.76 -5.86
N SER E 91 1.17 -28.89 -7.02
CA SER E 91 2.52 -28.34 -7.33
C SER E 91 2.44 -27.39 -8.53
N TYR E 92 1.25 -26.86 -8.84
CA TYR E 92 0.99 -25.98 -10.00
C TYR E 92 1.29 -24.52 -9.61
N VAL E 93 0.73 -24.08 -8.48
CA VAL E 93 0.86 -22.67 -7.98
C VAL E 93 1.90 -22.67 -6.86
N SER E 94 2.93 -21.83 -7.04
CA SER E 94 4.12 -21.73 -6.16
C SER E 94 4.37 -20.26 -5.84
N PRO E 95 5.01 -19.92 -4.70
CA PRO E 95 5.53 -20.91 -3.74
C PRO E 95 4.49 -21.52 -2.78
N THR E 96 3.25 -21.02 -2.81
CA THR E 96 2.13 -21.42 -1.91
C THR E 96 1.58 -22.80 -2.31
N TYR E 97 2.37 -23.84 -2.04
CA TYR E 97 2.02 -25.25 -2.29
C TYR E 97 1.00 -25.71 -1.23
N THR E 98 -0.19 -26.11 -1.69
CA THR E 98 -1.34 -26.48 -0.81
C THR E 98 -1.54 -28.00 -0.77
N PHE E 99 -1.81 -28.51 0.43
CA PHE E 99 -2.14 -29.94 0.71
C PHE E 99 -3.65 -30.10 0.92
N GLY E 100 -4.21 -31.22 0.45
CA GLY E 100 -5.57 -31.67 0.83
C GLY E 100 -5.61 -32.11 2.29
N PRO E 101 -6.81 -32.18 2.91
CA PRO E 101 -6.94 -32.49 4.34
C PRO E 101 -6.56 -33.93 4.73
N GLY E 102 -6.40 -34.80 3.73
CA GLY E 102 -6.03 -36.22 3.90
C GLY E 102 -7.23 -37.15 3.87
N THR E 103 -6.95 -38.44 3.71
CA THR E 103 -7.93 -39.57 3.77
C THR E 103 -7.32 -40.68 4.61
N LYS E 104 -7.99 -41.05 5.71
CA LYS E 104 -7.51 -42.17 6.57
C LYS E 104 -8.04 -43.50 6.03
N VAL E 105 -7.17 -44.51 6.00
CA VAL E 105 -7.52 -45.91 5.60
C VAL E 105 -7.31 -46.83 6.80
N ASP E 106 -8.41 -47.21 7.46
CA ASP E 106 -8.47 -48.21 8.55
C ASP E 106 -8.60 -49.61 7.93
N ILE E 107 -8.03 -50.64 8.57
CA ILE E 107 -8.14 -52.04 8.07
C ILE E 107 -9.34 -52.72 8.76
N LYS E 108 -10.27 -53.23 7.94
CA LYS E 108 -11.44 -54.02 8.40
C LYS E 108 -10.96 -55.45 8.70
N ARG E 109 -10.37 -55.64 9.88
CA ARG E 109 -9.84 -56.93 10.40
C ARG E 109 -10.98 -57.91 10.74
N THR E 110 -10.63 -59.17 10.99
CA THR E 110 -11.51 -60.14 11.71
C THR E 110 -11.38 -59.91 13.22
N VAL E 111 -12.36 -60.39 14.02
CA VAL E 111 -12.43 -60.17 15.49
C VAL E 111 -11.20 -60.81 16.16
N ALA E 112 -10.67 -60.15 17.21
CA ALA E 112 -9.61 -60.68 18.09
C ALA E 112 -9.94 -60.33 19.53
N ALA E 113 -9.98 -61.33 20.41
CA ALA E 113 -10.15 -61.16 21.86
C ALA E 113 -8.89 -60.52 22.47
N PRO E 114 -9.02 -59.55 23.41
CA PRO E 114 -7.86 -59.00 24.09
C PRO E 114 -7.16 -60.00 25.03
N SER E 115 -5.88 -60.26 24.79
CA SER E 115 -4.98 -60.86 25.82
C SER E 115 -4.84 -59.84 26.94
N VAL E 116 -5.56 -60.07 28.05
CA VAL E 116 -5.74 -59.05 29.13
C VAL E 116 -4.79 -59.35 30.30
N PHE E 117 -4.13 -58.30 30.80
CA PHE E 117 -3.09 -58.36 31.87
C PHE E 117 -3.31 -57.22 32.88
N ILE E 118 -2.93 -57.44 34.14
CA ILE E 118 -3.00 -56.40 35.21
C ILE E 118 -1.64 -56.29 35.90
N PHE E 119 -1.26 -55.07 36.27
CA PHE E 119 0.01 -54.78 37.01
C PHE E 119 -0.29 -53.98 38.27
N PRO E 120 0.29 -54.36 39.43
CA PRO E 120 0.28 -53.51 40.61
C PRO E 120 1.21 -52.33 40.42
N PRO E 121 1.10 -51.27 41.26
CA PRO E 121 2.10 -50.20 41.27
C PRO E 121 3.49 -50.72 41.65
N SER E 122 4.51 -49.97 41.26
CA SER E 122 5.94 -50.19 41.65
C SER E 122 6.13 -49.73 43.09
N ASP E 123 7.04 -50.39 43.81
CA ASP E 123 7.39 -50.03 45.21
C ASP E 123 8.04 -48.64 45.24
N GLU E 124 8.67 -48.22 44.13
CA GLU E 124 9.23 -46.84 43.98
C GLU E 124 8.07 -45.84 44.00
N GLN E 125 7.00 -46.09 43.24
CA GLN E 125 5.87 -45.14 43.13
C GLN E 125 5.20 -45.03 44.50
N LEU E 126 5.03 -46.16 45.20
CA LEU E 126 4.41 -46.21 46.55
C LEU E 126 5.28 -45.45 47.56
N LYS E 127 6.61 -45.46 47.41
CA LYS E 127 7.52 -44.63 48.25
C LYS E 127 7.30 -43.14 47.93
N SER E 128 7.00 -42.76 46.67
CA SER E 128 6.56 -41.39 46.29
C SER E 128 5.05 -41.21 46.51
N GLY E 129 4.46 -41.94 47.47
CA GLY E 129 3.11 -41.70 48.03
C GLY E 129 1.98 -41.92 47.04
N THR E 130 2.23 -42.55 45.90
CA THR E 130 1.26 -42.65 44.76
C THR E 130 1.13 -44.10 44.26
N ALA E 131 -0.04 -44.48 43.77
CA ALA E 131 -0.34 -45.85 43.32
C ALA E 131 -1.06 -45.83 41.97
N SER E 132 -0.33 -46.02 40.87
CA SER E 132 -0.91 -46.21 39.52
C SER E 132 -1.01 -47.73 39.24
N VAL E 133 -2.24 -48.24 39.25
CA VAL E 133 -2.56 -49.66 38.92
C VAL E 133 -2.87 -49.72 37.43
N VAL E 134 -2.16 -50.53 36.67
CA VAL E 134 -2.25 -50.53 35.17
C VAL E 134 -2.91 -51.84 34.69
N CYS E 135 -3.76 -51.72 33.67
CA CYS E 135 -4.43 -52.85 32.98
C CYS E 135 -4.17 -52.73 31.49
N LEU E 136 -3.81 -53.85 30.85
CA LEU E 136 -3.38 -53.88 29.43
C LEU E 136 -4.24 -54.90 28.67
N LEU E 137 -4.95 -54.41 27.66
CA LEU E 137 -5.65 -55.22 26.64
C LEU E 137 -4.77 -55.29 25.39
N ASN E 138 -4.09 -56.40 25.16
CA ASN E 138 -3.02 -56.49 24.12
C ASN E 138 -3.58 -57.24 22.90
N ASN E 139 -3.40 -56.64 21.71
CA ASN E 139 -3.68 -57.19 20.35
C ASN E 139 -5.14 -57.65 20.21
N PHE E 140 -6.10 -56.72 20.25
CA PHE E 140 -7.55 -56.99 20.13
C PHE E 140 -8.17 -56.25 18.92
N TYR E 141 -9.36 -56.67 18.49
CA TYR E 141 -10.13 -56.03 17.39
C TYR E 141 -11.61 -56.44 17.46
N PRO E 142 -12.61 -55.54 17.22
CA PRO E 142 -12.41 -54.11 16.96
C PRO E 142 -12.07 -53.26 18.19
N ARG E 143 -11.83 -51.95 17.98
CA ARG E 143 -11.30 -50.97 18.97
C ARG E 143 -12.26 -50.78 20.15
N GLU E 144 -13.55 -51.11 19.97
CA GLU E 144 -14.63 -50.86 20.97
C GLU E 144 -14.55 -51.88 22.13
N ALA E 145 -13.86 -51.53 23.22
CA ALA E 145 -13.83 -52.32 24.46
C ALA E 145 -14.24 -51.43 25.65
N LYS E 146 -15.06 -51.96 26.55
CA LYS E 146 -15.41 -51.31 27.83
C LYS E 146 -14.57 -51.94 28.94
N VAL E 147 -13.71 -51.17 29.60
CA VAL E 147 -12.96 -51.63 30.80
C VAL E 147 -13.65 -51.10 32.05
N GLN E 148 -13.55 -51.84 33.16
CA GLN E 148 -14.18 -51.45 34.45
C GLN E 148 -13.21 -51.79 35.58
N TRP E 149 -12.74 -50.78 36.30
CA TRP E 149 -11.94 -51.00 37.53
C TRP E 149 -12.87 -51.32 38.70
N LYS E 150 -12.45 -52.27 39.54
CA LYS E 150 -13.12 -52.65 40.80
C LYS E 150 -12.05 -52.82 41.90
N VAL E 151 -12.35 -52.34 43.10
CA VAL E 151 -11.43 -52.43 44.28
C VAL E 151 -12.25 -52.94 45.47
N ASP E 152 -11.81 -54.06 46.07
CA ASP E 152 -12.59 -54.87 47.04
C ASP E 152 -14.01 -55.07 46.47
N ASN E 153 -14.09 -55.33 45.15
CA ASN E 153 -15.32 -55.58 44.36
C ASN E 153 -16.23 -54.34 44.28
N ALA E 154 -15.86 -53.20 44.86
CA ALA E 154 -16.58 -51.91 44.69
C ALA E 154 -16.21 -51.26 43.36
N LEU E 155 -17.22 -50.87 42.56
CA LEU E 155 -17.06 -50.23 41.23
C LEU E 155 -16.31 -48.90 41.37
N GLN E 156 -15.33 -48.66 40.49
CA GLN E 156 -14.51 -47.41 40.49
C GLN E 156 -14.99 -46.44 39.40
N SER E 157 -14.78 -45.15 39.63
CA SER E 157 -15.19 -44.03 38.74
C SER E 157 -14.26 -42.82 38.90
N GLY E 158 -13.98 -42.14 37.78
CA GLY E 158 -13.28 -40.84 37.75
C GLY E 158 -11.80 -40.96 38.07
N ASN E 159 -11.38 -42.05 38.72
CA ASN E 159 -9.99 -42.24 39.24
C ASN E 159 -9.16 -43.07 38.27
N SER E 160 -9.64 -43.32 37.04
CA SER E 160 -8.91 -44.07 35.99
C SER E 160 -8.93 -43.33 34.65
N GLN E 161 -7.80 -43.35 33.93
CA GLN E 161 -7.67 -42.79 32.56
C GLN E 161 -7.20 -43.89 31.60
N GLU E 162 -7.52 -43.76 30.31
CA GLU E 162 -7.25 -44.80 29.29
C GLU E 162 -6.55 -44.20 28.07
N SER E 163 -5.70 -45.00 27.42
CA SER E 163 -5.03 -44.68 26.14
C SER E 163 -5.06 -45.92 25.24
N VAL E 164 -5.53 -45.73 24.01
CA VAL E 164 -5.65 -46.79 22.96
C VAL E 164 -4.59 -46.51 21.89
N THR E 165 -4.01 -47.56 21.31
CA THR E 165 -3.07 -47.42 20.17
C THR E 165 -3.85 -47.07 18.90
N GLU E 166 -3.13 -46.59 17.90
CA GLU E 166 -3.55 -46.66 16.47
C GLU E 166 -3.47 -48.13 16.04
N GLN E 167 -3.84 -48.43 14.80
CA GLN E 167 -3.91 -49.83 14.29
C GLN E 167 -2.51 -50.35 13.95
N ASP E 168 -2.24 -51.63 14.24
CA ASP E 168 -0.91 -52.26 14.02
C ASP E 168 -0.66 -52.52 12.52
N SER E 169 0.55 -52.25 12.06
CA SER E 169 0.97 -52.33 10.64
C SER E 169 1.20 -53.77 10.17
N LYS E 170 0.98 -54.78 11.01
CA LYS E 170 1.39 -56.19 10.73
C LYS E 170 0.20 -57.13 10.97
N ASP E 171 -0.44 -57.06 12.14
CA ASP E 171 -1.58 -57.94 12.53
C ASP E 171 -2.89 -57.16 12.51
N SER E 172 -2.83 -55.82 12.32
CA SER E 172 -3.96 -54.86 12.22
C SER E 172 -4.91 -54.96 13.42
N THR E 173 -4.37 -55.28 14.60
CA THR E 173 -5.09 -55.20 15.90
C THR E 173 -4.88 -53.83 16.51
N TYR E 174 -5.48 -53.63 17.69
CA TYR E 174 -5.28 -52.48 18.60
C TYR E 174 -4.79 -53.00 19.95
N SER E 175 -4.18 -52.13 20.76
CA SER E 175 -3.98 -52.37 22.21
C SER E 175 -4.56 -51.19 23.00
N LEU E 176 -4.96 -51.45 24.25
CA LEU E 176 -5.54 -50.42 25.13
C LEU E 176 -4.91 -50.55 26.51
N SER E 177 -4.40 -49.43 27.04
CA SER E 177 -4.01 -49.26 28.46
C SER E 177 -5.14 -48.56 29.21
N SER E 178 -5.49 -49.08 30.38
CA SER E 178 -6.40 -48.42 31.36
C SER E 178 -5.62 -48.33 32.67
N THR E 179 -5.64 -47.15 33.31
CA THR E 179 -4.78 -46.88 34.48
C THR E 179 -5.61 -46.21 35.59
N LEU E 180 -5.94 -46.99 36.61
CA LEU E 180 -6.44 -46.51 37.93
C LEU E 180 -5.27 -45.82 38.64
N THR E 181 -5.47 -44.62 39.19
CA THR E 181 -4.44 -43.92 40.01
C THR E 181 -5.06 -43.49 41.34
N LEU E 182 -4.36 -43.77 42.43
CA LEU E 182 -4.80 -43.54 43.82
C LEU E 182 -3.65 -42.95 44.63
N SER E 183 -3.96 -42.41 45.82
CA SER E 183 -2.93 -42.11 46.85
C SER E 183 -2.46 -43.43 47.46
N LYS E 184 -1.23 -43.44 48.00
CA LYS E 184 -0.71 -44.59 48.79
C LYS E 184 -1.75 -44.99 49.86
N ALA E 185 -2.37 -44.01 50.53
CA ALA E 185 -3.35 -44.24 51.63
C ALA E 185 -4.61 -44.92 51.09
N ASP E 186 -5.12 -44.50 49.93
CA ASP E 186 -6.35 -45.10 49.33
C ASP E 186 -6.04 -46.50 48.81
N TYR E 187 -4.84 -46.73 48.29
CA TYR E 187 -4.35 -48.05 47.84
C TYR E 187 -4.28 -49.01 49.04
N GLU E 188 -3.82 -48.52 50.18
CA GLU E 188 -3.59 -49.34 51.41
C GLU E 188 -4.90 -49.56 52.19
N LYS E 189 -5.96 -48.77 51.94
CA LYS E 189 -7.30 -48.94 52.56
C LYS E 189 -8.02 -50.18 51.99
N HIS E 190 -7.43 -50.92 51.05
CA HIS E 190 -8.11 -52.03 50.32
C HIS E 190 -7.21 -53.24 50.10
N LYS E 191 -7.81 -54.36 49.66
CA LYS E 191 -7.18 -55.70 49.61
C LYS E 191 -7.08 -56.17 48.15
N VAL E 192 -8.16 -56.05 47.37
CA VAL E 192 -8.27 -56.69 46.02
C VAL E 192 -8.35 -55.60 44.93
N TYR E 193 -7.59 -55.76 43.86
CA TYR E 193 -7.50 -54.84 42.70
C TYR E 193 -7.84 -55.61 41.43
N ALA E 194 -8.83 -55.14 40.68
CA ALA E 194 -9.38 -55.89 39.54
C ALA E 194 -9.72 -54.97 38.38
N CYS E 195 -9.46 -55.49 37.19
CA CYS E 195 -9.74 -54.87 35.87
C CYS E 195 -10.64 -55.85 35.11
N GLU E 196 -11.87 -55.44 34.80
CA GLU E 196 -12.86 -56.25 34.05
C GLU E 196 -12.97 -55.71 32.61
N VAL E 197 -12.97 -56.61 31.62
CA VAL E 197 -12.99 -56.23 30.19
C VAL E 197 -14.22 -56.84 29.54
N THR E 198 -15.07 -55.95 28.99
CA THR E 198 -16.22 -56.29 28.12
C THR E 198 -15.82 -55.95 26.68
N HIS E 199 -15.81 -56.95 25.81
CA HIS E 199 -15.45 -56.81 24.38
C HIS E 199 -16.20 -57.86 23.57
N GLN E 200 -16.57 -57.57 22.31
CA GLN E 200 -17.44 -58.47 21.50
C GLN E 200 -16.70 -59.80 21.20
N GLY E 201 -15.37 -59.84 21.33
CA GLY E 201 -14.55 -61.06 21.19
C GLY E 201 -14.54 -61.93 22.43
N LEU E 202 -15.27 -61.54 23.49
CA LEU E 202 -15.31 -62.28 24.79
C LEU E 202 -16.75 -62.73 25.08
N SER E 203 -16.96 -64.04 25.28
CA SER E 203 -18.28 -64.68 25.54
C SER E 203 -18.91 -64.14 26.83
N SER E 204 -18.09 -63.54 27.70
CA SER E 204 -18.50 -62.98 29.02
C SER E 204 -17.40 -62.02 29.48
N PRO E 205 -17.71 -60.96 30.27
CA PRO E 205 -16.67 -60.05 30.75
C PRO E 205 -15.54 -60.75 31.52
N VAL E 206 -14.30 -60.56 31.07
CA VAL E 206 -13.10 -61.23 31.64
C VAL E 206 -12.44 -60.29 32.67
N THR E 207 -12.37 -60.74 33.91
CA THR E 207 -11.65 -60.03 35.00
C THR E 207 -10.22 -60.57 35.14
N LYS E 208 -9.24 -59.68 35.24
CA LYS E 208 -7.89 -59.97 35.82
C LYS E 208 -7.74 -59.19 37.12
N SER E 209 -7.13 -59.79 38.12
CA SER E 209 -7.06 -59.22 39.49
C SER E 209 -5.79 -59.65 40.22
N PHE E 210 -5.43 -58.88 41.24
CA PHE E 210 -4.38 -59.23 42.21
C PHE E 210 -4.83 -58.83 43.61
N ASN E 211 -4.22 -59.46 44.60
CA ASN E 211 -4.36 -59.09 46.04
C ASN E 211 -3.15 -58.21 46.39
N ARG E 212 -3.38 -57.08 47.06
CA ARG E 212 -2.30 -56.10 47.36
C ARG E 212 -1.27 -56.79 48.28
N GLY E 213 -0.14 -57.22 47.69
CA GLY E 213 0.99 -57.86 48.39
C GLY E 213 1.33 -59.23 47.85
N GLU E 214 0.51 -59.79 46.94
CA GLU E 214 0.70 -61.11 46.27
C GLU E 214 2.10 -61.21 45.67
N CYS E 215 2.52 -60.20 44.92
CA CYS E 215 3.70 -60.27 44.02
C CYS E 215 4.15 -58.86 43.63
N VAL F 2 19.99 -40.50 1.84
CA VAL F 2 19.27 -39.25 2.26
C VAL F 2 18.63 -39.49 3.63
N GLN F 3 18.84 -38.58 4.57
CA GLN F 3 18.06 -38.43 5.83
C GLN F 3 17.91 -36.94 6.18
N LEU F 4 16.90 -36.62 6.97
CA LEU F 4 16.68 -35.28 7.59
C LEU F 4 16.30 -35.49 9.05
N VAL F 5 16.85 -34.70 9.96
CA VAL F 5 16.64 -34.84 11.43
C VAL F 5 16.38 -33.47 12.05
N GLU F 6 15.18 -33.27 12.61
CA GLU F 6 14.76 -31.98 13.23
C GLU F 6 15.15 -31.94 14.70
N SER F 7 15.36 -30.72 15.20
CA SER F 7 15.91 -30.42 16.55
C SER F 7 15.48 -29.01 16.97
N GLY F 8 15.51 -28.74 18.28
CA GLY F 8 15.19 -27.43 18.87
C GLY F 8 13.72 -27.27 19.24
N GLY F 9 12.88 -28.28 18.96
CA GLY F 9 11.48 -28.32 19.42
C GLY F 9 11.35 -28.42 20.93
N GLY F 10 10.28 -27.85 21.50
CA GLY F 10 10.04 -27.86 22.95
C GLY F 10 8.92 -26.91 23.36
N LEU F 11 9.02 -26.35 24.56
CA LEU F 11 8.01 -25.41 25.12
C LEU F 11 8.50 -23.98 24.93
N VAL F 12 7.58 -23.09 24.55
CA VAL F 12 7.85 -21.63 24.44
C VAL F 12 6.62 -20.86 24.96
N GLN F 13 6.86 -19.67 25.51
CA GLN F 13 5.82 -18.81 26.12
C GLN F 13 5.11 -18.04 25.00
N PRO F 14 3.81 -17.74 25.13
CA PRO F 14 3.10 -16.91 24.14
C PRO F 14 3.78 -15.54 23.93
N GLY F 15 3.80 -15.08 22.68
CA GLY F 15 4.53 -13.87 22.24
C GLY F 15 6.03 -14.13 22.05
N GLY F 16 6.51 -15.31 22.42
CA GLY F 16 7.96 -15.62 22.50
C GLY F 16 8.61 -15.96 21.16
N SER F 17 9.82 -16.52 21.23
CA SER F 17 10.73 -16.77 20.08
C SER F 17 11.51 -18.07 20.29
N LEU F 18 11.92 -18.72 19.20
CA LEU F 18 12.67 -20.01 19.19
C LEU F 18 13.33 -20.22 17.82
N ARG F 19 14.38 -21.04 17.76
CA ARG F 19 15.07 -21.35 16.49
C ARG F 19 15.13 -22.87 16.30
N LEU F 20 14.36 -23.37 15.33
CA LEU F 20 14.37 -24.80 14.94
C LEU F 20 15.59 -25.06 14.06
N SER F 21 16.08 -26.30 14.11
CA SER F 21 17.31 -26.76 13.41
C SER F 21 17.04 -28.12 12.77
N CYS F 22 17.57 -28.34 11.56
CA CYS F 22 17.40 -29.59 10.78
C CYS F 22 18.73 -29.94 10.11
N ALA F 23 19.26 -31.15 10.40
CA ALA F 23 20.53 -31.67 9.86
C ALA F 23 20.23 -32.65 8.72
N ALA F 24 20.98 -32.54 7.62
CA ALA F 24 20.81 -33.38 6.41
C ALA F 24 22.01 -34.32 6.22
N SER F 25 21.76 -35.55 5.78
CA SER F 25 22.84 -36.53 5.52
C SER F 25 22.54 -37.38 4.27
N GLY F 26 23.59 -37.93 3.67
CA GLY F 26 23.50 -38.86 2.51
C GLY F 26 22.95 -38.18 1.26
N PHE F 27 23.30 -36.91 1.06
CA PHE F 27 23.25 -36.20 -0.26
C PHE F 27 24.05 -34.89 -0.18
N THR F 28 24.35 -34.31 -1.35
CA THR F 28 24.97 -32.96 -1.48
C THR F 28 23.90 -31.91 -1.18
N PHE F 29 23.93 -31.32 0.02
CA PHE F 29 22.85 -30.49 0.59
C PHE F 29 22.70 -29.18 -0.21
N SER F 30 23.84 -28.57 -0.57
CA SER F 30 23.92 -27.28 -1.33
C SER F 30 23.34 -27.40 -2.74
N SER F 31 23.09 -28.61 -3.24
CA SER F 31 22.52 -28.85 -4.60
C SER F 31 20.99 -28.84 -4.57
N TYR F 32 20.34 -28.69 -3.41
CA TYR F 32 18.88 -28.95 -3.25
C TYR F 32 18.18 -27.82 -2.50
N ASP F 33 16.94 -27.56 -2.90
CA ASP F 33 15.97 -26.66 -2.24
C ASP F 33 15.55 -27.29 -0.91
N MET F 34 15.29 -26.46 0.11
CA MET F 34 14.89 -26.96 1.45
C MET F 34 13.68 -26.18 1.95
N HIS F 35 12.83 -26.87 2.73
CA HIS F 35 11.48 -26.38 3.12
C HIS F 35 11.22 -26.66 4.60
N TRP F 36 10.37 -25.84 5.22
CA TRP F 36 9.70 -26.21 6.49
C TRP F 36 8.19 -26.31 6.24
N VAL F 37 7.59 -27.38 6.75
CA VAL F 37 6.13 -27.70 6.63
C VAL F 37 5.65 -28.10 8.02
N ARG F 38 4.47 -27.65 8.44
CA ARG F 38 3.96 -27.92 9.81
C ARG F 38 2.64 -28.69 9.76
N GLN F 39 2.41 -29.44 10.84
CA GLN F 39 1.21 -30.29 11.05
C GLN F 39 0.70 -29.99 12.46
N THR F 40 -0.43 -29.28 12.56
CA THR F 40 -1.21 -29.16 13.82
C THR F 40 -1.97 -30.46 14.02
N THR F 41 -2.35 -30.78 15.26
CA THR F 41 -2.96 -32.10 15.62
C THR F 41 -4.20 -32.38 14.77
N GLY F 42 -4.94 -31.35 14.33
CA GLY F 42 -6.24 -31.53 13.64
C GLY F 42 -6.47 -30.65 12.41
N LYS F 43 -5.59 -29.70 12.07
CA LYS F 43 -5.90 -28.69 11.02
C LYS F 43 -5.14 -28.99 9.70
N GLY F 44 -4.53 -30.18 9.55
CA GLY F 44 -3.91 -30.62 8.28
C GLY F 44 -2.46 -30.17 8.11
N LEU F 45 -1.99 -30.07 6.87
CA LEU F 45 -0.57 -29.72 6.53
C LEU F 45 -0.48 -28.32 5.93
N GLU F 46 0.40 -27.48 6.49
CA GLU F 46 0.66 -26.08 6.06
C GLU F 46 2.15 -25.94 5.68
N TRP F 47 2.43 -25.58 4.43
CA TRP F 47 3.76 -25.09 4.00
C TRP F 47 4.05 -23.76 4.70
N VAL F 48 5.20 -23.62 5.38
CA VAL F 48 5.51 -22.39 6.17
C VAL F 48 6.77 -21.66 5.68
N SER F 49 7.71 -22.30 4.98
CA SER F 49 8.83 -21.58 4.30
C SER F 49 9.60 -22.46 3.30
N THR F 50 10.24 -21.81 2.32
CA THR F 50 11.21 -22.41 1.37
C THR F 50 12.49 -21.57 1.30
N ILE F 51 13.66 -22.23 1.23
CA ILE F 51 14.94 -21.59 0.83
C ILE F 51 15.54 -22.41 -0.31
N GLY F 52 15.81 -21.74 -1.44
CA GLY F 52 16.40 -22.35 -2.62
C GLY F 52 17.91 -22.44 -2.56
N THR F 53 18.53 -22.50 -3.74
CA THR F 53 20.00 -22.66 -3.91
C THR F 53 20.61 -21.28 -4.18
N ALA F 54 19.82 -20.27 -4.53
CA ALA F 54 20.29 -18.93 -4.98
C ALA F 54 20.11 -17.87 -3.89
N GLY F 55 20.10 -18.28 -2.61
CA GLY F 55 19.82 -17.41 -1.46
C GLY F 55 18.37 -16.93 -1.45
N ASP F 56 17.49 -17.65 -2.14
CA ASP F 56 16.10 -17.23 -2.45
C ASP F 56 15.13 -17.78 -1.39
N THR F 57 14.32 -16.92 -0.76
CA THR F 57 13.44 -17.29 0.39
C THR F 57 11.98 -16.96 0.10
N TYR F 58 11.07 -17.76 0.66
CA TYR F 58 9.60 -17.70 0.41
C TYR F 58 8.83 -18.05 1.69
N TYR F 59 7.69 -17.38 1.90
CA TYR F 59 6.81 -17.53 3.09
C TYR F 59 5.35 -17.28 2.73
N PRO F 60 4.38 -17.93 3.42
CA PRO F 60 2.98 -17.52 3.36
C PRO F 60 2.71 -16.34 4.31
N ASP F 61 1.56 -15.68 4.14
CA ASP F 61 1.21 -14.45 4.89
C ASP F 61 0.86 -14.81 6.36
N SER F 62 0.63 -16.09 6.67
CA SER F 62 0.50 -16.61 8.06
C SER F 62 1.84 -16.48 8.81
N VAL F 63 2.95 -16.31 8.07
CA VAL F 63 4.34 -16.44 8.60
C VAL F 63 5.18 -15.17 8.32
N LYS F 64 4.88 -14.44 7.23
CA LYS F 64 5.65 -13.24 6.77
C LYS F 64 6.10 -12.38 7.95
N GLY F 65 7.42 -12.21 8.10
CA GLY F 65 8.03 -11.32 9.11
C GLY F 65 8.10 -11.94 10.50
N ARG F 66 7.31 -12.99 10.78
CA ARG F 66 7.30 -13.67 12.10
C ARG F 66 8.41 -14.73 12.12
N PHE F 67 8.52 -15.56 11.07
CA PHE F 67 9.58 -16.60 10.97
C PHE F 67 10.57 -16.21 9.85
N THR F 68 11.76 -16.81 9.89
CA THR F 68 12.87 -16.54 8.93
C THR F 68 13.70 -17.81 8.74
N ILE F 69 13.76 -18.29 7.50
CA ILE F 69 14.49 -19.54 7.11
C ILE F 69 15.94 -19.20 6.79
N SER F 70 16.86 -20.14 7.04
CA SER F 70 18.31 -19.97 6.72
C SER F 70 18.96 -21.35 6.54
N ARG F 71 20.03 -21.39 5.73
CA ARG F 71 20.81 -22.63 5.48
C ARG F 71 22.30 -22.35 5.73
N GLU F 72 22.98 -23.26 6.44
CA GLU F 72 24.45 -23.28 6.57
C GLU F 72 24.97 -24.51 5.82
N ASP F 73 25.22 -24.36 4.53
CA ASP F 73 25.66 -25.44 3.62
C ASP F 73 26.98 -26.03 4.13
N ALA F 74 27.86 -25.21 4.71
CA ALA F 74 29.14 -25.65 5.32
C ALA F 74 28.90 -26.55 6.55
N LYS F 75 27.65 -26.70 7.02
CA LYS F 75 27.28 -27.62 8.13
C LYS F 75 26.19 -28.60 7.70
N ASN F 76 25.86 -28.67 6.41
CA ASN F 76 24.81 -29.57 5.85
C ASN F 76 23.49 -29.33 6.61
N SER F 77 23.20 -28.09 7.04
CA SER F 77 22.13 -27.79 8.04
C SER F 77 21.19 -26.66 7.61
N LEU F 78 19.94 -26.73 8.11
CA LEU F 78 18.80 -25.81 7.82
C LEU F 78 18.21 -25.31 9.14
N TYR F 79 17.69 -24.08 9.16
CA TYR F 79 17.06 -23.50 10.37
C TYR F 79 15.75 -22.78 10.04
N LEU F 80 14.91 -22.63 11.07
CA LEU F 80 13.79 -21.65 11.07
C LEU F 80 13.85 -20.84 12.37
N GLN F 81 14.25 -19.57 12.27
CA GLN F 81 14.06 -18.56 13.35
C GLN F 81 12.56 -18.23 13.42
N MET F 82 12.01 -18.16 14.62
CA MET F 82 10.55 -17.96 14.85
C MET F 82 10.36 -16.90 15.93
N ASN F 83 9.50 -15.90 15.66
CA ASN F 83 9.26 -14.75 16.56
C ASN F 83 7.74 -14.51 16.64
N SER F 84 7.26 -13.87 17.72
CA SER F 84 5.83 -13.53 17.92
C SER F 84 4.99 -14.81 17.83
N LEU F 85 5.40 -15.84 18.57
CA LEU F 85 4.77 -17.17 18.54
C LEU F 85 3.44 -17.15 19.30
N ARG F 86 2.39 -17.66 18.66
CA ARG F 86 0.98 -17.64 19.13
C ARG F 86 0.57 -19.07 19.51
N ALA F 87 -0.48 -19.23 20.31
CA ALA F 87 -1.04 -20.55 20.69
C ALA F 87 -1.25 -21.39 19.42
N GLY F 88 -1.74 -20.78 18.34
CA GLY F 88 -2.05 -21.42 17.05
C GLY F 88 -0.82 -21.75 16.20
N ASP F 89 0.40 -21.49 16.70
CA ASP F 89 1.65 -21.95 16.05
C ASP F 89 2.09 -23.29 16.67
N THR F 90 1.35 -23.80 17.66
CA THR F 90 1.60 -25.14 18.30
C THR F 90 1.39 -26.24 17.25
N ALA F 91 2.48 -26.87 16.81
CA ALA F 91 2.47 -27.87 15.73
C ALA F 91 3.75 -28.73 15.73
N VAL F 92 3.69 -29.88 15.04
CA VAL F 92 4.92 -30.61 14.61
C VAL F 92 5.48 -29.87 13.39
N TYR F 93 6.73 -29.43 13.46
CA TYR F 93 7.45 -28.79 12.34
C TYR F 93 8.40 -29.82 11.72
N TYR F 94 8.18 -30.11 10.44
CA TYR F 94 9.06 -30.97 9.61
C TYR F 94 9.96 -30.09 8.74
N CYS F 95 11.18 -30.53 8.49
CA CYS F 95 11.99 -30.04 7.34
C CYS F 95 11.86 -31.04 6.21
N ALA F 96 11.87 -30.53 4.97
CA ALA F 96 11.72 -31.37 3.77
C ALA F 96 12.66 -30.91 2.68
N ARG F 97 13.23 -31.88 1.97
CA ARG F 97 14.00 -31.69 0.72
C ARG F 97 13.01 -31.36 -0.39
N GLY F 98 13.38 -30.46 -1.29
CA GLY F 98 12.64 -30.23 -2.55
C GLY F 98 13.44 -30.73 -3.73
N ASP F 99 12.77 -31.38 -4.68
CA ASP F 99 13.36 -31.88 -5.94
C ASP F 99 12.31 -31.81 -7.05
N SER F 100 12.69 -32.00 -8.31
CA SER F 100 11.78 -31.79 -9.46
C SER F 100 12.15 -32.65 -10.67
N SER F 101 11.20 -33.46 -11.11
CA SER F 101 11.27 -34.18 -12.41
C SER F 101 10.88 -33.19 -13.51
N GLY F 102 11.89 -32.49 -14.06
CA GLY F 102 11.66 -31.40 -15.01
C GLY F 102 10.92 -30.24 -14.36
N TYR F 103 9.67 -29.99 -14.78
CA TYR F 103 8.81 -28.91 -14.22
C TYR F 103 8.16 -29.38 -12.91
N TYR F 104 7.97 -30.69 -12.75
CA TYR F 104 7.06 -31.25 -11.71
C TYR F 104 7.80 -31.33 -10.38
N TYR F 105 7.46 -30.40 -9.49
CA TYR F 105 8.12 -30.18 -8.18
C TYR F 105 7.44 -31.00 -7.07
N TYR F 106 8.22 -31.54 -6.12
CA TYR F 106 7.71 -32.42 -5.02
C TYR F 106 8.63 -32.36 -3.80
N PHE F 107 8.13 -32.85 -2.67
CA PHE F 107 8.89 -32.99 -1.39
C PHE F 107 9.28 -34.46 -1.21
N ASP F 108 10.43 -34.86 -1.76
CA ASP F 108 10.83 -36.28 -1.95
C ASP F 108 11.25 -36.90 -0.61
N TYR F 109 11.89 -36.15 0.29
CA TYR F 109 12.30 -36.62 1.64
C TYR F 109 11.87 -35.62 2.72
N TRP F 110 11.33 -36.15 3.82
CA TRP F 110 10.93 -35.37 5.02
C TRP F 110 11.70 -35.91 6.23
N GLY F 111 11.95 -35.07 7.23
CA GLY F 111 12.45 -35.51 8.55
C GLY F 111 11.33 -36.07 9.42
N GLN F 112 11.65 -36.47 10.65
CA GLN F 112 10.69 -37.13 11.58
C GLN F 112 9.80 -36.10 12.27
N GLY F 113 10.13 -34.82 12.17
CA GLY F 113 9.36 -33.71 12.78
C GLY F 113 9.81 -33.41 14.21
N THR F 114 9.69 -32.15 14.63
CA THR F 114 9.93 -31.72 16.04
C THR F 114 8.72 -30.91 16.51
N LEU F 115 8.24 -31.18 17.73
CA LEU F 115 7.00 -30.60 18.28
C LEU F 115 7.34 -29.27 18.97
N LEU F 116 6.57 -28.23 18.63
CA LEU F 116 6.63 -26.90 19.28
C LEU F 116 5.31 -26.67 20.02
N THR F 117 5.40 -26.44 21.34
CA THR F 117 4.24 -26.13 22.24
C THR F 117 4.29 -24.65 22.63
N VAL F 118 3.27 -23.87 22.30
CA VAL F 118 3.18 -22.43 22.68
C VAL F 118 2.15 -22.28 23.80
N SER F 119 2.60 -22.37 25.06
CA SER F 119 1.72 -22.23 26.25
C SER F 119 2.48 -21.62 27.43
N SER F 120 1.75 -20.92 28.31
CA SER F 120 2.29 -20.15 29.46
C SER F 120 2.53 -21.07 30.67
N ALA F 121 3.25 -22.19 30.46
CA ALA F 121 3.59 -23.18 31.51
C ALA F 121 5.10 -23.39 31.56
N SER F 122 5.56 -24.21 32.51
CA SER F 122 6.99 -24.62 32.66
C SER F 122 7.12 -26.10 32.25
N THR F 123 8.33 -26.53 31.89
CA THR F 123 8.60 -27.95 31.53
C THR F 123 8.87 -28.75 32.81
N LYS F 124 8.51 -30.02 32.79
CA LYS F 124 8.83 -30.99 33.87
C LYS F 124 9.24 -32.32 33.27
N GLY F 125 10.37 -32.87 33.75
CA GLY F 125 10.85 -34.22 33.41
C GLY F 125 9.96 -35.30 34.03
N PRO F 126 9.82 -36.46 33.35
CA PRO F 126 8.98 -37.56 33.86
C PRO F 126 9.60 -38.32 35.04
N SER F 127 8.72 -38.98 35.80
CA SER F 127 9.10 -40.13 36.66
C SER F 127 8.88 -41.42 35.85
N VAL F 128 9.78 -42.39 35.99
CA VAL F 128 9.71 -43.68 35.23
C VAL F 128 9.65 -44.84 36.23
N PHE F 129 8.59 -45.65 36.11
CA PHE F 129 8.24 -46.74 37.05
C PHE F 129 8.17 -48.06 36.28
N PRO F 130 8.78 -49.16 36.77
CA PRO F 130 8.72 -50.45 36.10
C PRO F 130 7.36 -51.15 36.24
N LEU F 131 6.77 -51.53 35.12
CA LEU F 131 5.62 -52.48 35.08
C LEU F 131 6.21 -53.89 34.95
N ALA F 132 6.64 -54.46 36.08
CA ALA F 132 7.37 -55.75 36.14
C ALA F 132 6.49 -56.92 35.71
N PRO F 133 7.02 -57.88 34.92
CA PRO F 133 6.25 -59.06 34.54
C PRO F 133 6.08 -60.05 35.71
N SER F 134 4.92 -60.71 35.73
CA SER F 134 4.43 -61.63 36.79
C SER F 134 3.58 -62.72 36.13
N SER F 135 3.14 -63.74 36.87
CA SER F 135 2.10 -64.70 36.40
C SER F 135 0.85 -63.94 35.93
N LYS F 136 0.47 -62.86 36.63
CA LYS F 136 -0.68 -62.00 36.30
C LYS F 136 -0.43 -61.24 34.98
N SER F 137 0.83 -61.21 34.49
CA SER F 137 1.26 -60.59 33.21
C SER F 137 1.55 -61.65 32.14
N THR F 138 1.26 -62.93 32.40
CA THR F 138 1.76 -64.08 31.56
C THR F 138 0.58 -64.83 30.90
N SER F 139 0.76 -65.31 29.66
CA SER F 139 -0.18 -66.18 28.92
C SER F 139 0.49 -66.84 27.71
N GLY F 140 0.34 -68.17 27.56
CA GLY F 140 0.82 -68.98 26.43
C GLY F 140 2.29 -68.77 26.10
N GLY F 141 3.18 -69.03 27.06
CA GLY F 141 4.64 -68.96 26.88
C GLY F 141 5.15 -67.54 26.65
N THR F 142 4.26 -66.55 26.80
CA THR F 142 4.52 -65.11 26.57
C THR F 142 4.20 -64.33 27.86
N ALA F 143 4.94 -63.25 28.14
CA ALA F 143 4.69 -62.34 29.27
C ALA F 143 4.80 -60.88 28.82
N ALA F 144 3.93 -60.02 29.34
CA ALA F 144 3.99 -58.56 29.11
C ALA F 144 4.79 -57.90 30.24
N LEU F 145 5.67 -56.97 29.87
CA LEU F 145 6.38 -56.07 30.82
C LEU F 145 6.35 -54.66 30.23
N GLY F 146 6.70 -53.65 31.03
CA GLY F 146 6.69 -52.26 30.52
C GLY F 146 7.28 -51.22 31.46
N CYS F 147 7.13 -49.96 31.05
CA CYS F 147 7.49 -48.75 31.83
C CYS F 147 6.33 -47.75 31.80
N LEU F 148 5.83 -47.39 32.98
CA LEU F 148 4.93 -46.23 33.18
C LEU F 148 5.82 -44.96 33.22
N VAL F 149 5.56 -44.00 32.33
CA VAL F 149 6.30 -42.71 32.26
C VAL F 149 5.31 -41.61 32.61
N LYS F 150 5.42 -41.06 33.83
CA LYS F 150 4.31 -40.28 34.44
C LYS F 150 4.75 -38.83 34.75
N ASP F 151 3.77 -37.92 34.72
CA ASP F 151 3.82 -36.55 35.30
C ASP F 151 4.92 -35.70 34.64
N TYR F 152 4.92 -35.62 33.31
CA TYR F 152 5.84 -34.74 32.53
C TYR F 152 5.06 -33.66 31.79
N PHE F 153 5.76 -32.61 31.34
CA PHE F 153 5.17 -31.56 30.46
C PHE F 153 6.24 -30.83 29.67
N PRO F 154 6.00 -30.45 28.38
CA PRO F 154 4.91 -31.00 27.56
C PRO F 154 5.30 -32.33 26.92
N GLU F 155 4.52 -32.79 25.92
CA GLU F 155 4.97 -33.79 24.92
C GLU F 155 6.16 -33.18 24.16
N PRO F 156 7.06 -33.97 23.53
CA PRO F 156 7.02 -35.43 23.54
C PRO F 156 7.98 -36.15 24.50
N VAL F 157 7.48 -37.20 25.16
CA VAL F 157 8.31 -38.33 25.67
C VAL F 157 8.54 -39.30 24.50
N THR F 158 9.74 -39.87 24.45
CA THR F 158 10.12 -40.97 23.53
C THR F 158 10.66 -42.13 24.35
N VAL F 159 10.37 -43.36 23.91
CA VAL F 159 10.79 -44.62 24.59
C VAL F 159 11.27 -45.61 23.54
N SER F 160 12.37 -46.30 23.83
CA SER F 160 12.82 -47.53 23.11
C SER F 160 13.22 -48.59 24.12
N TRP F 161 13.49 -49.81 23.66
CA TRP F 161 13.85 -50.94 24.55
C TRP F 161 15.23 -51.51 24.17
N ASN F 162 16.09 -51.71 25.18
CA ASN F 162 17.46 -52.25 25.04
C ASN F 162 18.22 -51.55 23.90
N SER F 163 18.32 -50.21 23.97
CA SER F 163 19.04 -49.33 23.01
C SER F 163 18.46 -49.45 21.60
N GLY F 164 17.16 -49.77 21.48
CA GLY F 164 16.48 -49.94 20.18
C GLY F 164 16.60 -51.36 19.62
N ALA F 165 17.30 -52.27 20.31
CA ALA F 165 17.52 -53.67 19.86
C ALA F 165 16.26 -54.53 20.07
N LEU F 166 15.21 -53.99 20.71
CA LEU F 166 13.90 -54.68 20.87
C LEU F 166 12.77 -53.79 20.34
N THR F 167 12.08 -54.23 19.29
CA THR F 167 11.00 -53.48 18.59
C THR F 167 9.78 -54.36 18.31
N SER F 168 9.96 -55.67 18.12
CA SER F 168 8.84 -56.64 17.97
C SER F 168 8.04 -56.70 19.26
N GLY F 169 6.70 -56.69 19.14
CA GLY F 169 5.76 -56.88 20.27
C GLY F 169 5.70 -55.67 21.19
N VAL F 170 6.35 -54.56 20.81
CA VAL F 170 6.36 -53.29 21.60
C VAL F 170 5.12 -52.47 21.25
N HIS F 171 4.34 -52.07 22.25
CA HIS F 171 3.25 -51.08 22.14
C HIS F 171 3.57 -49.89 23.05
N THR F 172 3.76 -48.70 22.48
CA THR F 172 3.86 -47.44 23.24
C THR F 172 2.59 -46.63 23.00
N PHE F 173 1.95 -46.22 24.09
CA PHE F 173 0.58 -45.64 24.07
C PHE F 173 0.67 -44.13 23.87
N PRO F 174 -0.29 -43.53 23.14
CA PRO F 174 -0.45 -42.08 23.13
C PRO F 174 -0.58 -41.53 24.55
N ALA F 175 -0.12 -40.30 24.76
CA ALA F 175 -0.06 -39.66 26.09
C ALA F 175 -1.47 -39.28 26.57
N VAL F 176 -1.75 -39.51 27.85
CA VAL F 176 -2.95 -38.97 28.53
C VAL F 176 -2.55 -37.68 29.26
N LEU F 177 -3.23 -36.57 28.93
CA LEU F 177 -3.18 -35.35 29.78
C LEU F 177 -4.00 -35.63 31.04
N GLN F 178 -3.40 -35.45 32.22
CA GLN F 178 -4.03 -35.72 33.54
C GLN F 178 -4.65 -34.42 34.09
N SER F 179 -5.55 -34.54 35.07
CA SER F 179 -6.21 -33.41 35.77
C SER F 179 -5.18 -32.49 36.45
N SER F 180 -3.95 -32.95 36.65
CA SER F 180 -2.80 -32.19 37.23
C SER F 180 -2.19 -31.24 36.19
N GLY F 181 -2.66 -31.26 34.93
CA GLY F 181 -2.07 -30.51 33.83
C GLY F 181 -0.83 -31.18 33.26
N LEU F 182 -0.37 -32.28 33.88
CA LEU F 182 0.84 -33.03 33.44
C LEU F 182 0.42 -34.26 32.64
N TYR F 183 1.26 -34.67 31.70
CA TYR F 183 1.04 -35.87 30.85
C TYR F 183 1.57 -37.15 31.51
N SER F 184 1.04 -38.28 31.04
CA SER F 184 1.49 -39.66 31.40
C SER F 184 1.38 -40.56 30.16
N LEU F 185 2.26 -41.57 30.03
CA LEU F 185 2.04 -42.69 29.07
C LEU F 185 2.61 -44.01 29.62
N SER F 186 2.40 -45.09 28.89
CA SER F 186 3.06 -46.40 29.14
C SER F 186 3.66 -46.95 27.84
N SER F 187 4.83 -47.56 27.96
CA SER F 187 5.44 -48.42 26.92
C SER F 187 5.44 -49.84 27.45
N VAL F 188 4.92 -50.80 26.69
CA VAL F 188 4.87 -52.23 27.07
C VAL F 188 5.44 -53.07 25.94
N VAL F 189 5.90 -54.27 26.28
CA VAL F 189 6.43 -55.23 25.27
C VAL F 189 6.08 -56.66 25.72
N THR F 190 5.63 -57.48 24.77
CA THR F 190 5.42 -58.94 24.95
C THR F 190 6.73 -59.66 24.62
N VAL F 191 7.25 -60.44 25.58
CA VAL F 191 8.50 -61.25 25.45
C VAL F 191 8.18 -62.69 25.84
N PRO F 192 8.98 -63.69 25.41
CA PRO F 192 8.79 -65.07 25.88
C PRO F 192 8.95 -65.14 27.41
N SER F 193 8.02 -65.79 28.12
CA SER F 193 8.03 -65.85 29.60
C SER F 193 9.29 -66.60 30.09
N SER F 194 9.82 -67.51 29.27
CA SER F 194 11.08 -68.27 29.54
C SER F 194 12.32 -67.37 29.41
N SER F 195 12.20 -66.18 28.82
CA SER F 195 13.34 -65.22 28.63
C SER F 195 13.59 -64.41 29.92
N LEU F 196 12.61 -64.33 30.83
CA LEU F 196 12.69 -63.51 32.07
C LEU F 196 13.82 -64.05 32.97
N GLY F 197 14.68 -63.16 33.48
CA GLY F 197 15.78 -63.53 34.40
C GLY F 197 17.00 -64.05 33.66
N THR F 198 16.86 -64.52 32.42
CA THR F 198 17.99 -64.90 31.53
C THR F 198 18.38 -63.68 30.69
N GLN F 199 17.39 -63.00 30.10
CA GLN F 199 17.58 -61.73 29.35
C GLN F 199 17.31 -60.53 30.26
N THR F 200 18.04 -59.43 30.04
CA THR F 200 17.80 -58.13 30.72
C THR F 200 16.94 -57.25 29.81
N TYR F 201 15.97 -56.54 30.39
CA TYR F 201 15.09 -55.58 29.67
C TYR F 201 15.19 -54.21 30.36
N ILE F 202 15.46 -53.20 29.53
CA ILE F 202 15.61 -51.77 29.94
C ILE F 202 14.77 -50.91 28.99
N CYS F 203 13.95 -50.01 29.53
CA CYS F 203 13.29 -48.95 28.73
C CYS F 203 14.20 -47.71 28.73
N ASN F 204 14.59 -47.28 27.53
CA ASN F 204 15.44 -46.09 27.30
C ASN F 204 14.50 -44.91 27.05
N VAL F 205 14.26 -44.09 28.08
CA VAL F 205 13.30 -42.95 28.03
C VAL F 205 14.07 -41.66 27.75
N ASN F 206 13.53 -40.82 26.86
CA ASN F 206 14.16 -39.53 26.43
C ASN F 206 13.08 -38.45 26.32
N HIS F 207 13.27 -37.33 27.03
CA HIS F 207 12.37 -36.14 27.04
C HIS F 207 13.18 -34.87 26.78
N LYS F 208 13.26 -34.41 25.53
CA LYS F 208 14.08 -33.23 25.14
C LYS F 208 13.66 -31.97 25.91
N PRO F 209 12.35 -31.65 26.10
CA PRO F 209 11.97 -30.45 26.83
C PRO F 209 12.43 -30.31 28.31
N SER F 210 13.07 -31.33 28.88
CA SER F 210 13.73 -31.27 30.21
C SER F 210 15.16 -31.81 30.18
N ASN F 211 15.65 -32.23 29.00
CA ASN F 211 16.92 -33.00 28.79
C ASN F 211 16.95 -34.28 29.63
N THR F 212 15.81 -34.78 30.12
CA THR F 212 15.76 -36.03 30.94
C THR F 212 16.01 -37.25 30.06
N LYS F 213 16.99 -38.07 30.43
CA LYS F 213 17.18 -39.45 29.90
C LYS F 213 17.25 -40.43 31.06
N VAL F 214 16.42 -41.48 31.03
CA VAL F 214 16.37 -42.53 32.09
C VAL F 214 16.35 -43.90 31.43
N ASP F 215 17.38 -44.69 31.70
CA ASP F 215 17.51 -46.10 31.26
C ASP F 215 16.98 -47.00 32.39
N LYS F 216 15.67 -47.20 32.44
CA LYS F 216 15.02 -47.93 33.58
C LYS F 216 15.01 -49.43 33.29
N LYS F 217 15.85 -50.18 34.01
CA LYS F 217 15.80 -51.67 34.04
C LYS F 217 14.45 -52.12 34.64
N VAL F 218 13.83 -53.12 34.01
CA VAL F 218 12.58 -53.74 34.52
C VAL F 218 12.92 -55.16 34.98
N GLU F 219 13.04 -55.36 36.29
CA GLU F 219 13.34 -56.69 36.90
C GLU F 219 12.07 -57.55 36.84
N PRO F 220 12.21 -58.87 36.57
CA PRO F 220 11.07 -59.78 36.60
C PRO F 220 10.64 -60.13 38.02
N LYS F 221 9.35 -60.36 38.23
CA LYS F 221 8.84 -60.99 39.47
C LYS F 221 8.85 -62.51 39.28
N SER F 222 9.05 -63.25 40.37
CA SER F 222 9.15 -64.73 40.40
C SER F 222 7.77 -65.37 40.59
N CYS F 223 6.72 -64.56 40.79
CA CYS F 223 5.33 -65.01 41.09
C CYS F 223 4.36 -64.41 40.08
N ILE G 5 28.16 -12.02 -27.30
CA ILE G 5 28.07 -13.45 -26.89
C ILE G 5 27.63 -13.51 -25.42
N THR G 6 26.86 -14.54 -25.05
CA THR G 6 26.22 -14.71 -23.71
C THR G 6 25.69 -13.33 -23.25
N ASN G 7 24.91 -12.68 -24.12
CA ASN G 7 24.21 -11.39 -23.84
C ASN G 7 23.23 -11.65 -22.69
N LEU G 8 23.14 -10.75 -21.71
CA LEU G 8 22.18 -10.93 -20.56
C LEU G 8 20.76 -10.64 -21.06
N CYS G 9 19.78 -11.34 -20.50
CA CYS G 9 18.34 -11.16 -20.80
C CYS G 9 17.88 -9.80 -20.26
N PRO G 10 17.21 -8.98 -21.09
CA PRO G 10 16.90 -7.60 -20.74
C PRO G 10 15.72 -7.36 -19.78
N PHE G 11 15.66 -8.08 -18.65
CA PHE G 11 14.53 -7.98 -17.69
C PHE G 11 14.47 -6.55 -17.13
N GLY G 12 15.63 -5.91 -16.95
CA GLY G 12 15.76 -4.50 -16.53
C GLY G 12 14.92 -3.57 -17.39
N GLU G 13 14.84 -3.83 -18.70
CA GLU G 13 14.13 -2.98 -19.69
C GLU G 13 12.60 -3.22 -19.67
N VAL G 14 12.09 -4.07 -18.76
CA VAL G 14 10.62 -4.22 -18.54
C VAL G 14 10.29 -3.73 -17.11
N PHE G 15 11.08 -4.11 -16.11
CA PHE G 15 10.86 -3.71 -14.69
C PHE G 15 11.16 -2.22 -14.55
N ASN G 16 12.26 -1.77 -15.16
CA ASN G 16 12.81 -0.41 -15.02
C ASN G 16 12.34 0.50 -16.16
N ALA G 17 11.27 0.14 -16.89
CA ALA G 17 10.68 0.98 -17.96
C ALA G 17 9.95 2.19 -17.33
N THR G 18 10.11 3.39 -17.90
CA THR G 18 9.52 4.65 -17.36
C THR G 18 7.99 4.55 -17.38
N ARG G 19 7.44 4.06 -18.49
CA ARG G 19 5.97 4.10 -18.77
C ARG G 19 5.51 2.73 -19.25
N PHE G 20 4.34 2.31 -18.76
CA PHE G 20 3.73 0.97 -18.98
C PHE G 20 2.53 1.10 -19.91
N ALA G 21 2.04 -0.03 -20.43
CA ALA G 21 0.87 -0.06 -21.35
C ALA G 21 -0.43 -0.02 -20.55
N SER G 22 -1.48 0.53 -21.17
CA SER G 22 -2.90 0.29 -20.75
C SER G 22 -3.22 -1.19 -20.94
N VAL G 23 -3.92 -1.82 -20.00
CA VAL G 23 -4.08 -3.30 -19.92
C VAL G 23 -4.86 -3.85 -21.13
N TYR G 24 -5.82 -3.10 -21.70
CA TYR G 24 -6.56 -3.48 -22.93
C TYR G 24 -5.58 -3.62 -24.10
N ALA G 25 -4.48 -2.88 -24.06
CA ALA G 25 -3.45 -2.80 -25.12
C ALA G 25 -2.10 -3.26 -24.55
N TRP G 26 -2.13 -4.30 -23.72
CA TRP G 26 -0.94 -4.83 -22.99
C TRP G 26 0.29 -4.93 -23.89
N ASN G 27 1.47 -4.58 -23.35
CA ASN G 27 2.76 -4.66 -24.06
C ASN G 27 3.29 -6.10 -23.96
N ARG G 28 3.93 -6.60 -25.01
CA ARG G 28 4.65 -7.91 -24.99
C ARG G 28 6.09 -7.72 -25.49
N LYS G 29 7.08 -7.98 -24.62
CA LYS G 29 8.51 -7.96 -25.00
C LYS G 29 9.02 -9.41 -25.07
N ARG G 30 9.37 -9.85 -26.28
CA ARG G 30 9.93 -11.20 -26.54
C ARG G 30 11.41 -11.23 -26.16
N ILE G 31 11.83 -12.29 -25.49
CA ILE G 31 13.24 -12.51 -25.04
C ILE G 31 13.72 -13.86 -25.59
N SER G 32 14.90 -13.86 -26.22
CA SER G 32 15.52 -15.02 -26.89
C SER G 32 17.04 -14.91 -26.79
N ASN G 33 17.75 -16.03 -26.94
CA ASN G 33 19.20 -16.11 -27.24
C ASN G 33 19.99 -15.30 -26.20
N CYS G 34 19.70 -15.50 -24.91
CA CYS G 34 20.35 -14.74 -23.81
C CYS G 34 20.52 -15.61 -22.57
N VAL G 35 21.46 -15.24 -21.70
CA VAL G 35 21.62 -15.89 -20.37
C VAL G 35 20.82 -15.06 -19.36
N ALA G 36 19.91 -15.72 -18.65
CA ALA G 36 18.99 -15.10 -17.69
C ALA G 36 19.61 -15.14 -16.29
N ASP G 37 19.67 -14.01 -15.61
CA ASP G 37 19.87 -13.98 -14.15
C ASP G 37 18.50 -13.77 -13.49
N TYR G 38 18.05 -14.73 -12.70
CA TYR G 38 16.79 -14.60 -11.93
C TYR G 38 17.08 -14.11 -10.51
N SER G 39 18.35 -13.88 -10.15
CA SER G 39 18.75 -13.38 -8.80
C SER G 39 18.07 -12.03 -8.52
N VAL G 40 17.93 -11.17 -9.53
CA VAL G 40 17.25 -9.84 -9.43
C VAL G 40 15.78 -10.02 -9.01
N LEU G 41 15.21 -11.21 -9.19
CA LEU G 41 13.76 -11.51 -9.00
C LEU G 41 13.52 -12.08 -7.59
N TYR G 42 14.55 -12.58 -6.91
CA TYR G 42 14.45 -13.22 -5.58
C TYR G 42 14.55 -12.16 -4.47
N ASN G 43 14.01 -12.48 -3.29
CA ASN G 43 14.07 -11.66 -2.04
C ASN G 43 13.59 -10.23 -2.29
N SER G 44 12.61 -10.08 -3.18
CA SER G 44 12.10 -8.78 -3.68
C SER G 44 11.31 -8.03 -2.60
N ALA G 45 11.83 -6.88 -2.13
CA ALA G 45 11.19 -6.03 -1.10
C ALA G 45 9.99 -5.24 -1.70
N SER G 46 9.99 -4.95 -3.00
CA SER G 46 8.98 -4.07 -3.66
C SER G 46 7.79 -4.87 -4.20
N PHE G 47 7.96 -6.15 -4.54
CA PHE G 47 6.89 -6.94 -5.21
C PHE G 47 5.84 -7.36 -4.19
N SER G 48 4.65 -6.75 -4.28
CA SER G 48 3.44 -7.12 -3.50
C SER G 48 2.92 -8.49 -3.99
N THR G 49 3.29 -8.88 -5.21
CA THR G 49 2.90 -10.20 -5.78
C THR G 49 4.09 -10.78 -6.56
N PHE G 50 4.47 -12.00 -6.20
CA PHE G 50 5.36 -12.87 -6.99
C PHE G 50 4.84 -14.30 -6.85
N LYS G 51 4.27 -14.83 -7.93
CA LYS G 51 3.68 -16.20 -7.97
C LYS G 51 4.08 -16.83 -9.29
N CYS G 52 4.35 -18.14 -9.27
CA CYS G 52 4.73 -18.88 -10.50
C CYS G 52 3.76 -20.04 -10.70
N TYR G 53 3.62 -20.43 -11.97
CA TYR G 53 2.59 -21.35 -12.51
C TYR G 53 3.34 -22.36 -13.37
N GLY G 54 3.25 -23.64 -13.01
CA GLY G 54 3.91 -24.75 -13.72
C GLY G 54 5.41 -24.84 -13.47
N VAL G 55 6.01 -23.90 -12.71
CA VAL G 55 7.46 -23.95 -12.32
C VAL G 55 7.65 -23.40 -10.90
N SER G 56 8.68 -23.90 -10.21
CA SER G 56 9.18 -23.41 -8.90
C SER G 56 10.09 -22.22 -9.17
N PRO G 57 9.99 -21.10 -8.40
CA PRO G 57 10.77 -19.91 -8.69
C PRO G 57 12.29 -20.15 -8.57
N THR G 58 12.72 -20.96 -7.60
CA THR G 58 14.13 -21.43 -7.44
C THR G 58 14.65 -22.01 -8.76
N LYS G 59 13.84 -22.84 -9.40
CA LYS G 59 14.25 -23.68 -10.54
C LYS G 59 14.38 -22.85 -11.82
N LEU G 60 14.08 -21.55 -11.82
CA LEU G 60 14.27 -20.68 -13.01
C LEU G 60 15.76 -20.62 -13.37
N ASN G 61 16.66 -20.68 -12.38
CA ASN G 61 18.13 -20.71 -12.62
C ASN G 61 18.57 -22.07 -13.19
N ASP G 62 17.84 -23.17 -12.91
CA ASP G 62 18.17 -24.55 -13.34
C ASP G 62 17.68 -24.83 -14.78
N LEU G 63 16.86 -23.96 -15.36
CA LEU G 63 16.03 -24.30 -16.55
C LEU G 63 16.46 -23.51 -17.81
N CYS G 64 16.00 -23.99 -18.96
CA CYS G 64 16.11 -23.31 -20.28
C CYS G 64 14.76 -23.32 -21.01
N PHE G 65 14.53 -22.27 -21.82
CA PHE G 65 13.26 -21.95 -22.52
C PHE G 65 13.56 -21.59 -23.98
N THR G 66 12.64 -21.87 -24.90
CA THR G 66 12.79 -21.52 -26.34
C THR G 66 12.64 -20.00 -26.50
N ASN G 67 11.56 -19.47 -25.94
CA ASN G 67 11.28 -18.01 -25.86
C ASN G 67 10.81 -17.69 -24.43
N VAL G 68 11.03 -16.46 -24.01
CA VAL G 68 10.35 -15.89 -22.81
C VAL G 68 9.60 -14.64 -23.27
N TYR G 69 8.35 -14.48 -22.86
CA TYR G 69 7.56 -13.26 -23.18
C TYR G 69 7.30 -12.52 -21.87
N ALA G 70 7.80 -11.30 -21.78
CA ALA G 70 7.52 -10.36 -20.67
C ALA G 70 6.36 -9.46 -21.08
N ASP G 71 5.16 -9.77 -20.61
CA ASP G 71 3.96 -8.92 -20.84
C ASP G 71 3.88 -7.90 -19.71
N SER G 72 3.45 -6.67 -20.00
CA SER G 72 3.45 -5.57 -19.00
C SER G 72 2.27 -4.61 -19.20
N PHE G 73 1.70 -4.15 -18.07
CA PHE G 73 0.50 -3.26 -18.02
C PHE G 73 0.25 -2.74 -16.60
N VAL G 74 -0.65 -1.77 -16.46
CA VAL G 74 -1.11 -1.23 -15.14
C VAL G 74 -2.60 -1.55 -14.94
N ILE G 75 -2.96 -1.93 -13.71
CA ILE G 75 -4.37 -2.18 -13.26
C ILE G 75 -4.47 -1.76 -11.78
N ARG G 76 -5.63 -1.95 -11.15
CA ARG G 76 -5.76 -1.67 -9.69
C ARG G 76 -5.17 -2.85 -8.90
N GLY G 77 -4.74 -2.59 -7.66
CA GLY G 77 -4.40 -3.64 -6.66
C GLY G 77 -5.50 -4.68 -6.56
N ASP G 78 -6.77 -4.24 -6.45
CA ASP G 78 -8.00 -5.09 -6.40
C ASP G 78 -8.02 -6.12 -7.54
N GLU G 79 -7.44 -5.78 -8.69
CA GLU G 79 -7.61 -6.50 -9.97
C GLU G 79 -6.41 -7.42 -10.24
N VAL G 80 -5.31 -7.30 -9.48
CA VAL G 80 -4.10 -8.16 -9.64
C VAL G 80 -4.51 -9.63 -9.44
N ARG G 81 -5.52 -9.89 -8.62
CA ARG G 81 -6.04 -11.27 -8.34
C ARG G 81 -6.72 -11.87 -9.58
N GLN G 82 -6.85 -11.12 -10.69
CA GLN G 82 -7.45 -11.61 -11.96
C GLN G 82 -6.35 -12.08 -12.92
N ILE G 83 -5.09 -11.71 -12.66
CA ILE G 83 -3.94 -12.05 -13.56
C ILE G 83 -3.41 -13.42 -13.13
N ALA G 84 -4.22 -14.45 -13.38
CA ALA G 84 -3.88 -15.86 -13.06
C ALA G 84 -4.71 -16.82 -13.89
N PRO G 85 -4.25 -18.10 -13.99
CA PRO G 85 -5.07 -19.16 -14.59
C PRO G 85 -6.43 -19.33 -13.88
N GLY G 86 -7.45 -19.74 -14.64
CA GLY G 86 -8.80 -20.06 -14.13
C GLY G 86 -9.48 -18.87 -13.46
N GLN G 87 -9.05 -17.65 -13.75
CA GLN G 87 -9.67 -16.41 -13.21
C GLN G 87 -10.72 -15.83 -14.16
N THR G 88 -11.74 -15.18 -13.59
CA THR G 88 -12.76 -14.33 -14.29
C THR G 88 -12.89 -12.96 -13.59
N GLY G 89 -13.58 -12.04 -14.25
CA GLY G 89 -13.66 -10.60 -13.93
C GLY G 89 -13.20 -9.76 -15.10
N LYS G 90 -13.57 -8.47 -15.13
CA LYS G 90 -13.41 -7.56 -16.30
C LYS G 90 -12.00 -7.63 -16.90
N ILE G 91 -10.96 -7.79 -16.07
CA ILE G 91 -9.55 -7.71 -16.57
C ILE G 91 -9.19 -9.06 -17.19
N ALA G 92 -9.49 -10.16 -16.50
CA ALA G 92 -9.27 -11.53 -17.00
C ALA G 92 -10.09 -11.77 -18.27
N ASP G 93 -11.35 -11.32 -18.29
CA ASP G 93 -12.35 -11.64 -19.33
C ASP G 93 -12.20 -10.72 -20.56
N TYR G 94 -11.87 -9.43 -20.40
CA TYR G 94 -11.88 -8.46 -21.54
C TYR G 94 -10.52 -7.78 -21.79
N ASN G 95 -9.48 -8.00 -20.98
CA ASN G 95 -8.21 -7.22 -21.12
C ASN G 95 -6.98 -8.14 -21.30
N TYR G 96 -6.74 -9.06 -20.35
CA TYR G 96 -5.56 -9.97 -20.40
C TYR G 96 -5.94 -11.32 -19.77
N LYS G 97 -6.22 -12.31 -20.61
CA LYS G 97 -6.54 -13.70 -20.16
C LYS G 97 -5.27 -14.56 -20.18
N LEU G 98 -4.96 -15.19 -19.05
CA LEU G 98 -3.99 -16.31 -18.98
C LEU G 98 -4.73 -17.64 -19.19
N PRO G 99 -4.07 -18.65 -19.80
CA PRO G 99 -4.68 -19.98 -19.96
C PRO G 99 -4.64 -20.79 -18.65
N ASP G 100 -5.31 -21.93 -18.62
CA ASP G 100 -5.48 -22.76 -17.41
C ASP G 100 -4.24 -23.65 -17.21
N ASP G 101 -3.39 -23.77 -18.24
CA ASP G 101 -2.17 -24.63 -18.27
C ASP G 101 -0.90 -23.76 -18.30
N PHE G 102 -1.05 -22.46 -18.03
CA PHE G 102 0.02 -21.42 -18.06
C PHE G 102 1.30 -21.89 -17.38
N THR G 103 2.41 -21.80 -18.10
CA THR G 103 3.78 -21.93 -17.57
C THR G 103 4.43 -20.54 -17.56
N GLY G 104 4.75 -20.01 -16.37
CA GLY G 104 5.27 -18.64 -16.22
C GLY G 104 5.22 -18.13 -14.79
N CYS G 105 5.48 -16.83 -14.62
CA CYS G 105 5.33 -16.13 -13.32
C CYS G 105 4.59 -14.80 -13.50
N VAL G 106 3.80 -14.43 -12.51
CA VAL G 106 3.08 -13.13 -12.44
C VAL G 106 3.67 -12.31 -11.30
N ILE G 107 4.04 -11.07 -11.60
CA ILE G 107 4.80 -10.17 -10.67
C ILE G 107 4.16 -8.80 -10.70
N ALA G 108 3.97 -8.18 -9.53
CA ALA G 108 3.27 -6.89 -9.40
C ALA G 108 3.79 -6.10 -8.19
N TRP G 109 3.78 -4.78 -8.32
CA TRP G 109 4.09 -3.81 -7.24
C TRP G 109 3.20 -2.58 -7.35
N ASN G 110 2.93 -1.95 -6.20
CA ASN G 110 2.19 -0.67 -6.11
C ASN G 110 3.01 0.39 -6.83
N SER G 111 2.36 1.24 -7.63
CA SER G 111 3.04 2.30 -8.42
C SER G 111 2.30 3.64 -8.30
N ASN G 112 1.66 3.92 -7.15
CA ASN G 112 0.90 5.17 -6.90
C ASN G 112 1.82 6.38 -7.12
N ASN G 113 3.13 6.22 -6.90
CA ASN G 113 4.14 7.30 -6.99
C ASN G 113 4.61 7.49 -8.45
N LEU G 114 4.37 6.53 -9.35
CA LEU G 114 4.77 6.59 -10.78
C LEU G 114 3.56 6.88 -11.67
N ASP G 115 2.37 6.40 -11.27
CA ASP G 115 1.19 6.26 -12.16
C ASP G 115 -0.04 6.99 -11.59
N SER G 116 0.05 7.66 -10.45
CA SER G 116 -0.95 8.69 -10.02
C SER G 116 -0.30 10.08 -10.10
N LYS G 117 -1.11 11.14 -10.03
CA LYS G 117 -0.71 12.48 -10.50
C LYS G 117 -1.69 13.52 -9.95
N VAL G 118 -1.19 14.72 -9.62
CA VAL G 118 -2.05 15.89 -9.30
C VAL G 118 -2.95 16.14 -10.52
N GLY G 119 -4.25 16.32 -10.26
CA GLY G 119 -5.30 16.47 -11.29
C GLY G 119 -5.71 15.14 -11.90
N GLY G 120 -5.16 14.02 -11.40
CA GLY G 120 -5.56 12.65 -11.77
C GLY G 120 -4.80 12.09 -12.97
N ASN G 121 -4.57 10.78 -13.00
CA ASN G 121 -3.97 10.09 -14.18
C ASN G 121 -5.02 9.23 -14.89
N TYR G 122 -5.93 9.88 -15.60
CA TYR G 122 -7.03 9.22 -16.36
C TYR G 122 -6.51 8.60 -17.67
N ASN G 123 -5.20 8.41 -17.81
CA ASN G 123 -4.55 8.04 -19.10
C ASN G 123 -4.49 6.51 -19.24
N TYR G 124 -4.48 5.77 -18.12
CA TYR G 124 -4.54 4.28 -18.13
C TYR G 124 -5.99 3.82 -18.33
N LEU G 125 -6.20 2.91 -19.28
CA LEU G 125 -7.54 2.47 -19.75
C LEU G 125 -7.74 0.97 -19.51
N TYR G 126 -9.00 0.55 -19.32
CA TYR G 126 -9.43 -0.87 -19.35
C TYR G 126 -10.68 -1.03 -20.22
N ARG G 127 -10.79 -2.19 -20.87
CA ARG G 127 -12.01 -2.58 -21.64
C ARG G 127 -13.11 -2.94 -20.66
N LEU G 128 -14.24 -2.24 -20.75
CA LEU G 128 -15.42 -2.39 -19.86
C LEU G 128 -16.40 -3.40 -20.47
N PHE G 129 -16.41 -3.54 -21.79
CA PHE G 129 -17.35 -4.43 -22.54
C PHE G 129 -16.64 -5.13 -23.71
N ARG G 130 -17.05 -6.39 -23.96
CA ARG G 130 -16.70 -7.18 -25.18
C ARG G 130 -17.86 -8.15 -25.46
N LYS G 131 -18.03 -8.57 -26.72
CA LYS G 131 -19.14 -9.49 -27.15
C LYS G 131 -18.87 -10.91 -26.65
N SER G 132 -17.61 -11.26 -26.41
CA SER G 132 -17.17 -12.55 -25.81
C SER G 132 -15.99 -12.29 -24.88
N ASN G 133 -15.63 -13.27 -24.05
CA ASN G 133 -14.37 -13.24 -23.28
C ASN G 133 -13.19 -13.35 -24.25
N LEU G 134 -12.01 -12.92 -23.80
CA LEU G 134 -10.73 -13.11 -24.53
C LEU G 134 -10.34 -14.59 -24.51
N LYS G 135 -9.80 -15.10 -25.63
CA LYS G 135 -8.97 -16.34 -25.60
C LYS G 135 -7.67 -16.01 -24.88
N PRO G 136 -6.96 -17.00 -24.29
CA PRO G 136 -5.65 -16.76 -23.69
C PRO G 136 -4.69 -16.03 -24.64
N PHE G 137 -4.07 -14.97 -24.13
CA PHE G 137 -3.13 -14.06 -24.84
C PHE G 137 -3.81 -13.38 -26.06
N GLU G 138 -5.14 -13.29 -26.09
CA GLU G 138 -5.86 -12.45 -27.10
C GLU G 138 -5.71 -11.00 -26.67
N ARG G 139 -5.53 -10.09 -27.65
CA ARG G 139 -5.30 -8.65 -27.41
C ARG G 139 -6.31 -7.86 -28.24
N ASP G 140 -7.35 -7.34 -27.60
CA ASP G 140 -8.43 -6.57 -28.28
C ASP G 140 -8.19 -5.08 -28.05
N ILE G 141 -7.84 -4.34 -29.11
CA ILE G 141 -7.64 -2.85 -29.05
C ILE G 141 -8.73 -2.11 -29.85
N SER G 142 -9.83 -2.77 -30.23
CA SER G 142 -11.00 -2.16 -30.91
C SER G 142 -11.60 -1.02 -30.07
N THR G 143 -11.92 0.11 -30.70
CA THR G 143 -12.66 1.23 -30.07
C THR G 143 -14.09 1.26 -30.62
N GLU G 144 -14.65 0.10 -30.99
CA GLU G 144 -16.02 -0.01 -31.56
C GLU G 144 -17.05 0.19 -30.44
N ILE G 145 -18.02 1.07 -30.66
CA ILE G 145 -19.09 1.40 -29.67
C ILE G 145 -19.88 0.14 -29.35
N TYR G 146 -19.87 -0.29 -28.08
CA TYR G 146 -20.50 -1.55 -27.62
C TYR G 146 -22.03 -1.38 -27.61
N GLN G 147 -22.68 -2.06 -28.56
CA GLN G 147 -24.15 -2.24 -28.58
C GLN G 147 -24.59 -3.18 -27.45
N ALA G 148 -25.35 -2.68 -26.48
CA ALA G 148 -25.88 -3.43 -25.32
C ALA G 148 -27.38 -3.76 -25.49
N GLY G 149 -28.07 -3.11 -26.43
CA GLY G 149 -29.51 -3.29 -26.68
C GLY G 149 -29.80 -3.71 -28.11
N SER G 150 -31.08 -4.00 -28.40
CA SER G 150 -31.60 -4.52 -29.69
C SER G 150 -31.35 -3.52 -30.83
N THR G 151 -31.18 -2.23 -30.51
CA THR G 151 -31.05 -1.12 -31.49
C THR G 151 -29.59 -1.00 -31.93
N PRO G 152 -29.29 -1.07 -33.26
CA PRO G 152 -27.95 -0.79 -33.77
C PRO G 152 -27.43 0.62 -33.44
N CYS G 153 -26.15 0.72 -33.09
CA CYS G 153 -25.50 1.96 -32.61
C CYS G 153 -24.98 2.81 -33.78
N ASN G 154 -24.88 2.26 -35.01
CA ASN G 154 -24.39 2.95 -36.23
C ASN G 154 -23.06 3.69 -35.96
N GLY G 155 -22.27 3.24 -34.96
CA GLY G 155 -20.92 3.74 -34.66
C GLY G 155 -20.91 4.94 -33.71
N VAL G 156 -22.05 5.32 -33.13
CA VAL G 156 -22.16 6.50 -32.20
C VAL G 156 -22.74 6.07 -30.85
N GLU G 157 -22.51 6.87 -29.81
CA GLU G 157 -22.93 6.55 -28.43
C GLU G 157 -24.33 7.09 -28.14
N GLY G 158 -24.98 6.51 -27.12
CA GLY G 158 -26.29 6.96 -26.62
C GLY G 158 -26.91 5.92 -25.70
N PHE G 159 -28.23 5.79 -25.77
CA PHE G 159 -29.02 4.80 -25.01
C PHE G 159 -28.58 3.39 -25.42
N ASN G 160 -28.03 2.61 -24.47
CA ASN G 160 -27.55 1.20 -24.65
C ASN G 160 -26.48 1.11 -25.76
N CYS G 161 -25.72 2.18 -25.97
CA CYS G 161 -24.60 2.30 -26.96
C CYS G 161 -23.45 3.05 -26.29
N TYR G 162 -22.41 2.34 -25.84
CA TYR G 162 -21.38 2.90 -24.92
C TYR G 162 -19.98 2.69 -25.50
N PHE G 163 -19.05 3.62 -25.25
CA PHE G 163 -17.60 3.42 -25.56
C PHE G 163 -17.13 2.15 -24.87
N PRO G 164 -16.36 1.26 -25.55
CA PRO G 164 -15.96 -0.02 -24.96
C PRO G 164 -14.85 0.06 -23.89
N LEU G 165 -14.16 1.21 -23.80
CA LEU G 165 -13.04 1.43 -22.83
C LEU G 165 -13.43 2.49 -21.78
N GLN G 166 -12.83 2.38 -20.60
CA GLN G 166 -13.08 3.25 -19.43
C GLN G 166 -11.72 3.61 -18.82
N SER G 167 -11.55 4.87 -18.39
CA SER G 167 -10.32 5.36 -17.75
C SER G 167 -10.29 4.92 -16.28
N TYR G 168 -9.13 4.51 -15.80
CA TYR G 168 -8.88 4.37 -14.35
C TYR G 168 -8.79 5.76 -13.70
N GLY G 169 -9.58 5.97 -12.64
CA GLY G 169 -9.53 7.18 -11.81
C GLY G 169 -8.37 7.17 -10.83
N PHE G 170 -7.14 7.21 -11.35
CA PHE G 170 -5.90 7.17 -10.52
C PHE G 170 -5.60 8.58 -9.97
N GLN G 171 -6.38 8.97 -8.97
CA GLN G 171 -6.15 10.17 -8.10
C GLN G 171 -5.21 9.74 -6.97
N PRO G 172 -4.22 10.57 -6.57
CA PRO G 172 -3.30 10.22 -5.48
C PRO G 172 -3.93 9.74 -4.16
N THR G 173 -5.15 10.20 -3.84
CA THR G 173 -5.85 9.88 -2.57
C THR G 173 -6.54 8.51 -2.62
N ASN G 174 -6.51 7.81 -3.78
CA ASN G 174 -7.08 6.45 -3.94
C ASN G 174 -6.62 5.54 -2.80
N GLY G 175 -7.56 4.78 -2.19
CA GLY G 175 -7.27 3.74 -1.19
C GLY G 175 -6.38 2.65 -1.76
N VAL G 176 -5.66 1.91 -0.91
CA VAL G 176 -4.51 1.03 -1.31
C VAL G 176 -4.93 0.11 -2.47
N GLY G 177 -6.09 -0.57 -2.38
CA GLY G 177 -6.59 -1.51 -3.41
C GLY G 177 -6.90 -0.81 -4.73
N TYR G 178 -7.32 0.46 -4.65
CA TYR G 178 -7.80 1.30 -5.77
C TYR G 178 -6.63 2.06 -6.44
N GLN G 179 -5.41 1.96 -5.91
CA GLN G 179 -4.19 2.62 -6.48
C GLN G 179 -3.71 1.83 -7.70
N PRO G 180 -2.91 2.46 -8.60
CA PRO G 180 -2.33 1.73 -9.73
C PRO G 180 -1.22 0.77 -9.25
N TYR G 181 -1.18 -0.41 -9.87
CA TYR G 181 -0.12 -1.44 -9.69
C TYR G 181 0.46 -1.78 -11.06
N ARG G 182 1.79 -1.71 -11.16
CA ARG G 182 2.52 -2.17 -12.37
C ARG G 182 2.60 -3.70 -12.28
N VAL G 183 2.24 -4.37 -13.37
CA VAL G 183 2.22 -5.86 -13.47
C VAL G 183 3.15 -6.28 -14.61
N VAL G 184 3.98 -7.29 -14.35
CA VAL G 184 4.86 -7.96 -15.35
C VAL G 184 4.57 -9.46 -15.29
N VAL G 185 4.24 -10.05 -16.43
CA VAL G 185 3.95 -11.51 -16.55
C VAL G 185 5.00 -12.13 -17.44
N LEU G 186 5.83 -13.02 -16.87
CA LEU G 186 6.88 -13.76 -17.59
C LEU G 186 6.30 -15.11 -18.03
N SER G 187 5.83 -15.19 -19.29
CA SER G 187 5.45 -16.45 -19.96
C SER G 187 6.72 -17.20 -20.35
N PHE G 188 6.88 -18.45 -19.93
CA PHE G 188 8.04 -19.32 -20.28
C PHE G 188 7.60 -20.36 -21.32
N GLU G 189 8.25 -20.34 -22.48
CA GLU G 189 7.92 -21.23 -23.62
C GLU G 189 8.97 -22.35 -23.69
N LEU G 190 8.53 -23.56 -23.98
CA LEU G 190 9.44 -24.67 -24.37
C LEU G 190 8.80 -25.40 -25.56
N LEU G 191 9.62 -25.66 -26.57
CA LEU G 191 9.17 -26.13 -27.91
C LEU G 191 10.25 -27.05 -28.48
N HIS G 192 10.12 -27.39 -29.76
CA HIS G 192 11.06 -28.26 -30.51
C HIS G 192 12.42 -27.60 -30.72
N ALA G 193 12.47 -26.26 -30.73
CA ALA G 193 13.67 -25.47 -31.04
C ALA G 193 14.67 -25.58 -29.88
N PRO G 194 16.00 -25.44 -30.14
CA PRO G 194 16.98 -25.31 -29.07
C PRO G 194 16.59 -24.21 -28.08
N ALA G 195 16.65 -24.53 -26.78
CA ALA G 195 16.17 -23.65 -25.69
C ALA G 195 17.12 -22.45 -25.56
N THR G 196 16.80 -21.34 -26.22
CA THR G 196 17.73 -20.19 -26.45
C THR G 196 17.96 -19.39 -25.16
N VAL G 197 17.05 -19.46 -24.18
CA VAL G 197 17.11 -18.66 -22.92
C VAL G 197 17.40 -19.61 -21.76
N CYS G 198 18.62 -19.56 -21.21
CA CYS G 198 19.07 -20.46 -20.10
C CYS G 198 19.43 -19.64 -18.85
N GLY G 199 19.35 -20.27 -17.68
CA GLY G 199 19.89 -19.70 -16.43
C GLY G 199 21.41 -19.58 -16.47
N PRO G 200 22.03 -19.16 -15.35
CA PRO G 200 23.49 -19.01 -15.28
C PRO G 200 24.24 -20.36 -15.32
N LYS G 201 25.25 -20.46 -16.19
CA LYS G 201 25.94 -21.73 -16.52
C LYS G 201 26.93 -22.14 -15.41
N LYS G 202 26.91 -21.47 -14.25
CA LYS G 202 27.95 -21.66 -13.19
C LYS G 202 27.41 -22.49 -12.03
C1 NAG H . 16.75 -2.08 -12.14
C2 NAG H . 17.02 -3.46 -11.40
C3 NAG H . 17.64 -3.31 -9.98
C4 NAG H . 18.73 -2.26 -9.86
C5 NAG H . 18.26 -0.96 -10.47
C6 NAG H . 19.32 0.13 -10.37
C7 NAG H . 15.52 -5.34 -11.92
C8 NAG H . 14.31 -6.12 -11.50
N2 NAG H . 15.84 -4.30 -11.16
O3 NAG H . 18.18 -4.57 -9.53
O4 NAG H . 19.01 -2.04 -8.46
O5 NAG H . 17.92 -1.23 -11.86
O6 NAG H . 18.85 1.25 -11.12
O7 NAG H . 16.21 -5.64 -12.86
#